data_1RZW
# 
_entry.id   1RZW 
# 
_audit_conform.dict_name       mmcif_pdbx.dic 
_audit_conform.dict_version    5.392 
_audit_conform.dict_location   http://mmcif.pdb.org/dictionaries/ascii/mmcif_pdbx.dic 
# 
loop_
_database_2.database_id 
_database_2.database_code 
_database_2.pdbx_database_accession 
_database_2.pdbx_DOI 
PDB   1RZW         pdb_00001rzw 10.2210/pdb1rzw/pdb 
RCSB  RCSB021192   ?            ?                   
WWPDB D_1000021192 ?            ?                   
# 
loop_
_pdbx_audit_revision_history.ordinal 
_pdbx_audit_revision_history.data_content_type 
_pdbx_audit_revision_history.major_revision 
_pdbx_audit_revision_history.minor_revision 
_pdbx_audit_revision_history.revision_date 
1 'Structure model' 1 0 2004-11-16 
2 'Structure model' 1 1 2008-04-29 
3 'Structure model' 1 2 2011-07-13 
4 'Structure model' 1 3 2022-03-02 
5 'Structure model' 1 4 2024-05-22 
# 
_pdbx_audit_revision_details.ordinal             1 
_pdbx_audit_revision_details.revision_ordinal    1 
_pdbx_audit_revision_details.data_content_type   'Structure model' 
_pdbx_audit_revision_details.provider            repository 
_pdbx_audit_revision_details.type                'Initial release' 
_pdbx_audit_revision_details.description         ? 
_pdbx_audit_revision_details.details             ? 
# 
loop_
_pdbx_audit_revision_group.ordinal 
_pdbx_audit_revision_group.revision_ordinal 
_pdbx_audit_revision_group.data_content_type 
_pdbx_audit_revision_group.group 
1 2 'Structure model' 'Version format compliance' 
2 3 'Structure model' 'Version format compliance' 
3 4 'Structure model' 'Data collection'           
4 4 'Structure model' 'Database references'       
5 4 'Structure model' 'Derived calculations'      
6 5 'Structure model' 'Data collection'           
# 
loop_
_pdbx_audit_revision_category.ordinal 
_pdbx_audit_revision_category.revision_ordinal 
_pdbx_audit_revision_category.data_content_type 
_pdbx_audit_revision_category.category 
1 4 'Structure model' database_2            
2 4 'Structure model' pdbx_nmr_spectrometer 
3 4 'Structure model' pdbx_struct_assembly  
4 4 'Structure model' pdbx_struct_oper_list 
5 4 'Structure model' struct_ref_seq_dif    
6 5 'Structure model' chem_comp_atom        
7 5 'Structure model' chem_comp_bond        
# 
loop_
_pdbx_audit_revision_item.ordinal 
_pdbx_audit_revision_item.revision_ordinal 
_pdbx_audit_revision_item.data_content_type 
_pdbx_audit_revision_item.item 
1 4 'Structure model' '_database_2.pdbx_DOI'                
2 4 'Structure model' '_database_2.pdbx_database_accession' 
3 4 'Structure model' '_pdbx_nmr_spectrometer.model'        
4 4 'Structure model' '_struct_ref_seq_dif.details'         
# 
_pdbx_database_status.status_code                     REL 
_pdbx_database_status.entry_id                        1RZW 
_pdbx_database_status.recvd_initial_deposition_date   2003-12-29 
_pdbx_database_status.deposit_site                    RCSB 
_pdbx_database_status.process_site                    RCSB 
_pdbx_database_status.SG_entry                        Y 
_pdbx_database_status.status_code_mr                  REL 
_pdbx_database_status.status_code_sf                  ? 
_pdbx_database_status.pdb_format_compatible           Y 
_pdbx_database_status.status_code_cs                  ? 
_pdbx_database_status.status_code_nmr_data            ? 
_pdbx_database_status.methods_development_category    ? 
# 
_pdbx_database_related.db_name        TargetDB 
_pdbx_database_related.db_id          GR4 
_pdbx_database_related.details        . 
_pdbx_database_related.content_type   unspecified 
# 
loop_
_audit_author.name 
_audit_author.pdbx_ordinal 
'Powers, R.'                                      1  
'Acton, T.B.'                                     2  
'Huang, Y.J.'                                     3  
'Liu, J.'                                         4  
'Ma, L.'                                          5  
'Rost, B.'                                        6  
'Chiang, Y.'                                      7  
'Cort, J.R.'                                      8  
'Kennedy, M.A.'                                   9  
'Montelione, G.T.'                                10 
'Northeast Structural Genomics Consortium (NESG)' 11 
# 
loop_
_citation.id 
_citation.title 
_citation.journal_abbrev 
_citation.journal_volume 
_citation.page_first 
_citation.page_last 
_citation.year 
_citation.journal_id_ASTM 
_citation.country 
_citation.journal_id_ISSN 
_citation.journal_id_CSD 
_citation.book_publisher 
_citation.pdbx_database_id_PubMed 
_citation.pdbx_database_id_DOI 
primary 
;Solution structure of Archaeglobus fulgidis peptidyl-tRNA hydrolase (Pth2) provides evidence for an extensive conserved family of Pth2 enzymes in archea, bacteria, and eukaryotes
;
'Protein Sci.' 14 2849 2861 2005 PRCIEI US 0961-8368 0795 ? 16251366 10.1110/ps.051666705               
1       '1H, 13C and 15N assignments for the Archaeglobus fulgidis protein AF2095.' J.Biomol.Nmr   30 107  108  2004 JBNME9 NE 
0925-2738 0800 ? 15452442 10.1023/B:JNMR.0000042947.19593.80 
# 
loop_
_citation_author.citation_id 
_citation_author.name 
_citation_author.ordinal 
_citation_author.identifier_ORCID 
primary 'Powers, R.'             1  ? 
primary 'Mirkovic, N.'           2  ? 
primary 'Goldsmith-Fischman, S.' 3  ? 
primary 'Acton, T.B.'            4  ? 
primary 'Chiang, Y.'             5  ? 
primary 'Huang, Y.J.'            6  ? 
primary 'Ma, L.'                 7  ? 
primary 'Rajan, P.K.'            8  ? 
primary 'Cort, J.R.'             9  ? 
primary 'Kennedy, M.A.'          10 ? 
primary 'Liu, J.'                11 ? 
primary 'Rost, B.'               12 ? 
primary 'Honig, B.'              13 ? 
primary 'Murray, D.'             14 ? 
primary 'Montelione, G.T.'       15 ? 
1       'Powers, R.'             16 ? 
1       'Acton, T.B.'            17 ? 
1       'Chiang, Y.'             18 ? 
1       'Paranji, R.'            19 ? 
1       'Cort, J.R.'             20 ? 
1       'Kennedy, M.A.'          21 ? 
1       'Liu, J.'                22 ? 
1       'Ma, L.'                 23 ? 
1       'Rost, B.'               24 ? 
1       'Montelione, G.T.'       25 ? 
# 
_entity.id                         1 
_entity.type                       polymer 
_entity.src_method                 man 
_entity.pdbx_description           'Protein AF2095(GR4)' 
_entity.formula_weight             13578.943 
_entity.pdbx_number_of_molecules   1 
_entity.pdbx_ec                    ? 
_entity.pdbx_mutation              ? 
_entity.pdbx_fragment              ? 
_entity.details                    ? 
# 
_entity_poly.entity_id                      1 
_entity_poly.type                           'polypeptide(L)' 
_entity_poly.nstd_linkage                   no 
_entity_poly.nstd_monomer                   no 
_entity_poly.pdbx_seq_one_letter_code       
;MTLKQVIVVRDDLKLSRGKLAVQVAHAAIIGYLKSDSSLRRKWLDEGQKKVVLKVKSLEELLGIKHKAESLGLVTGLVQD
AGLTEVPPGTITAVVIGPDEERKIDKVTGNLPLLKLEHHHHHH
;
_entity_poly.pdbx_seq_one_letter_code_can   
;MTLKQVIVVRDDLKLSRGKLAVQVAHAAIIGYLKSDSSLRRKWLDEGQKKVVLKVKSLEELLGIKHKAESLGLVTGLVQD
AGLTEVPPGTITAVVIGPDEERKIDKVTGNLPLLKLEHHHHHH
;
_entity_poly.pdbx_strand_id                 A 
_entity_poly.pdbx_target_identifier         GR4 
# 
loop_
_entity_poly_seq.entity_id 
_entity_poly_seq.num 
_entity_poly_seq.mon_id 
_entity_poly_seq.hetero 
1 1   MET n 
1 2   THR n 
1 3   LEU n 
1 4   LYS n 
1 5   GLN n 
1 6   VAL n 
1 7   ILE n 
1 8   VAL n 
1 9   VAL n 
1 10  ARG n 
1 11  ASP n 
1 12  ASP n 
1 13  LEU n 
1 14  LYS n 
1 15  LEU n 
1 16  SER n 
1 17  ARG n 
1 18  GLY n 
1 19  LYS n 
1 20  LEU n 
1 21  ALA n 
1 22  VAL n 
1 23  GLN n 
1 24  VAL n 
1 25  ALA n 
1 26  HIS n 
1 27  ALA n 
1 28  ALA n 
1 29  ILE n 
1 30  ILE n 
1 31  GLY n 
1 32  TYR n 
1 33  LEU n 
1 34  LYS n 
1 35  SER n 
1 36  ASP n 
1 37  SER n 
1 38  SER n 
1 39  LEU n 
1 40  ARG n 
1 41  ARG n 
1 42  LYS n 
1 43  TRP n 
1 44  LEU n 
1 45  ASP n 
1 46  GLU n 
1 47  GLY n 
1 48  GLN n 
1 49  LYS n 
1 50  LYS n 
1 51  VAL n 
1 52  VAL n 
1 53  LEU n 
1 54  LYS n 
1 55  VAL n 
1 56  LYS n 
1 57  SER n 
1 58  LEU n 
1 59  GLU n 
1 60  GLU n 
1 61  LEU n 
1 62  LEU n 
1 63  GLY n 
1 64  ILE n 
1 65  LYS n 
1 66  HIS n 
1 67  LYS n 
1 68  ALA n 
1 69  GLU n 
1 70  SER n 
1 71  LEU n 
1 72  GLY n 
1 73  LEU n 
1 74  VAL n 
1 75  THR n 
1 76  GLY n 
1 77  LEU n 
1 78  VAL n 
1 79  GLN n 
1 80  ASP n 
1 81  ALA n 
1 82  GLY n 
1 83  LEU n 
1 84  THR n 
1 85  GLU n 
1 86  VAL n 
1 87  PRO n 
1 88  PRO n 
1 89  GLY n 
1 90  THR n 
1 91  ILE n 
1 92  THR n 
1 93  ALA n 
1 94  VAL n 
1 95  VAL n 
1 96  ILE n 
1 97  GLY n 
1 98  PRO n 
1 99  ASP n 
1 100 GLU n 
1 101 GLU n 
1 102 ARG n 
1 103 LYS n 
1 104 ILE n 
1 105 ASP n 
1 106 LYS n 
1 107 VAL n 
1 108 THR n 
1 109 GLY n 
1 110 ASN n 
1 111 LEU n 
1 112 PRO n 
1 113 LEU n 
1 114 LEU n 
1 115 LYS n 
1 116 LEU n 
1 117 GLU n 
1 118 HIS n 
1 119 HIS n 
1 120 HIS n 
1 121 HIS n 
1 122 HIS n 
1 123 HIS n 
# 
_entity_src_gen.entity_id                          1 
_entity_src_gen.pdbx_src_id                        1 
_entity_src_gen.pdbx_alt_source_flag               sample 
_entity_src_gen.pdbx_seq_type                      ? 
_entity_src_gen.pdbx_beg_seq_num                   ? 
_entity_src_gen.pdbx_end_seq_num                   ? 
_entity_src_gen.gene_src_common_name               ? 
_entity_src_gen.gene_src_genus                     Archaeoglobus 
_entity_src_gen.pdbx_gene_src_gene                 AF2095 
_entity_src_gen.gene_src_species                   ? 
_entity_src_gen.gene_src_strain                    ? 
_entity_src_gen.gene_src_tissue                    ? 
_entity_src_gen.gene_src_tissue_fraction           ? 
_entity_src_gen.gene_src_details                   ? 
_entity_src_gen.pdbx_gene_src_fragment             ? 
_entity_src_gen.pdbx_gene_src_scientific_name      'Archaeoglobus fulgidus' 
_entity_src_gen.pdbx_gene_src_ncbi_taxonomy_id     2234 
_entity_src_gen.pdbx_gene_src_variant              ? 
_entity_src_gen.pdbx_gene_src_cell_line            ? 
_entity_src_gen.pdbx_gene_src_atcc                 ? 
_entity_src_gen.pdbx_gene_src_organ                ? 
_entity_src_gen.pdbx_gene_src_organelle            ? 
_entity_src_gen.pdbx_gene_src_cell                 ? 
_entity_src_gen.pdbx_gene_src_cellular_location    ? 
_entity_src_gen.host_org_common_name               ? 
_entity_src_gen.pdbx_host_org_scientific_name      'Escherichia coli' 
_entity_src_gen.pdbx_host_org_ncbi_taxonomy_id     562 
_entity_src_gen.host_org_genus                     Escherichia 
_entity_src_gen.pdbx_host_org_gene                 ? 
_entity_src_gen.pdbx_host_org_organ                ? 
_entity_src_gen.host_org_species                   ? 
_entity_src_gen.pdbx_host_org_tissue               ? 
_entity_src_gen.pdbx_host_org_tissue_fraction      ? 
_entity_src_gen.pdbx_host_org_strain               'BL21(DE3)+ Magic' 
_entity_src_gen.pdbx_host_org_variant              ? 
_entity_src_gen.pdbx_host_org_cell_line            ? 
_entity_src_gen.pdbx_host_org_atcc                 ? 
_entity_src_gen.pdbx_host_org_culture_collection   ? 
_entity_src_gen.pdbx_host_org_cell                 ? 
_entity_src_gen.pdbx_host_org_organelle            ? 
_entity_src_gen.pdbx_host_org_cellular_location    ? 
_entity_src_gen.pdbx_host_org_vector_type          Plasmid 
_entity_src_gen.pdbx_host_org_vector               ? 
_entity_src_gen.host_org_details                   ? 
_entity_src_gen.expression_system_id               ? 
_entity_src_gen.plasmid_name                       pET21 
_entity_src_gen.plasmid_details                    ? 
_entity_src_gen.pdbx_description                   ? 
# 
loop_
_chem_comp.id 
_chem_comp.type 
_chem_comp.mon_nstd_flag 
_chem_comp.name 
_chem_comp.pdbx_synonyms 
_chem_comp.formula 
_chem_comp.formula_weight 
ALA 'L-peptide linking' y ALANINE         ? 'C3 H7 N O2'     89.093  
ARG 'L-peptide linking' y ARGININE        ? 'C6 H15 N4 O2 1' 175.209 
ASN 'L-peptide linking' y ASPARAGINE      ? 'C4 H8 N2 O3'    132.118 
ASP 'L-peptide linking' y 'ASPARTIC ACID' ? 'C4 H7 N O4'     133.103 
GLN 'L-peptide linking' y GLUTAMINE       ? 'C5 H10 N2 O3'   146.144 
GLU 'L-peptide linking' y 'GLUTAMIC ACID' ? 'C5 H9 N O4'     147.129 
GLY 'peptide linking'   y GLYCINE         ? 'C2 H5 N O2'     75.067  
HIS 'L-peptide linking' y HISTIDINE       ? 'C6 H10 N3 O2 1' 156.162 
ILE 'L-peptide linking' y ISOLEUCINE      ? 'C6 H13 N O2'    131.173 
LEU 'L-peptide linking' y LEUCINE         ? 'C6 H13 N O2'    131.173 
LYS 'L-peptide linking' y LYSINE          ? 'C6 H15 N2 O2 1' 147.195 
MET 'L-peptide linking' y METHIONINE      ? 'C5 H11 N O2 S'  149.211 
PRO 'L-peptide linking' y PROLINE         ? 'C5 H9 N O2'     115.130 
SER 'L-peptide linking' y SERINE          ? 'C3 H7 N O3'     105.093 
THR 'L-peptide linking' y THREONINE       ? 'C4 H9 N O3'     119.119 
TRP 'L-peptide linking' y TRYPTOPHAN      ? 'C11 H12 N2 O2'  204.225 
TYR 'L-peptide linking' y TYROSINE        ? 'C9 H11 N O3'    181.189 
VAL 'L-peptide linking' y VALINE          ? 'C5 H11 N O2'    117.146 
# 
loop_
_pdbx_poly_seq_scheme.asym_id 
_pdbx_poly_seq_scheme.entity_id 
_pdbx_poly_seq_scheme.seq_id 
_pdbx_poly_seq_scheme.mon_id 
_pdbx_poly_seq_scheme.ndb_seq_num 
_pdbx_poly_seq_scheme.pdb_seq_num 
_pdbx_poly_seq_scheme.auth_seq_num 
_pdbx_poly_seq_scheme.pdb_mon_id 
_pdbx_poly_seq_scheme.auth_mon_id 
_pdbx_poly_seq_scheme.pdb_strand_id 
_pdbx_poly_seq_scheme.pdb_ins_code 
_pdbx_poly_seq_scheme.hetero 
A 1 1   MET 1   1   1   MET MET A . n 
A 1 2   THR 2   2   2   THR THR A . n 
A 1 3   LEU 3   3   3   LEU LEU A . n 
A 1 4   LYS 4   4   4   LYS LYS A . n 
A 1 5   GLN 5   5   5   GLN GLN A . n 
A 1 6   VAL 6   6   6   VAL VAL A . n 
A 1 7   ILE 7   7   7   ILE ILE A . n 
A 1 8   VAL 8   8   8   VAL VAL A . n 
A 1 9   VAL 9   9   9   VAL VAL A . n 
A 1 10  ARG 10  10  10  ARG ARG A . n 
A 1 11  ASP 11  11  11  ASP ASP A . n 
A 1 12  ASP 12  12  12  ASP ASP A . n 
A 1 13  LEU 13  13  13  LEU LEU A . n 
A 1 14  LYS 14  14  14  LYS LYS A . n 
A 1 15  LEU 15  15  15  LEU LEU A . n 
A 1 16  SER 16  16  16  SER SER A . n 
A 1 17  ARG 17  17  17  ARG ARG A . n 
A 1 18  GLY 18  18  18  GLY GLY A . n 
A 1 19  LYS 19  19  19  LYS LYS A . n 
A 1 20  LEU 20  20  20  LEU LEU A . n 
A 1 21  ALA 21  21  21  ALA ALA A . n 
A 1 22  VAL 22  22  22  VAL VAL A . n 
A 1 23  GLN 23  23  23  GLN GLN A . n 
A 1 24  VAL 24  24  24  VAL VAL A . n 
A 1 25  ALA 25  25  25  ALA ALA A . n 
A 1 26  HIS 26  26  26  HIS HIS A . n 
A 1 27  ALA 27  27  27  ALA ALA A . n 
A 1 28  ALA 28  28  28  ALA ALA A . n 
A 1 29  ILE 29  29  29  ILE ILE A . n 
A 1 30  ILE 30  30  30  ILE ILE A . n 
A 1 31  GLY 31  31  31  GLY GLY A . n 
A 1 32  TYR 32  32  32  TYR TYR A . n 
A 1 33  LEU 33  33  33  LEU LEU A . n 
A 1 34  LYS 34  34  34  LYS LYS A . n 
A 1 35  SER 35  35  35  SER SER A . n 
A 1 36  ASP 36  36  36  ASP ASP A . n 
A 1 37  SER 37  37  37  SER SER A . n 
A 1 38  SER 38  38  38  SER SER A . n 
A 1 39  LEU 39  39  39  LEU LEU A . n 
A 1 40  ARG 40  40  40  ARG ARG A . n 
A 1 41  ARG 41  41  41  ARG ARG A . n 
A 1 42  LYS 42  42  42  LYS LYS A . n 
A 1 43  TRP 43  43  43  TRP TRP A . n 
A 1 44  LEU 44  44  44  LEU LEU A . n 
A 1 45  ASP 45  45  45  ASP ASP A . n 
A 1 46  GLU 46  46  46  GLU GLU A . n 
A 1 47  GLY 47  47  47  GLY GLY A . n 
A 1 48  GLN 48  48  48  GLN GLN A . n 
A 1 49  LYS 49  49  49  LYS LYS A . n 
A 1 50  LYS 50  50  50  LYS LYS A . n 
A 1 51  VAL 51  51  51  VAL VAL A . n 
A 1 52  VAL 52  52  52  VAL VAL A . n 
A 1 53  LEU 53  53  53  LEU LEU A . n 
A 1 54  LYS 54  54  54  LYS LYS A . n 
A 1 55  VAL 55  55  55  VAL VAL A . n 
A 1 56  LYS 56  56  56  LYS LYS A . n 
A 1 57  SER 57  57  57  SER SER A . n 
A 1 58  LEU 58  58  58  LEU LEU A . n 
A 1 59  GLU 59  59  59  GLU GLU A . n 
A 1 60  GLU 60  60  60  GLU GLU A . n 
A 1 61  LEU 61  61  61  LEU LEU A . n 
A 1 62  LEU 62  62  62  LEU LEU A . n 
A 1 63  GLY 63  63  63  GLY GLY A . n 
A 1 64  ILE 64  64  64  ILE ILE A . n 
A 1 65  LYS 65  65  65  LYS LYS A . n 
A 1 66  HIS 66  66  66  HIS HIS A . n 
A 1 67  LYS 67  67  67  LYS LYS A . n 
A 1 68  ALA 68  68  68  ALA ALA A . n 
A 1 69  GLU 69  69  69  GLU GLU A . n 
A 1 70  SER 70  70  70  SER SER A . n 
A 1 71  LEU 71  71  71  LEU LEU A . n 
A 1 72  GLY 72  72  72  GLY GLY A . n 
A 1 73  LEU 73  73  73  LEU LEU A . n 
A 1 74  VAL 74  74  74  VAL VAL A . n 
A 1 75  THR 75  75  75  THR THR A . n 
A 1 76  GLY 76  76  76  GLY GLY A . n 
A 1 77  LEU 77  77  77  LEU LEU A . n 
A 1 78  VAL 78  78  78  VAL VAL A . n 
A 1 79  GLN 79  79  79  GLN GLN A . n 
A 1 80  ASP 80  80  80  ASP ASP A . n 
A 1 81  ALA 81  81  81  ALA ALA A . n 
A 1 82  GLY 82  82  82  GLY GLY A . n 
A 1 83  LEU 83  83  83  LEU LEU A . n 
A 1 84  THR 84  84  84  THR THR A . n 
A 1 85  GLU 85  85  85  GLU GLU A . n 
A 1 86  VAL 86  86  86  VAL VAL A . n 
A 1 87  PRO 87  87  87  PRO PRO A . n 
A 1 88  PRO 88  88  88  PRO PRO A . n 
A 1 89  GLY 89  89  89  GLY GLY A . n 
A 1 90  THR 90  90  90  THR THR A . n 
A 1 91  ILE 91  91  91  ILE ILE A . n 
A 1 92  THR 92  92  92  THR THR A . n 
A 1 93  ALA 93  93  93  ALA ALA A . n 
A 1 94  VAL 94  94  94  VAL VAL A . n 
A 1 95  VAL 95  95  95  VAL VAL A . n 
A 1 96  ILE 96  96  96  ILE ILE A . n 
A 1 97  GLY 97  97  97  GLY GLY A . n 
A 1 98  PRO 98  98  98  PRO PRO A . n 
A 1 99  ASP 99  99  99  ASP ASP A . n 
A 1 100 GLU 100 100 100 GLU GLU A . n 
A 1 101 GLU 101 101 101 GLU GLU A . n 
A 1 102 ARG 102 102 102 ARG ARG A . n 
A 1 103 LYS 103 103 103 LYS LYS A . n 
A 1 104 ILE 104 104 104 ILE ILE A . n 
A 1 105 ASP 105 105 105 ASP ASP A . n 
A 1 106 LYS 106 106 106 LYS LYS A . n 
A 1 107 VAL 107 107 107 VAL VAL A . n 
A 1 108 THR 108 108 108 THR THR A . n 
A 1 109 GLY 109 109 109 GLY GLY A . n 
A 1 110 ASN 110 110 110 ASN ASN A . n 
A 1 111 LEU 111 111 111 LEU LEU A . n 
A 1 112 PRO 112 112 112 PRO PRO A . n 
A 1 113 LEU 113 113 113 LEU LEU A . n 
A 1 114 LEU 114 114 114 LEU LEU A . n 
A 1 115 LYS 115 115 115 LYS LYS A . n 
A 1 116 LEU 116 116 116 LEU LEU A . n 
A 1 117 GLU 117 117 117 GLU GLU A . n 
A 1 118 HIS 118 118 118 HIS HIS A . n 
A 1 119 HIS 119 119 119 HIS HIS A . n 
A 1 120 HIS 120 120 120 HIS HIS A . n 
A 1 121 HIS 121 121 121 HIS HIS A . n 
A 1 122 HIS 122 122 122 HIS HIS A . n 
A 1 123 HIS 123 123 123 HIS HIS A . n 
# 
_exptl.entry_id          1RZW 
_exptl.method            'SOLUTION NMR' 
_exptl.crystals_number   ? 
# 
_exptl_crystal.id                    1 
_exptl_crystal.density_meas          ? 
_exptl_crystal.density_percent_sol   ? 
_exptl_crystal.description           ? 
_exptl_crystal.density_Matthews      ? 
# 
_diffrn.id                     1 
_diffrn.ambient_temp           ? 
_diffrn.ambient_temp_details   ? 
_diffrn.crystal_id             1 
# 
_diffrn_radiation.diffrn_id                        1 
_diffrn_radiation.wavelength_id                    1 
_diffrn_radiation.pdbx_monochromatic_or_laue_m_l   M 
_diffrn_radiation.monochromator                    ? 
_diffrn_radiation.pdbx_diffrn_protocol             'SINGLE WAVELENGTH' 
_diffrn_radiation.pdbx_scattering_type             ? 
# 
_diffrn_radiation_wavelength.id           1 
_diffrn_radiation_wavelength.wavelength   . 
_diffrn_radiation_wavelength.wt           1.0 
# 
_struct.entry_id                  1RZW 
_struct.title                     
'The Solution Structure of the Archaeglobus fulgidis protein AF2095. Northeast Structural Genomics Consortium target GR4' 
_struct.pdbx_model_details        ? 
_struct.pdbx_CASP_flag            ? 
_struct.pdbx_model_type_details   ? 
# 
_struct_keywords.entry_id        1RZW 
_struct_keywords.pdbx_keywords   'Structural Genomics, Unknown function' 
_struct_keywords.text            
;Beta-sheet of 4 parallel, anti-parallel beta-strands and 3 alpha-helices, Structural Genomics, PSI, Protein Structure Initiative, Northeast Structural Genomics Consortium, NESG, Unknown function
;
# 
_struct_asym.id                            A 
_struct_asym.pdbx_blank_PDB_chainid_flag   N 
_struct_asym.pdbx_modified                 N 
_struct_asym.entity_id                     1 
_struct_asym.details                       ? 
# 
_struct_ref.id                         1 
_struct_ref.db_name                    UNP 
_struct_ref.db_code                    PTH_ARCFU 
_struct_ref.pdbx_db_accession          O28185 
_struct_ref.entity_id                  1 
_struct_ref.pdbx_seq_one_letter_code   
;MTLKQVIVVRDDLKLSRGKLAVQVAHAAIIGYLKSDSSLRRKWLDEGQKKVVLKVKSLEELLGIKHKAESLGLVTGLVQD
AGLTEVPPGTITAVVIGPDEERKIDKVTGNLPLLK
;
_struct_ref.pdbx_align_begin           1 
_struct_ref.pdbx_db_isoform            ? 
# 
_struct_ref_seq.align_id                      1 
_struct_ref_seq.ref_id                        1 
_struct_ref_seq.pdbx_PDB_id_code              1RZW 
_struct_ref_seq.pdbx_strand_id                A 
_struct_ref_seq.seq_align_beg                 1 
_struct_ref_seq.pdbx_seq_align_beg_ins_code   ? 
_struct_ref_seq.seq_align_end                 115 
_struct_ref_seq.pdbx_seq_align_end_ins_code   ? 
_struct_ref_seq.pdbx_db_accession             O28185 
_struct_ref_seq.db_align_beg                  1 
_struct_ref_seq.pdbx_db_align_beg_ins_code    ? 
_struct_ref_seq.db_align_end                  115 
_struct_ref_seq.pdbx_db_align_end_ins_code    ? 
_struct_ref_seq.pdbx_auth_seq_align_beg       1 
_struct_ref_seq.pdbx_auth_seq_align_end       115 
# 
loop_
_struct_ref_seq_dif.align_id 
_struct_ref_seq_dif.pdbx_pdb_id_code 
_struct_ref_seq_dif.mon_id 
_struct_ref_seq_dif.pdbx_pdb_strand_id 
_struct_ref_seq_dif.seq_num 
_struct_ref_seq_dif.pdbx_pdb_ins_code 
_struct_ref_seq_dif.pdbx_seq_db_name 
_struct_ref_seq_dif.pdbx_seq_db_accession_code 
_struct_ref_seq_dif.db_mon_id 
_struct_ref_seq_dif.pdbx_seq_db_seq_num 
_struct_ref_seq_dif.details 
_struct_ref_seq_dif.pdbx_auth_seq_num 
_struct_ref_seq_dif.pdbx_ordinal 
1 1RZW LEU A 116 ? UNP O28185 ? ? 'expression tag' 116 1 
1 1RZW GLU A 117 ? UNP O28185 ? ? 'expression tag' 117 2 
1 1RZW HIS A 118 ? UNP O28185 ? ? 'expression tag' 118 3 
1 1RZW HIS A 119 ? UNP O28185 ? ? 'expression tag' 119 4 
1 1RZW HIS A 120 ? UNP O28185 ? ? 'expression tag' 120 5 
1 1RZW HIS A 121 ? UNP O28185 ? ? 'expression tag' 121 6 
1 1RZW HIS A 122 ? UNP O28185 ? ? 'expression tag' 122 7 
1 1RZW HIS A 123 ? UNP O28185 ? ? 'expression tag' 123 8 
# 
_pdbx_struct_assembly.id                   1 
_pdbx_struct_assembly.details              author_defined_assembly 
_pdbx_struct_assembly.method_details       ? 
_pdbx_struct_assembly.oligomeric_details   monomeric 
_pdbx_struct_assembly.oligomeric_count     1 
# 
_pdbx_struct_assembly_gen.assembly_id       1 
_pdbx_struct_assembly_gen.oper_expression   1 
_pdbx_struct_assembly_gen.asym_id_list      A 
# 
_pdbx_struct_oper_list.id                   1 
_pdbx_struct_oper_list.type                 'identity operation' 
_pdbx_struct_oper_list.name                 1_555 
_pdbx_struct_oper_list.symmetry_operation   x,y,z 
_pdbx_struct_oper_list.matrix[1][1]         1.0000000000 
_pdbx_struct_oper_list.matrix[1][2]         0.0000000000 
_pdbx_struct_oper_list.matrix[1][3]         0.0000000000 
_pdbx_struct_oper_list.vector[1]            0.0000000000 
_pdbx_struct_oper_list.matrix[2][1]         0.0000000000 
_pdbx_struct_oper_list.matrix[2][2]         1.0000000000 
_pdbx_struct_oper_list.matrix[2][3]         0.0000000000 
_pdbx_struct_oper_list.vector[2]            0.0000000000 
_pdbx_struct_oper_list.matrix[3][1]         0.0000000000 
_pdbx_struct_oper_list.matrix[3][2]         0.0000000000 
_pdbx_struct_oper_list.matrix[3][3]         1.0000000000 
_pdbx_struct_oper_list.vector[3]            0.0000000000 
# 
_struct_biol.id   1 
# 
loop_
_struct_conf.conf_type_id 
_struct_conf.id 
_struct_conf.pdbx_PDB_helix_id 
_struct_conf.beg_label_comp_id 
_struct_conf.beg_label_asym_id 
_struct_conf.beg_label_seq_id 
_struct_conf.pdbx_beg_PDB_ins_code 
_struct_conf.end_label_comp_id 
_struct_conf.end_label_asym_id 
_struct_conf.end_label_seq_id 
_struct_conf.pdbx_end_PDB_ins_code 
_struct_conf.beg_auth_comp_id 
_struct_conf.beg_auth_asym_id 
_struct_conf.beg_auth_seq_id 
_struct_conf.end_auth_comp_id 
_struct_conf.end_auth_asym_id 
_struct_conf.end_auth_seq_id 
_struct_conf.pdbx_PDB_helix_class 
_struct_conf.details 
_struct_conf.pdbx_PDB_helix_length 
HELX_P HELX_P1 1 GLY A 18  ? SER A 37  ? GLY A 18  SER A 37  1 ? 20 
HELX_P HELX_P2 2 SER A 38  ? TRP A 43  ? SER A 38  TRP A 43  1 ? 6  
HELX_P HELX_P3 3 LEU A 44  ? GLY A 47  ? LEU A 44  GLY A 47  5 ? 4  
HELX_P HELX_P4 4 SER A 57  ? LEU A 71  ? SER A 57  LEU A 71  1 ? 15 
HELX_P HELX_P5 5 GLU A 100 ? GLY A 109 ? GLU A 100 GLY A 109 1 ? 10 
# 
_struct_conf_type.id          HELX_P 
_struct_conf_type.criteria    ? 
_struct_conf_type.reference   ? 
# 
_struct_sheet.id               A 
_struct_sheet.type             ? 
_struct_sheet.number_strands   4 
_struct_sheet.details          ? 
# 
loop_
_struct_sheet_order.sheet_id 
_struct_sheet_order.range_id_1 
_struct_sheet_order.range_id_2 
_struct_sheet_order.offset 
_struct_sheet_order.sense 
A 1 2 ? parallel      
A 2 3 ? anti-parallel 
A 3 4 ? anti-parallel 
# 
loop_
_struct_sheet_range.sheet_id 
_struct_sheet_range.id 
_struct_sheet_range.beg_label_comp_id 
_struct_sheet_range.beg_label_asym_id 
_struct_sheet_range.beg_label_seq_id 
_struct_sheet_range.pdbx_beg_PDB_ins_code 
_struct_sheet_range.end_label_comp_id 
_struct_sheet_range.end_label_asym_id 
_struct_sheet_range.end_label_seq_id 
_struct_sheet_range.pdbx_end_PDB_ins_code 
_struct_sheet_range.beg_auth_comp_id 
_struct_sheet_range.beg_auth_asym_id 
_struct_sheet_range.beg_auth_seq_id 
_struct_sheet_range.end_auth_comp_id 
_struct_sheet_range.end_auth_asym_id 
_struct_sheet_range.end_auth_seq_id 
A 1 LYS A 50 ? LYS A 54 ? LYS A 50 LYS A 54 
A 2 LYS A 4  ? ARG A 10 ? LYS A 4  ARG A 10 
A 3 THR A 92 ? ASP A 99 ? THR A 92 ASP A 99 
A 4 THR A 75 ? VAL A 78 ? THR A 75 VAL A 78 
# 
loop_
_pdbx_struct_sheet_hbond.sheet_id 
_pdbx_struct_sheet_hbond.range_id_1 
_pdbx_struct_sheet_hbond.range_id_2 
_pdbx_struct_sheet_hbond.range_1_label_atom_id 
_pdbx_struct_sheet_hbond.range_1_label_comp_id 
_pdbx_struct_sheet_hbond.range_1_label_asym_id 
_pdbx_struct_sheet_hbond.range_1_label_seq_id 
_pdbx_struct_sheet_hbond.range_1_PDB_ins_code 
_pdbx_struct_sheet_hbond.range_1_auth_atom_id 
_pdbx_struct_sheet_hbond.range_1_auth_comp_id 
_pdbx_struct_sheet_hbond.range_1_auth_asym_id 
_pdbx_struct_sheet_hbond.range_1_auth_seq_id 
_pdbx_struct_sheet_hbond.range_2_label_atom_id 
_pdbx_struct_sheet_hbond.range_2_label_comp_id 
_pdbx_struct_sheet_hbond.range_2_label_asym_id 
_pdbx_struct_sheet_hbond.range_2_label_seq_id 
_pdbx_struct_sheet_hbond.range_2_PDB_ins_code 
_pdbx_struct_sheet_hbond.range_2_auth_atom_id 
_pdbx_struct_sheet_hbond.range_2_auth_comp_id 
_pdbx_struct_sheet_hbond.range_2_auth_asym_id 
_pdbx_struct_sheet_hbond.range_2_auth_seq_id 
A 1 2 O LEU A 53 ? O LEU A 53 N VAL A 9  ? N VAL A 9  
A 2 3 N LYS A 4  ? N LYS A 4  O ASP A 99 ? O ASP A 99 
A 3 4 O VAL A 95 ? O VAL A 95 N GLY A 76 ? N GLY A 76 
# 
loop_
_pdbx_validate_close_contact.id 
_pdbx_validate_close_contact.PDB_model_num 
_pdbx_validate_close_contact.auth_atom_id_1 
_pdbx_validate_close_contact.auth_asym_id_1 
_pdbx_validate_close_contact.auth_comp_id_1 
_pdbx_validate_close_contact.auth_seq_id_1 
_pdbx_validate_close_contact.PDB_ins_code_1 
_pdbx_validate_close_contact.label_alt_id_1 
_pdbx_validate_close_contact.auth_atom_id_2 
_pdbx_validate_close_contact.auth_asym_id_2 
_pdbx_validate_close_contact.auth_comp_id_2 
_pdbx_validate_close_contact.auth_seq_id_2 
_pdbx_validate_close_contact.PDB_ins_code_2 
_pdbx_validate_close_contact.label_alt_id_2 
_pdbx_validate_close_contact.dist 
1 1 HG A SER 35 ? ? HH12 A ARG 40 ? ? 1.28 
2 1 O  A VAL 24 ? ? H    A ALA 28 ? ? 1.54 
# 
loop_
_pdbx_validate_torsion.id 
_pdbx_validate_torsion.PDB_model_num 
_pdbx_validate_torsion.auth_comp_id 
_pdbx_validate_torsion.auth_asym_id 
_pdbx_validate_torsion.auth_seq_id 
_pdbx_validate_torsion.PDB_ins_code 
_pdbx_validate_torsion.label_alt_id 
_pdbx_validate_torsion.phi 
_pdbx_validate_torsion.psi 
1  1 ASP A 12  ? ? 86.17   60.48  
2  1 SER A 37  ? ? -47.51  -85.27 
3  1 LYS A 42  ? ? -67.63  -72.03 
4  1 ASP A 45  ? ? -39.10  -34.05 
5  1 ASP A 80  ? ? -54.20  90.80  
6  1 THR A 84  ? ? -166.65 62.44  
7  1 GLU A 85  ? ? -139.03 -76.77 
8  1 PRO A 88  ? ? -57.98  170.78 
9  1 HIS A 119 ? ? -80.25  -82.03 
10 1 HIS A 121 ? ? -176.52 40.01  
# 
_pdbx_SG_project.id                    1 
_pdbx_SG_project.project_name          'PSI, Protein Structure Initiative' 
_pdbx_SG_project.full_name_of_center   'Northeast Structural Genomics Consortium' 
_pdbx_SG_project.initial_of_center     NESG 
# 
_pdbx_nmr_ensemble.entry_id                             1RZW 
_pdbx_nmr_ensemble.conformers_calculated_total_number   ? 
_pdbx_nmr_ensemble.conformers_submitted_total_number    1 
_pdbx_nmr_ensemble.conformer_selection_criteria         ? 
# 
_pdbx_nmr_sample_details.solution_id      1 
_pdbx_nmr_sample_details.contents         '20 mM MES, 100 mM NaCl, 5 mM CaCl2, 10 mM DTT, 0.02% NaN3, 5% D2O pH 6.5' 
_pdbx_nmr_sample_details.solvent_system   '95% H2O/5% D2O' 
# 
_pdbx_nmr_exptl_sample_conditions.conditions_id       1 
_pdbx_nmr_exptl_sample_conditions.temperature         313 
_pdbx_nmr_exptl_sample_conditions.pressure            ambient 
_pdbx_nmr_exptl_sample_conditions.pH                  6.5 
_pdbx_nmr_exptl_sample_conditions.ionic_strength      '20 mM MES, 100 mM NaCl, 5 mM CaCl2, 10 mM DTT, 0.02% NaN3' 
_pdbx_nmr_exptl_sample_conditions.pressure_units      ? 
_pdbx_nmr_exptl_sample_conditions.temperature_units   K 
# 
loop_
_pdbx_nmr_exptl.experiment_id 
_pdbx_nmr_exptl.solution_id 
_pdbx_nmr_exptl.conditions_id 
_pdbx_nmr_exptl.type 
1 1 1 3D_13C-separated_NOESY                                            
2 1 1 3D_15N-separated_NOESY                                            
3 1 1 HNHA                                                              
4 1 1 'triple-resonance experiments for backbone/sidechain assignments' 
# 
_pdbx_nmr_refine.entry_id           1RZW 
_pdbx_nmr_refine.method             
;distance geometry 
simulated annealing 
molecular dynamics
;
_pdbx_nmr_refine.details            ? 
_pdbx_nmr_refine.software_ordinal   1 
# 
loop_
_pdbx_nmr_software.name 
_pdbx_nmr_software.version 
_pdbx_nmr_software.classification 
_pdbx_nmr_software.authors 
_pdbx_nmr_software.ordinal 
NMRPipe       2.2    processing           Delaglio                                             1 
XPLOR-NIH     2.9.1  'structure solution' 'Schwieters, Kuszewski, Tjandra, Clore, Brunger'     2 
PIPP          4.3.5  'data analysis'      Garrett                                              3 
AutoAssign    1.11.1 'data analysis'      'Zimmerman, Moseley, Kiriyevs,Kulikowski,Montelione' 4 
AutoStructure 2.0b   refinement           'Huang, Montelione'                                  5 
# 
loop_
_chem_comp_atom.comp_id 
_chem_comp_atom.atom_id 
_chem_comp_atom.type_symbol 
_chem_comp_atom.pdbx_aromatic_flag 
_chem_comp_atom.pdbx_stereo_config 
_chem_comp_atom.pdbx_ordinal 
ALA N    N N N 1   
ALA CA   C N S 2   
ALA C    C N N 3   
ALA O    O N N 4   
ALA CB   C N N 5   
ALA OXT  O N N 6   
ALA H    H N N 7   
ALA H2   H N N 8   
ALA HA   H N N 9   
ALA HB1  H N N 10  
ALA HB2  H N N 11  
ALA HB3  H N N 12  
ALA HXT  H N N 13  
ARG N    N N N 14  
ARG CA   C N S 15  
ARG C    C N N 16  
ARG O    O N N 17  
ARG CB   C N N 18  
ARG CG   C N N 19  
ARG CD   C N N 20  
ARG NE   N N N 21  
ARG CZ   C N N 22  
ARG NH1  N N N 23  
ARG NH2  N N N 24  
ARG OXT  O N N 25  
ARG H    H N N 26  
ARG H2   H N N 27  
ARG HA   H N N 28  
ARG HB2  H N N 29  
ARG HB3  H N N 30  
ARG HG2  H N N 31  
ARG HG3  H N N 32  
ARG HD2  H N N 33  
ARG HD3  H N N 34  
ARG HE   H N N 35  
ARG HH11 H N N 36  
ARG HH12 H N N 37  
ARG HH21 H N N 38  
ARG HH22 H N N 39  
ARG HXT  H N N 40  
ASN N    N N N 41  
ASN CA   C N S 42  
ASN C    C N N 43  
ASN O    O N N 44  
ASN CB   C N N 45  
ASN CG   C N N 46  
ASN OD1  O N N 47  
ASN ND2  N N N 48  
ASN OXT  O N N 49  
ASN H    H N N 50  
ASN H2   H N N 51  
ASN HA   H N N 52  
ASN HB2  H N N 53  
ASN HB3  H N N 54  
ASN HD21 H N N 55  
ASN HD22 H N N 56  
ASN HXT  H N N 57  
ASP N    N N N 58  
ASP CA   C N S 59  
ASP C    C N N 60  
ASP O    O N N 61  
ASP CB   C N N 62  
ASP CG   C N N 63  
ASP OD1  O N N 64  
ASP OD2  O N N 65  
ASP OXT  O N N 66  
ASP H    H N N 67  
ASP H2   H N N 68  
ASP HA   H N N 69  
ASP HB2  H N N 70  
ASP HB3  H N N 71  
ASP HD2  H N N 72  
ASP HXT  H N N 73  
GLN N    N N N 74  
GLN CA   C N S 75  
GLN C    C N N 76  
GLN O    O N N 77  
GLN CB   C N N 78  
GLN CG   C N N 79  
GLN CD   C N N 80  
GLN OE1  O N N 81  
GLN NE2  N N N 82  
GLN OXT  O N N 83  
GLN H    H N N 84  
GLN H2   H N N 85  
GLN HA   H N N 86  
GLN HB2  H N N 87  
GLN HB3  H N N 88  
GLN HG2  H N N 89  
GLN HG3  H N N 90  
GLN HE21 H N N 91  
GLN HE22 H N N 92  
GLN HXT  H N N 93  
GLU N    N N N 94  
GLU CA   C N S 95  
GLU C    C N N 96  
GLU O    O N N 97  
GLU CB   C N N 98  
GLU CG   C N N 99  
GLU CD   C N N 100 
GLU OE1  O N N 101 
GLU OE2  O N N 102 
GLU OXT  O N N 103 
GLU H    H N N 104 
GLU H2   H N N 105 
GLU HA   H N N 106 
GLU HB2  H N N 107 
GLU HB3  H N N 108 
GLU HG2  H N N 109 
GLU HG3  H N N 110 
GLU HE2  H N N 111 
GLU HXT  H N N 112 
GLY N    N N N 113 
GLY CA   C N N 114 
GLY C    C N N 115 
GLY O    O N N 116 
GLY OXT  O N N 117 
GLY H    H N N 118 
GLY H2   H N N 119 
GLY HA2  H N N 120 
GLY HA3  H N N 121 
GLY HXT  H N N 122 
HIS N    N N N 123 
HIS CA   C N S 124 
HIS C    C N N 125 
HIS O    O N N 126 
HIS CB   C N N 127 
HIS CG   C Y N 128 
HIS ND1  N Y N 129 
HIS CD2  C Y N 130 
HIS CE1  C Y N 131 
HIS NE2  N Y N 132 
HIS OXT  O N N 133 
HIS H    H N N 134 
HIS H2   H N N 135 
HIS HA   H N N 136 
HIS HB2  H N N 137 
HIS HB3  H N N 138 
HIS HD1  H N N 139 
HIS HD2  H N N 140 
HIS HE1  H N N 141 
HIS HE2  H N N 142 
HIS HXT  H N N 143 
ILE N    N N N 144 
ILE CA   C N S 145 
ILE C    C N N 146 
ILE O    O N N 147 
ILE CB   C N S 148 
ILE CG1  C N N 149 
ILE CG2  C N N 150 
ILE CD1  C N N 151 
ILE OXT  O N N 152 
ILE H    H N N 153 
ILE H2   H N N 154 
ILE HA   H N N 155 
ILE HB   H N N 156 
ILE HG12 H N N 157 
ILE HG13 H N N 158 
ILE HG21 H N N 159 
ILE HG22 H N N 160 
ILE HG23 H N N 161 
ILE HD11 H N N 162 
ILE HD12 H N N 163 
ILE HD13 H N N 164 
ILE HXT  H N N 165 
LEU N    N N N 166 
LEU CA   C N S 167 
LEU C    C N N 168 
LEU O    O N N 169 
LEU CB   C N N 170 
LEU CG   C N N 171 
LEU CD1  C N N 172 
LEU CD2  C N N 173 
LEU OXT  O N N 174 
LEU H    H N N 175 
LEU H2   H N N 176 
LEU HA   H N N 177 
LEU HB2  H N N 178 
LEU HB3  H N N 179 
LEU HG   H N N 180 
LEU HD11 H N N 181 
LEU HD12 H N N 182 
LEU HD13 H N N 183 
LEU HD21 H N N 184 
LEU HD22 H N N 185 
LEU HD23 H N N 186 
LEU HXT  H N N 187 
LYS N    N N N 188 
LYS CA   C N S 189 
LYS C    C N N 190 
LYS O    O N N 191 
LYS CB   C N N 192 
LYS CG   C N N 193 
LYS CD   C N N 194 
LYS CE   C N N 195 
LYS NZ   N N N 196 
LYS OXT  O N N 197 
LYS H    H N N 198 
LYS H2   H N N 199 
LYS HA   H N N 200 
LYS HB2  H N N 201 
LYS HB3  H N N 202 
LYS HG2  H N N 203 
LYS HG3  H N N 204 
LYS HD2  H N N 205 
LYS HD3  H N N 206 
LYS HE2  H N N 207 
LYS HE3  H N N 208 
LYS HZ1  H N N 209 
LYS HZ2  H N N 210 
LYS HZ3  H N N 211 
LYS HXT  H N N 212 
MET N    N N N 213 
MET CA   C N S 214 
MET C    C N N 215 
MET O    O N N 216 
MET CB   C N N 217 
MET CG   C N N 218 
MET SD   S N N 219 
MET CE   C N N 220 
MET OXT  O N N 221 
MET H    H N N 222 
MET H2   H N N 223 
MET HA   H N N 224 
MET HB2  H N N 225 
MET HB3  H N N 226 
MET HG2  H N N 227 
MET HG3  H N N 228 
MET HE1  H N N 229 
MET HE2  H N N 230 
MET HE3  H N N 231 
MET HXT  H N N 232 
PRO N    N N N 233 
PRO CA   C N S 234 
PRO C    C N N 235 
PRO O    O N N 236 
PRO CB   C N N 237 
PRO CG   C N N 238 
PRO CD   C N N 239 
PRO OXT  O N N 240 
PRO H    H N N 241 
PRO HA   H N N 242 
PRO HB2  H N N 243 
PRO HB3  H N N 244 
PRO HG2  H N N 245 
PRO HG3  H N N 246 
PRO HD2  H N N 247 
PRO HD3  H N N 248 
PRO HXT  H N N 249 
SER N    N N N 250 
SER CA   C N S 251 
SER C    C N N 252 
SER O    O N N 253 
SER CB   C N N 254 
SER OG   O N N 255 
SER OXT  O N N 256 
SER H    H N N 257 
SER H2   H N N 258 
SER HA   H N N 259 
SER HB2  H N N 260 
SER HB3  H N N 261 
SER HG   H N N 262 
SER HXT  H N N 263 
THR N    N N N 264 
THR CA   C N S 265 
THR C    C N N 266 
THR O    O N N 267 
THR CB   C N R 268 
THR OG1  O N N 269 
THR CG2  C N N 270 
THR OXT  O N N 271 
THR H    H N N 272 
THR H2   H N N 273 
THR HA   H N N 274 
THR HB   H N N 275 
THR HG1  H N N 276 
THR HG21 H N N 277 
THR HG22 H N N 278 
THR HG23 H N N 279 
THR HXT  H N N 280 
TRP N    N N N 281 
TRP CA   C N S 282 
TRP C    C N N 283 
TRP O    O N N 284 
TRP CB   C N N 285 
TRP CG   C Y N 286 
TRP CD1  C Y N 287 
TRP CD2  C Y N 288 
TRP NE1  N Y N 289 
TRP CE2  C Y N 290 
TRP CE3  C Y N 291 
TRP CZ2  C Y N 292 
TRP CZ3  C Y N 293 
TRP CH2  C Y N 294 
TRP OXT  O N N 295 
TRP H    H N N 296 
TRP H2   H N N 297 
TRP HA   H N N 298 
TRP HB2  H N N 299 
TRP HB3  H N N 300 
TRP HD1  H N N 301 
TRP HE1  H N N 302 
TRP HE3  H N N 303 
TRP HZ2  H N N 304 
TRP HZ3  H N N 305 
TRP HH2  H N N 306 
TRP HXT  H N N 307 
TYR N    N N N 308 
TYR CA   C N S 309 
TYR C    C N N 310 
TYR O    O N N 311 
TYR CB   C N N 312 
TYR CG   C Y N 313 
TYR CD1  C Y N 314 
TYR CD2  C Y N 315 
TYR CE1  C Y N 316 
TYR CE2  C Y N 317 
TYR CZ   C Y N 318 
TYR OH   O N N 319 
TYR OXT  O N N 320 
TYR H    H N N 321 
TYR H2   H N N 322 
TYR HA   H N N 323 
TYR HB2  H N N 324 
TYR HB3  H N N 325 
TYR HD1  H N N 326 
TYR HD2  H N N 327 
TYR HE1  H N N 328 
TYR HE2  H N N 329 
TYR HH   H N N 330 
TYR HXT  H N N 331 
VAL N    N N N 332 
VAL CA   C N S 333 
VAL C    C N N 334 
VAL O    O N N 335 
VAL CB   C N N 336 
VAL CG1  C N N 337 
VAL CG2  C N N 338 
VAL OXT  O N N 339 
VAL H    H N N 340 
VAL H2   H N N 341 
VAL HA   H N N 342 
VAL HB   H N N 343 
VAL HG11 H N N 344 
VAL HG12 H N N 345 
VAL HG13 H N N 346 
VAL HG21 H N N 347 
VAL HG22 H N N 348 
VAL HG23 H N N 349 
VAL HXT  H N N 350 
# 
loop_
_chem_comp_bond.comp_id 
_chem_comp_bond.atom_id_1 
_chem_comp_bond.atom_id_2 
_chem_comp_bond.value_order 
_chem_comp_bond.pdbx_aromatic_flag 
_chem_comp_bond.pdbx_stereo_config 
_chem_comp_bond.pdbx_ordinal 
ALA N   CA   sing N N 1   
ALA N   H    sing N N 2   
ALA N   H2   sing N N 3   
ALA CA  C    sing N N 4   
ALA CA  CB   sing N N 5   
ALA CA  HA   sing N N 6   
ALA C   O    doub N N 7   
ALA C   OXT  sing N N 8   
ALA CB  HB1  sing N N 9   
ALA CB  HB2  sing N N 10  
ALA CB  HB3  sing N N 11  
ALA OXT HXT  sing N N 12  
ARG N   CA   sing N N 13  
ARG N   H    sing N N 14  
ARG N   H2   sing N N 15  
ARG CA  C    sing N N 16  
ARG CA  CB   sing N N 17  
ARG CA  HA   sing N N 18  
ARG C   O    doub N N 19  
ARG C   OXT  sing N N 20  
ARG CB  CG   sing N N 21  
ARG CB  HB2  sing N N 22  
ARG CB  HB3  sing N N 23  
ARG CG  CD   sing N N 24  
ARG CG  HG2  sing N N 25  
ARG CG  HG3  sing N N 26  
ARG CD  NE   sing N N 27  
ARG CD  HD2  sing N N 28  
ARG CD  HD3  sing N N 29  
ARG NE  CZ   sing N N 30  
ARG NE  HE   sing N N 31  
ARG CZ  NH1  sing N N 32  
ARG CZ  NH2  doub N N 33  
ARG NH1 HH11 sing N N 34  
ARG NH1 HH12 sing N N 35  
ARG NH2 HH21 sing N N 36  
ARG NH2 HH22 sing N N 37  
ARG OXT HXT  sing N N 38  
ASN N   CA   sing N N 39  
ASN N   H    sing N N 40  
ASN N   H2   sing N N 41  
ASN CA  C    sing N N 42  
ASN CA  CB   sing N N 43  
ASN CA  HA   sing N N 44  
ASN C   O    doub N N 45  
ASN C   OXT  sing N N 46  
ASN CB  CG   sing N N 47  
ASN CB  HB2  sing N N 48  
ASN CB  HB3  sing N N 49  
ASN CG  OD1  doub N N 50  
ASN CG  ND2  sing N N 51  
ASN ND2 HD21 sing N N 52  
ASN ND2 HD22 sing N N 53  
ASN OXT HXT  sing N N 54  
ASP N   CA   sing N N 55  
ASP N   H    sing N N 56  
ASP N   H2   sing N N 57  
ASP CA  C    sing N N 58  
ASP CA  CB   sing N N 59  
ASP CA  HA   sing N N 60  
ASP C   O    doub N N 61  
ASP C   OXT  sing N N 62  
ASP CB  CG   sing N N 63  
ASP CB  HB2  sing N N 64  
ASP CB  HB3  sing N N 65  
ASP CG  OD1  doub N N 66  
ASP CG  OD2  sing N N 67  
ASP OD2 HD2  sing N N 68  
ASP OXT HXT  sing N N 69  
GLN N   CA   sing N N 70  
GLN N   H    sing N N 71  
GLN N   H2   sing N N 72  
GLN CA  C    sing N N 73  
GLN CA  CB   sing N N 74  
GLN CA  HA   sing N N 75  
GLN C   O    doub N N 76  
GLN C   OXT  sing N N 77  
GLN CB  CG   sing N N 78  
GLN CB  HB2  sing N N 79  
GLN CB  HB3  sing N N 80  
GLN CG  CD   sing N N 81  
GLN CG  HG2  sing N N 82  
GLN CG  HG3  sing N N 83  
GLN CD  OE1  doub N N 84  
GLN CD  NE2  sing N N 85  
GLN NE2 HE21 sing N N 86  
GLN NE2 HE22 sing N N 87  
GLN OXT HXT  sing N N 88  
GLU N   CA   sing N N 89  
GLU N   H    sing N N 90  
GLU N   H2   sing N N 91  
GLU CA  C    sing N N 92  
GLU CA  CB   sing N N 93  
GLU CA  HA   sing N N 94  
GLU C   O    doub N N 95  
GLU C   OXT  sing N N 96  
GLU CB  CG   sing N N 97  
GLU CB  HB2  sing N N 98  
GLU CB  HB3  sing N N 99  
GLU CG  CD   sing N N 100 
GLU CG  HG2  sing N N 101 
GLU CG  HG3  sing N N 102 
GLU CD  OE1  doub N N 103 
GLU CD  OE2  sing N N 104 
GLU OE2 HE2  sing N N 105 
GLU OXT HXT  sing N N 106 
GLY N   CA   sing N N 107 
GLY N   H    sing N N 108 
GLY N   H2   sing N N 109 
GLY CA  C    sing N N 110 
GLY CA  HA2  sing N N 111 
GLY CA  HA3  sing N N 112 
GLY C   O    doub N N 113 
GLY C   OXT  sing N N 114 
GLY OXT HXT  sing N N 115 
HIS N   CA   sing N N 116 
HIS N   H    sing N N 117 
HIS N   H2   sing N N 118 
HIS CA  C    sing N N 119 
HIS CA  CB   sing N N 120 
HIS CA  HA   sing N N 121 
HIS C   O    doub N N 122 
HIS C   OXT  sing N N 123 
HIS CB  CG   sing N N 124 
HIS CB  HB2  sing N N 125 
HIS CB  HB3  sing N N 126 
HIS CG  ND1  sing Y N 127 
HIS CG  CD2  doub Y N 128 
HIS ND1 CE1  doub Y N 129 
HIS ND1 HD1  sing N N 130 
HIS CD2 NE2  sing Y N 131 
HIS CD2 HD2  sing N N 132 
HIS CE1 NE2  sing Y N 133 
HIS CE1 HE1  sing N N 134 
HIS NE2 HE2  sing N N 135 
HIS OXT HXT  sing N N 136 
ILE N   CA   sing N N 137 
ILE N   H    sing N N 138 
ILE N   H2   sing N N 139 
ILE CA  C    sing N N 140 
ILE CA  CB   sing N N 141 
ILE CA  HA   sing N N 142 
ILE C   O    doub N N 143 
ILE C   OXT  sing N N 144 
ILE CB  CG1  sing N N 145 
ILE CB  CG2  sing N N 146 
ILE CB  HB   sing N N 147 
ILE CG1 CD1  sing N N 148 
ILE CG1 HG12 sing N N 149 
ILE CG1 HG13 sing N N 150 
ILE CG2 HG21 sing N N 151 
ILE CG2 HG22 sing N N 152 
ILE CG2 HG23 sing N N 153 
ILE CD1 HD11 sing N N 154 
ILE CD1 HD12 sing N N 155 
ILE CD1 HD13 sing N N 156 
ILE OXT HXT  sing N N 157 
LEU N   CA   sing N N 158 
LEU N   H    sing N N 159 
LEU N   H2   sing N N 160 
LEU CA  C    sing N N 161 
LEU CA  CB   sing N N 162 
LEU CA  HA   sing N N 163 
LEU C   O    doub N N 164 
LEU C   OXT  sing N N 165 
LEU CB  CG   sing N N 166 
LEU CB  HB2  sing N N 167 
LEU CB  HB3  sing N N 168 
LEU CG  CD1  sing N N 169 
LEU CG  CD2  sing N N 170 
LEU CG  HG   sing N N 171 
LEU CD1 HD11 sing N N 172 
LEU CD1 HD12 sing N N 173 
LEU CD1 HD13 sing N N 174 
LEU CD2 HD21 sing N N 175 
LEU CD2 HD22 sing N N 176 
LEU CD2 HD23 sing N N 177 
LEU OXT HXT  sing N N 178 
LYS N   CA   sing N N 179 
LYS N   H    sing N N 180 
LYS N   H2   sing N N 181 
LYS CA  C    sing N N 182 
LYS CA  CB   sing N N 183 
LYS CA  HA   sing N N 184 
LYS C   O    doub N N 185 
LYS C   OXT  sing N N 186 
LYS CB  CG   sing N N 187 
LYS CB  HB2  sing N N 188 
LYS CB  HB3  sing N N 189 
LYS CG  CD   sing N N 190 
LYS CG  HG2  sing N N 191 
LYS CG  HG3  sing N N 192 
LYS CD  CE   sing N N 193 
LYS CD  HD2  sing N N 194 
LYS CD  HD3  sing N N 195 
LYS CE  NZ   sing N N 196 
LYS CE  HE2  sing N N 197 
LYS CE  HE3  sing N N 198 
LYS NZ  HZ1  sing N N 199 
LYS NZ  HZ2  sing N N 200 
LYS NZ  HZ3  sing N N 201 
LYS OXT HXT  sing N N 202 
MET N   CA   sing N N 203 
MET N   H    sing N N 204 
MET N   H2   sing N N 205 
MET CA  C    sing N N 206 
MET CA  CB   sing N N 207 
MET CA  HA   sing N N 208 
MET C   O    doub N N 209 
MET C   OXT  sing N N 210 
MET CB  CG   sing N N 211 
MET CB  HB2  sing N N 212 
MET CB  HB3  sing N N 213 
MET CG  SD   sing N N 214 
MET CG  HG2  sing N N 215 
MET CG  HG3  sing N N 216 
MET SD  CE   sing N N 217 
MET CE  HE1  sing N N 218 
MET CE  HE2  sing N N 219 
MET CE  HE3  sing N N 220 
MET OXT HXT  sing N N 221 
PRO N   CA   sing N N 222 
PRO N   CD   sing N N 223 
PRO N   H    sing N N 224 
PRO CA  C    sing N N 225 
PRO CA  CB   sing N N 226 
PRO CA  HA   sing N N 227 
PRO C   O    doub N N 228 
PRO C   OXT  sing N N 229 
PRO CB  CG   sing N N 230 
PRO CB  HB2  sing N N 231 
PRO CB  HB3  sing N N 232 
PRO CG  CD   sing N N 233 
PRO CG  HG2  sing N N 234 
PRO CG  HG3  sing N N 235 
PRO CD  HD2  sing N N 236 
PRO CD  HD3  sing N N 237 
PRO OXT HXT  sing N N 238 
SER N   CA   sing N N 239 
SER N   H    sing N N 240 
SER N   H2   sing N N 241 
SER CA  C    sing N N 242 
SER CA  CB   sing N N 243 
SER CA  HA   sing N N 244 
SER C   O    doub N N 245 
SER C   OXT  sing N N 246 
SER CB  OG   sing N N 247 
SER CB  HB2  sing N N 248 
SER CB  HB3  sing N N 249 
SER OG  HG   sing N N 250 
SER OXT HXT  sing N N 251 
THR N   CA   sing N N 252 
THR N   H    sing N N 253 
THR N   H2   sing N N 254 
THR CA  C    sing N N 255 
THR CA  CB   sing N N 256 
THR CA  HA   sing N N 257 
THR C   O    doub N N 258 
THR C   OXT  sing N N 259 
THR CB  OG1  sing N N 260 
THR CB  CG2  sing N N 261 
THR CB  HB   sing N N 262 
THR OG1 HG1  sing N N 263 
THR CG2 HG21 sing N N 264 
THR CG2 HG22 sing N N 265 
THR CG2 HG23 sing N N 266 
THR OXT HXT  sing N N 267 
TRP N   CA   sing N N 268 
TRP N   H    sing N N 269 
TRP N   H2   sing N N 270 
TRP CA  C    sing N N 271 
TRP CA  CB   sing N N 272 
TRP CA  HA   sing N N 273 
TRP C   O    doub N N 274 
TRP C   OXT  sing N N 275 
TRP CB  CG   sing N N 276 
TRP CB  HB2  sing N N 277 
TRP CB  HB3  sing N N 278 
TRP CG  CD1  doub Y N 279 
TRP CG  CD2  sing Y N 280 
TRP CD1 NE1  sing Y N 281 
TRP CD1 HD1  sing N N 282 
TRP CD2 CE2  doub Y N 283 
TRP CD2 CE3  sing Y N 284 
TRP NE1 CE2  sing Y N 285 
TRP NE1 HE1  sing N N 286 
TRP CE2 CZ2  sing Y N 287 
TRP CE3 CZ3  doub Y N 288 
TRP CE3 HE3  sing N N 289 
TRP CZ2 CH2  doub Y N 290 
TRP CZ2 HZ2  sing N N 291 
TRP CZ3 CH2  sing Y N 292 
TRP CZ3 HZ3  sing N N 293 
TRP CH2 HH2  sing N N 294 
TRP OXT HXT  sing N N 295 
TYR N   CA   sing N N 296 
TYR N   H    sing N N 297 
TYR N   H2   sing N N 298 
TYR CA  C    sing N N 299 
TYR CA  CB   sing N N 300 
TYR CA  HA   sing N N 301 
TYR C   O    doub N N 302 
TYR C   OXT  sing N N 303 
TYR CB  CG   sing N N 304 
TYR CB  HB2  sing N N 305 
TYR CB  HB3  sing N N 306 
TYR CG  CD1  doub Y N 307 
TYR CG  CD2  sing Y N 308 
TYR CD1 CE1  sing Y N 309 
TYR CD1 HD1  sing N N 310 
TYR CD2 CE2  doub Y N 311 
TYR CD2 HD2  sing N N 312 
TYR CE1 CZ   doub Y N 313 
TYR CE1 HE1  sing N N 314 
TYR CE2 CZ   sing Y N 315 
TYR CE2 HE2  sing N N 316 
TYR CZ  OH   sing N N 317 
TYR OH  HH   sing N N 318 
TYR OXT HXT  sing N N 319 
VAL N   CA   sing N N 320 
VAL N   H    sing N N 321 
VAL N   H2   sing N N 322 
VAL CA  C    sing N N 323 
VAL CA  CB   sing N N 324 
VAL CA  HA   sing N N 325 
VAL C   O    doub N N 326 
VAL C   OXT  sing N N 327 
VAL CB  CG1  sing N N 328 
VAL CB  CG2  sing N N 329 
VAL CB  HB   sing N N 330 
VAL CG1 HG11 sing N N 331 
VAL CG1 HG12 sing N N 332 
VAL CG1 HG13 sing N N 333 
VAL CG2 HG21 sing N N 334 
VAL CG2 HG22 sing N N 335 
VAL CG2 HG23 sing N N 336 
VAL OXT HXT  sing N N 337 
# 
loop_
_pdbx_nmr_spectrometer.spectrometer_id 
_pdbx_nmr_spectrometer.type 
_pdbx_nmr_spectrometer.manufacturer 
_pdbx_nmr_spectrometer.model 
_pdbx_nmr_spectrometer.field_strength 
1 ? Bruker AVANCE 600 
2 ? Bruker AVANCE 750 
3 ? Bruker AVANCE 500 
# 
_atom_sites.entry_id                    1RZW 
_atom_sites.fract_transf_matrix[1][1]   1.000000 
_atom_sites.fract_transf_matrix[1][2]   0.000000 
_atom_sites.fract_transf_matrix[1][3]   0.000000 
_atom_sites.fract_transf_matrix[2][1]   0.000000 
_atom_sites.fract_transf_matrix[2][2]   1.000000 
_atom_sites.fract_transf_matrix[2][3]   0.000000 
_atom_sites.fract_transf_matrix[3][1]   0.000000 
_atom_sites.fract_transf_matrix[3][2]   0.000000 
_atom_sites.fract_transf_matrix[3][3]   1.000000 
_atom_sites.fract_transf_vector[1]      0.00000 
_atom_sites.fract_transf_vector[2]      0.00000 
_atom_sites.fract_transf_vector[3]      0.00000 
# 
loop_
_atom_type.symbol 
C 
H 
N 
O 
S 
# 
loop_
_atom_site.group_PDB 
_atom_site.id 
_atom_site.type_symbol 
_atom_site.label_atom_id 
_atom_site.label_alt_id 
_atom_site.label_comp_id 
_atom_site.label_asym_id 
_atom_site.label_entity_id 
_atom_site.label_seq_id 
_atom_site.pdbx_PDB_ins_code 
_atom_site.Cartn_x 
_atom_site.Cartn_y 
_atom_site.Cartn_z 
_atom_site.occupancy 
_atom_site.B_iso_or_equiv 
_atom_site.pdbx_formal_charge 
_atom_site.auth_seq_id 
_atom_site.auth_comp_id 
_atom_site.auth_asym_id 
_atom_site.auth_atom_id 
_atom_site.pdbx_PDB_model_num 
ATOM 1    N N    . MET A 1 1   ? 17.651  -0.544  12.477  1.00 2.28  ? 1   MET A N    1 
ATOM 2    C CA   . MET A 1 1   ? 18.265  -0.617  11.122  1.00 1.68  ? 1   MET A CA   1 
ATOM 3    C C    . MET A 1 1   ? 17.383  0.133   10.123  1.00 1.30  ? 1   MET A C    1 
ATOM 4    O O    . MET A 1 1   ? 16.850  1.183   10.420  1.00 1.45  ? 1   MET A O    1 
ATOM 5    C CB   . MET A 1 1   ? 18.397  -2.082  10.697  1.00 2.40  ? 1   MET A CB   1 
ATOM 6    C CG   . MET A 1 1   ? 19.182  -2.849  11.765  1.00 3.04  ? 1   MET A CG   1 
ATOM 7    S SD   . MET A 1 1   ? 20.136  -4.176  10.983  1.00 4.19  ? 1   MET A SD   1 
ATOM 8    C CE   . MET A 1 1   ? 18.805  -5.397  10.878  1.00 4.96  ? 1   MET A CE   1 
ATOM 9    H H1   . MET A 1 1   ? 16.697  -0.956  12.450  1.00 2.72  ? 1   MET A H1   1 
ATOM 10   H H2   . MET A 1 1   ? 17.591  0.451   12.776  1.00 2.69  ? 1   MET A H2   1 
ATOM 11   H H3   . MET A 1 1   ? 18.237  -1.075  13.152  1.00 2.62  ? 1   MET A H3   1 
ATOM 12   H HA   . MET A 1 1   ? 19.244  -0.161  11.147  1.00 1.90  ? 1   MET A HA   1 
ATOM 13   H HB2  . MET A 1 1   ? 17.413  -2.515  10.589  1.00 2.81  ? 1   MET A HB2  1 
ATOM 14   H HB3  . MET A 1 1   ? 18.923  -2.139  9.756   1.00 2.90  ? 1   MET A HB3  1 
ATOM 15   H HG2  . MET A 1 1   ? 19.853  -2.174  12.273  1.00 3.24  ? 1   MET A HG2  1 
ATOM 16   H HG3  . MET A 1 1   ? 18.492  -3.276  12.478  1.00 3.30  ? 1   MET A HG3  1 
ATOM 17   H HE1  . MET A 1 1   ? 19.028  -6.104  10.090  1.00 5.21  ? 1   MET A HE1  1 
ATOM 18   H HE2  . MET A 1 1   ? 17.874  -4.900  10.659  1.00 5.26  ? 1   MET A HE2  1 
ATOM 19   H HE3  . MET A 1 1   ? 18.720  -5.917  11.823  1.00 5.32  ? 1   MET A HE3  1 
ATOM 20   N N    . THR A 1 2   ? 17.223  -0.394  8.939   1.00 1.11  ? 2   THR A N    1 
ATOM 21   C CA   . THR A 1 2   ? 16.375  0.298   7.930   1.00 1.01  ? 2   THR A CA   1 
ATOM 22   C C    . THR A 1 2   ? 14.928  -0.185  8.058   1.00 0.74  ? 2   THR A C    1 
ATOM 23   O O    . THR A 1 2   ? 14.521  -1.138  7.423   1.00 0.88  ? 2   THR A O    1 
ATOM 24   C CB   . THR A 1 2   ? 16.906  -0.005  6.526   1.00 1.40  ? 2   THR A CB   1 
ATOM 25   O OG1  . THR A 1 2   ? 15.887  0.242   5.571   1.00 2.20  ? 2   THR A OG1  1 
ATOM 26   C CG2  . THR A 1 2   ? 17.347  -1.467  6.447   1.00 1.33  ? 2   THR A CG2  1 
ATOM 27   H H    . THR A 1 2   ? 17.661  -1.242  8.716   1.00 1.29  ? 2   THR A H    1 
ATOM 28   H HA   . THR A 1 2   ? 16.411  1.363   8.102   1.00 1.18  ? 2   THR A HA   1 
ATOM 29   H HB   . THR A 1 2   ? 17.753  0.632   6.319   1.00 1.89  ? 2   THR A HB   1 
ATOM 30   H HG1  . THR A 1 2   ? 15.192  0.746   6.001   1.00 2.70  ? 2   THR A HG1  1 
ATOM 31   H HG21 . THR A 1 2   ? 18.310  -1.578  6.922   1.00 1.78  ? 2   THR A HG21 1 
ATOM 32   H HG22 . THR A 1 2   ? 17.421  -1.764  5.412   1.00 1.71  ? 2   THR A HG22 1 
ATOM 33   H HG23 . THR A 1 2   ? 16.623  -2.090  6.950   1.00 1.69  ? 2   THR A HG23 1 
ATOM 34   N N    . LEU A 1 3   ? 14.151  0.478   8.876   1.00 0.55  ? 3   LEU A N    1 
ATOM 35   C CA   . LEU A 1 3   ? 12.723  0.090   9.066   1.00 0.31  ? 3   LEU A CA   1 
ATOM 36   C C    . LEU A 1 3   ? 11.840  1.112   8.361   1.00 0.27  ? 3   LEU A C    1 
ATOM 37   O O    . LEU A 1 3   ? 12.090  2.300   8.430   1.00 0.30  ? 3   LEU A O    1 
ATOM 38   C CB   . LEU A 1 3   ? 12.390  0.094   10.558  1.00 0.36  ? 3   LEU A CB   1 
ATOM 39   C CG   . LEU A 1 3   ? 13.056  -1.103  11.253  1.00 0.37  ? 3   LEU A CG   1 
ATOM 40   C CD1  . LEU A 1 3   ? 14.580  -0.925  11.313  1.00 0.43  ? 3   LEU A CD1  1 
ATOM 41   C CD2  . LEU A 1 3   ? 12.506  -1.226  12.677  1.00 0.40  ? 3   LEU A CD2  1 
ATOM 42   H H    . LEU A 1 3   ? 14.509  1.246   9.367   1.00 0.73  ? 3   LEU A H    1 
ATOM 43   H HA   . LEU A 1 3   ? 12.542  -0.890  8.655   1.00 0.36  ? 3   LEU A HA   1 
ATOM 44   H HB2  . LEU A 1 3   ? 12.734  1.016   10.999  1.00 0.51  ? 3   LEU A HB2  1 
ATOM 45   H HB3  . LEU A 1 3   ? 11.323  0.025   10.679  1.00 0.42  ? 3   LEU A HB3  1 
ATOM 46   H HG   . LEU A 1 3   ? 12.827  -2.005  10.705  1.00 0.47  ? 3   LEU A HG   1 
ATOM 47   H HD11 . LEU A 1 3   ? 15.021  -1.311  10.407  1.00 1.13  ? 3   LEU A HD11 1 
ATOM 48   H HD12 . LEU A 1 3   ? 14.970  -1.470  12.160  1.00 1.09  ? 3   LEU A HD12 1 
ATOM 49   H HD13 . LEU A 1 3   ? 14.828  0.120   11.417  1.00 1.13  ? 3   LEU A HD13 1 
ATOM 50   H HD21 . LEU A 1 3   ? 11.430  -1.311  12.640  1.00 1.01  ? 3   LEU A HD21 1 
ATOM 51   H HD22 . LEU A 1 3   ? 12.779  -0.349  13.245  1.00 1.17  ? 3   LEU A HD22 1 
ATOM 52   H HD23 . LEU A 1 3   ? 12.921  -2.105  13.148  1.00 1.07  ? 3   LEU A HD23 1 
ATOM 53   N N    . LYS A 1 4   ? 10.816  0.674   7.678   1.00 0.23  ? 4   LYS A N    1 
ATOM 54   C CA   . LYS A 1 4   ? 9.937   1.660   6.969   1.00 0.22  ? 4   LYS A CA   1 
ATOM 55   C C    . LYS A 1 4   ? 8.498   1.142   6.922   1.00 0.20  ? 4   LYS A C    1 
ATOM 56   O O    . LYS A 1 4   ? 8.261   -0.004  6.607   1.00 0.19  ? 4   LYS A O    1 
ATOM 57   C CB   . LYS A 1 4   ? 10.496  1.890   5.546   1.00 0.24  ? 4   LYS A CB   1 
ATOM 58   C CG   . LYS A 1 4   ? 9.561   2.765   4.693   1.00 0.25  ? 4   LYS A CG   1 
ATOM 59   C CD   . LYS A 1 4   ? 9.423   4.161   5.309   1.00 0.26  ? 4   LYS A CD   1 
ATOM 60   C CE   . LYS A 1 4   ? 9.495   5.224   4.209   1.00 0.42  ? 4   LYS A CE   1 
ATOM 61   N NZ   . LYS A 1 4   ? 8.493   4.920   3.153   1.00 1.37  ? 4   LYS A NZ   1 
ATOM 62   H H    . LYS A 1 4   ? 10.632  -0.295  7.623   1.00 0.25  ? 4   LYS A H    1 
ATOM 63   H HA   . LYS A 1 4   ? 9.953   2.589   7.516   1.00 0.25  ? 4   LYS A HA   1 
ATOM 64   H HB2  . LYS A 1 4   ? 11.455  2.377   5.621   1.00 0.27  ? 4   LYS A HB2  1 
ATOM 65   H HB3  . LYS A 1 4   ? 10.625  0.941   5.059   1.00 0.26  ? 4   LYS A HB3  1 
ATOM 66   H HG2  . LYS A 1 4   ? 9.974   2.855   3.699   1.00 0.28  ? 4   LYS A HG2  1 
ATOM 67   H HG3  . LYS A 1 4   ? 8.590   2.301   4.624   1.00 0.26  ? 4   LYS A HG3  1 
ATOM 68   H HD2  . LYS A 1 4   ? 8.473   4.232   5.814   1.00 0.35  ? 4   LYS A HD2  1 
ATOM 69   H HD3  . LYS A 1 4   ? 10.221  4.331   6.014   1.00 0.40  ? 4   LYS A HD3  1 
ATOM 70   H HE2  . LYS A 1 4   ? 9.286   6.195   4.633   1.00 1.19  ? 4   LYS A HE2  1 
ATOM 71   H HE3  . LYS A 1 4   ? 10.484  5.225   3.777   1.00 1.15  ? 4   LYS A HE3  1 
ATOM 72   H HZ1  . LYS A 1 4   ? 8.560   5.631   2.397   1.00 1.91  ? 4   LYS A HZ1  1 
ATOM 73   H HZ2  . LYS A 1 4   ? 7.537   4.939   3.565   1.00 1.94  ? 4   LYS A HZ2  1 
ATOM 74   H HZ3  . LYS A 1 4   ? 8.680   3.977   2.756   1.00 1.96  ? 4   LYS A HZ3  1 
ATOM 75   N N    . GLN A 1 5   ? 7.537   1.990   7.232   1.00 0.20  ? 5   GLN A N    1 
ATOM 76   C CA   . GLN A 1 5   ? 6.105   1.558   7.203   1.00 0.21  ? 5   GLN A CA   1 
ATOM 77   C C    . GLN A 1 5   ? 5.399   2.234   6.045   1.00 0.21  ? 5   GLN A C    1 
ATOM 78   O O    . GLN A 1 5   ? 5.351   3.449   5.979   1.00 0.24  ? 5   GLN A O    1 
ATOM 79   C CB   . GLN A 1 5   ? 5.405   2.007   8.489   1.00 0.25  ? 5   GLN A CB   1 
ATOM 80   C CG   . GLN A 1 5   ? 4.084   1.232   8.703   1.00 0.35  ? 5   GLN A CG   1 
ATOM 81   C CD   . GLN A 1 5   ? 2.908   2.045   8.184   1.00 1.10  ? 5   GLN A CD   1 
ATOM 82   O OE1  . GLN A 1 5   ? 3.071   2.935   7.372   1.00 1.86  ? 5   GLN A OE1  1 
ATOM 83   N NE2  . GLN A 1 5   ? 1.714   1.766   8.620   1.00 1.70  ? 5   GLN A NE2  1 
ATOM 84   H H    . GLN A 1 5   ? 7.760   2.916   7.483   1.00 0.21  ? 5   GLN A H    1 
ATOM 85   H HA   . GLN A 1 5   ? 6.052   0.491   7.095   1.00 0.22  ? 5   GLN A HA   1 
ATOM 86   H HB2  . GLN A 1 5   ? 6.062   1.859   9.327   1.00 0.29  ? 5   GLN A HB2  1 
ATOM 87   H HB3  . GLN A 1 5   ? 5.180   3.061   8.410   1.00 0.28  ? 5   GLN A HB3  1 
ATOM 88   H HG2  . GLN A 1 5   ? 4.099   0.285   8.191   1.00 1.14  ? 5   GLN A HG2  1 
ATOM 89   H HG3  . GLN A 1 5   ? 3.945   1.062   9.749   1.00 1.14  ? 5   GLN A HG3  1 
ATOM 90   H HE21 . GLN A 1 5   ? 1.586   1.047   9.273   1.00 1.72  ? 5   GLN A HE21 1 
ATOM 91   H HE22 . GLN A 1 5   ? 0.945   2.264   8.284   1.00 2.44  ? 5   GLN A HE22 1 
ATOM 92   N N    . VAL A 1 6   ? 4.834   1.481   5.139   1.00 0.20  ? 6   VAL A N    1 
ATOM 93   C CA   . VAL A 1 6   ? 4.119   2.134   4.010   1.00 0.22  ? 6   VAL A CA   1 
ATOM 94   C C    . VAL A 1 6   ? 2.939   1.313   3.543   1.00 0.21  ? 6   VAL A C    1 
ATOM 95   O O    . VAL A 1 6   ? 3.041   0.120   3.324   1.00 0.23  ? 6   VAL A O    1 
ATOM 96   C CB   . VAL A 1 6   ? 5.053   2.355   2.820   1.00 0.26  ? 6   VAL A CB   1 
ATOM 97   C CG1  . VAL A 1 6   ? 4.216   2.706   1.587   1.00 0.54  ? 6   VAL A CG1  1 
ATOM 98   C CG2  . VAL A 1 6   ? 5.998   3.514   3.114   1.00 0.54  ? 6   VAL A CG2  1 
ATOM 99   H H    . VAL A 1 6   ? 4.862   0.500   5.214   1.00 0.19  ? 6   VAL A H    1 
ATOM 100  H HA   . VAL A 1 6   ? 3.748   3.082   4.335   1.00 0.23  ? 6   VAL A HA   1 
ATOM 101  H HB   . VAL A 1 6   ? 5.614   1.458   2.631   1.00 0.33  ? 6   VAL A HB   1 
ATOM 102  H HG11 . VAL A 1 6   ? 4.829   3.226   0.868   1.00 1.15  ? 6   VAL A HG11 1 
ATOM 103  H HG12 . VAL A 1 6   ? 3.391   3.337   1.880   1.00 1.18  ? 6   VAL A HG12 1 
ATOM 104  H HG13 . VAL A 1 6   ? 3.836   1.802   1.146   1.00 1.22  ? 6   VAL A HG13 1 
ATOM 105  H HG21 . VAL A 1 6   ? 6.589   3.288   3.982   1.00 1.09  ? 6   VAL A HG21 1 
ATOM 106  H HG22 . VAL A 1 6   ? 5.420   4.404   3.297   1.00 1.17  ? 6   VAL A HG22 1 
ATOM 107  H HG23 . VAL A 1 6   ? 6.646   3.672   2.266   1.00 1.16  ? 6   VAL A HG23 1 
ATOM 108  N N    . ILE A 1 7   ? 1.839   1.977   3.318   1.00 0.21  ? 7   ILE A N    1 
ATOM 109  C CA   . ILE A 1 7   ? 0.644   1.281   2.770   1.00 0.22  ? 7   ILE A CA   1 
ATOM 110  C C    . ILE A 1 7   ? 0.549   1.711   1.313   1.00 0.22  ? 7   ILE A C    1 
ATOM 111  O O    . ILE A 1 7   ? 0.413   2.882   1.020   1.00 0.25  ? 7   ILE A O    1 
ATOM 112  C CB   . ILE A 1 7   ? -0.629  1.687   3.529   1.00 0.24  ? 7   ILE A CB   1 
ATOM 113  C CG1  . ILE A 1 7   ? -0.438  1.408   5.023   1.00 0.26  ? 7   ILE A CG1  1 
ATOM 114  C CG2  . ILE A 1 7   ? -1.822  0.857   3.031   1.00 0.29  ? 7   ILE A CG2  1 
ATOM 115  C CD1  . ILE A 1 7   ? 0.248   2.584   5.727   1.00 0.27  ? 7   ILE A CD1  1 
ATOM 116  H H    . ILE A 1 7   ? 1.824   2.956   3.462   1.00 0.23  ? 7   ILE A H    1 
ATOM 117  H HA   . ILE A 1 7   ? 0.778   0.213   2.823   1.00 0.22  ? 7   ILE A HA   1 
ATOM 118  H HB   . ILE A 1 7   ? -0.837  2.733   3.367   1.00 0.26  ? 7   ILE A HB   1 
ATOM 119  H HG12 . ILE A 1 7   ? -1.402  1.238   5.476   1.00 0.35  ? 7   ILE A HG12 1 
ATOM 120  H HG13 . ILE A 1 7   ? 0.169   0.521   5.143   1.00 0.33  ? 7   ILE A HG13 1 
ATOM 121  H HG21 . ILE A 1 7   ? -2.739  1.385   3.245   1.00 1.04  ? 7   ILE A HG21 1 
ATOM 122  H HG22 . ILE A 1 7   ? -1.833  -0.095  3.539   1.00 1.04  ? 7   ILE A HG22 1 
ATOM 123  H HG23 . ILE A 1 7   ? -1.742  0.695   1.968   1.00 1.10  ? 7   ILE A HG23 1 
ATOM 124  H HD11 . ILE A 1 7   ? 0.697   3.246   5.005   1.00 1.08  ? 7   ILE A HD11 1 
ATOM 125  H HD12 . ILE A 1 7   ? 1.014   2.203   6.378   1.00 1.07  ? 7   ILE A HD12 1 
ATOM 126  H HD13 . ILE A 1 7   ? -0.482  3.125   6.309   1.00 1.00  ? 7   ILE A HD13 1 
ATOM 127  N N    . VAL A 1 8   ? 0.642   0.785   0.400   1.00 0.21  ? 8   VAL A N    1 
ATOM 128  C CA   . VAL A 1 8   ? 0.584   1.158   -1.038  1.00 0.23  ? 8   VAL A CA   1 
ATOM 129  C C    . VAL A 1 8   ? -0.853  1.011   -1.524  1.00 0.24  ? 8   VAL A C    1 
ATOM 130  O O    . VAL A 1 8   ? -1.556  0.110   -1.114  1.00 0.24  ? 8   VAL A O    1 
ATOM 131  C CB   . VAL A 1 8   ? 1.506   0.256   -1.874  1.00 0.25  ? 8   VAL A CB   1 
ATOM 132  C CG1  . VAL A 1 8   ? 2.204   1.104   -2.933  1.00 0.57  ? 8   VAL A CG1  1 
ATOM 133  C CG2  . VAL A 1 8   ? 2.573   -0.407  -0.996  1.00 0.66  ? 8   VAL A CG2  1 
ATOM 134  H H    . VAL A 1 8   ? 0.767   -0.152  0.661   1.00 0.21  ? 8   VAL A H    1 
ATOM 135  H HA   . VAL A 1 8   ? 0.898   2.180   -1.151  1.00 0.25  ? 8   VAL A HA   1 
ATOM 136  H HB   . VAL A 1 8   ? 0.914   -0.503  -2.363  1.00 0.46  ? 8   VAL A HB   1 
ATOM 137  H HG11 . VAL A 1 8   ? 2.995   1.677   -2.471  1.00 1.32  ? 8   VAL A HG11 1 
ATOM 138  H HG12 . VAL A 1 8   ? 1.490   1.774   -3.382  1.00 1.23  ? 8   VAL A HG12 1 
ATOM 139  H HG13 . VAL A 1 8   ? 2.624   0.460   -3.692  1.00 1.13  ? 8   VAL A HG13 1 
ATOM 140  H HG21 . VAL A 1 8   ? 3.186   -1.053  -1.607  1.00 1.30  ? 8   VAL A HG21 1 
ATOM 141  H HG22 . VAL A 1 8   ? 2.106   -0.990  -0.222  1.00 1.24  ? 8   VAL A HG22 1 
ATOM 142  H HG23 . VAL A 1 8   ? 3.192   0.351   -0.551  1.00 1.27  ? 8   VAL A HG23 1 
ATOM 143  N N    . VAL A 1 9   ? -1.295  1.903   -2.380  1.00 0.26  ? 9   VAL A N    1 
ATOM 144  C CA   . VAL A 1 9   ? -2.694  1.834   -2.890  1.00 0.28  ? 9   VAL A CA   1 
ATOM 145  C C    . VAL A 1 9   ? -2.695  1.795   -4.408  1.00 0.26  ? 9   VAL A C    1 
ATOM 146  O O    . VAL A 1 9   ? -2.203  2.679   -5.072  1.00 0.25  ? 9   VAL A O    1 
ATOM 147  C CB   . VAL A 1 9   ? -3.479  3.056   -2.410  1.00 0.32  ? 9   VAL A CB   1 
ATOM 148  C CG1  . VAL A 1 9   ? -3.485  3.089   -0.879  1.00 0.37  ? 9   VAL A CG1  1 
ATOM 149  C CG2  . VAL A 1 9   ? -2.824  4.329   -2.946  1.00 0.35  ? 9   VAL A CG2  1 
ATOM 150  H H    . VAL A 1 9   ? -0.703  2.621   -2.683  1.00 0.27  ? 9   VAL A H    1 
ATOM 151  H HA   . VAL A 1 9   ? -3.172  0.953   -2.533  1.00 0.31  ? 9   VAL A HA   1 
ATOM 152  H HB   . VAL A 1 9   ? -4.496  2.992   -2.770  1.00 0.36  ? 9   VAL A HB   1 
ATOM 153  H HG11 . VAL A 1 9   ? -4.395  3.555   -0.534  1.00 1.06  ? 9   VAL A HG11 1 
ATOM 154  H HG12 . VAL A 1 9   ? -2.636  3.654   -0.527  1.00 1.10  ? 9   VAL A HG12 1 
ATOM 155  H HG13 . VAL A 1 9   ? -3.430  2.081   -0.496  1.00 1.10  ? 9   VAL A HG13 1 
ATOM 156  H HG21 . VAL A 1 9   ? -1.754  4.190   -2.998  1.00 1.08  ? 9   VAL A HG21 1 
ATOM 157  H HG22 . VAL A 1 9   ? -3.048  5.154   -2.286  1.00 1.06  ? 9   VAL A HG22 1 
ATOM 158  H HG23 . VAL A 1 9   ? -3.207  4.543   -3.932  1.00 1.02  ? 9   VAL A HG23 1 
ATOM 159  N N    . ARG A 1 10  ? -3.279  0.784   -4.966  1.00 0.28  ? 10  ARG A N    1 
ATOM 160  C CA   . ARG A 1 10  ? -3.337  0.707   -6.438  1.00 0.29  ? 10  ARG A CA   1 
ATOM 161  C C    . ARG A 1 10  ? -4.567  1.464   -6.878  1.00 0.28  ? 10  ARG A C    1 
ATOM 162  O O    . ARG A 1 10  ? -5.656  0.925   -6.888  1.00 0.30  ? 10  ARG A O    1 
ATOM 163  C CB   . ARG A 1 10  ? -3.480  -0.737  -6.870  1.00 0.36  ? 10  ARG A CB   1 
ATOM 164  C CG   . ARG A 1 10  ? -3.403  -0.830  -8.393  1.00 0.45  ? 10  ARG A CG   1 
ATOM 165  C CD   . ARG A 1 10  ? -3.644  -2.266  -8.852  1.00 1.25  ? 10  ARG A CD   1 
ATOM 166  N NE   . ARG A 1 10  ? -3.351  -2.357  -10.311 1.00 1.78  ? 10  ARG A NE   1 
ATOM 167  C CZ   . ARG A 1 10  ? -3.866  -3.321  -11.025 1.00 2.45  ? 10  ARG A CZ   1 
ATOM 168  N NH1  . ARG A 1 10  ? -4.622  -4.223  -10.461 1.00 2.90  ? 10  ARG A NH1  1 
ATOM 169  N NH2  . ARG A 1 10  ? -3.620  -3.382  -12.306 1.00 3.23  ? 10  ARG A NH2  1 
ATOM 170  H H    . ARG A 1 10  ? -3.695  0.087   -4.418  1.00 0.31  ? 10  ARG A H    1 
ATOM 171  H HA   . ARG A 1 10  ? -2.452  1.145   -6.874  1.00 0.31  ? 10  ARG A HA   1 
ATOM 172  H HB2  . ARG A 1 10  ? -2.701  -1.333  -6.422  1.00 0.55  ? 10  ARG A HB2  1 
ATOM 173  H HB3  . ARG A 1 10  ? -4.431  -1.082  -6.548  1.00 0.52  ? 10  ARG A HB3  1 
ATOM 174  H HG2  . ARG A 1 10  ? -4.159  -0.196  -8.827  1.00 1.01  ? 10  ARG A HG2  1 
ATOM 175  H HG3  . ARG A 1 10  ? -2.430  -0.511  -8.717  1.00 1.27  ? 10  ARG A HG3  1 
ATOM 176  H HD2  . ARG A 1 10  ? -2.996  -2.934  -8.307  1.00 1.97  ? 10  ARG A HD2  1 
ATOM 177  H HD3  . ARG A 1 10  ? -4.676  -2.534  -8.673  1.00 1.89  ? 10  ARG A HD3  1 
ATOM 178  H HE   . ARG A 1 10  ? -2.777  -1.688  -10.736 1.00 2.22  ? 10  ARG A HE   1 
ATOM 179  H HH11 . ARG A 1 10  ? -4.808  -4.177  -9.481  1.00 2.78  ? 10  ARG A HH11 1 
ATOM 180  H HH12 . ARG A 1 10  ? -5.014  -4.960  -11.011 1.00 3.69  ? 10  ARG A HH12 1 
ATOM 181  H HH21 . ARG A 1 10  ? -3.039  -2.691  -12.738 1.00 3.47  ? 10  ARG A HH21 1 
ATOM 182  H HH22 . ARG A 1 10  ? -4.013  -4.119  -12.857 1.00 3.84  ? 10  ARG A HH22 1 
ATOM 183  N N    . ASP A 1 11  ? -4.381  2.701   -7.231  1.00 0.37  ? 11  ASP A N    1 
ATOM 184  C CA   . ASP A 1 11  ? -5.499  3.563   -7.680  1.00 0.45  ? 11  ASP A CA   1 
ATOM 185  C C    . ASP A 1 11  ? -5.583  3.518   -9.202  1.00 0.50  ? 11  ASP A C    1 
ATOM 186  O O    . ASP A 1 11  ? -4.661  3.090   -9.865  1.00 0.51  ? 11  ASP A O    1 
ATOM 187  C CB   . ASP A 1 11  ? -5.253  5.003   -7.221  1.00 0.59  ? 11  ASP A CB   1 
ATOM 188  C CG   . ASP A 1 11  ? -6.572  5.778   -7.249  1.00 1.40  ? 11  ASP A CG   1 
ATOM 189  O OD1  . ASP A 1 11  ? -6.966  6.200   -8.323  1.00 2.17  ? 11  ASP A OD1  1 
ATOM 190  O OD2  . ASP A 1 11  ? -7.167  5.933   -6.196  1.00 2.07  ? 11  ASP A OD2  1 
ATOM 191  H H    . ASP A 1 11  ? -3.479  3.073   -7.196  1.00 0.44  ? 11  ASP A H    1 
ATOM 192  H HA   . ASP A 1 11  ? -6.424  3.201   -7.255  1.00 0.42  ? 11  ASP A HA   1 
ATOM 193  H HB2  . ASP A 1 11  ? -4.859  4.998   -6.215  1.00 1.20  ? 11  ASP A HB2  1 
ATOM 194  H HB3  . ASP A 1 11  ? -4.546  5.476   -7.883  1.00 1.02  ? 11  ASP A HB3  1 
ATOM 195  N N    . ASP A 1 12  ? -6.700  3.932   -9.737  1.00 0.58  ? 12  ASP A N    1 
ATOM 196  C CA   . ASP A 1 12  ? -6.921  3.914   -11.222 1.00 0.67  ? 12  ASP A CA   1 
ATOM 197  C C    . ASP A 1 12  ? -7.445  2.539   -11.627 1.00 0.63  ? 12  ASP A C    1 
ATOM 198  O O    . ASP A 1 12  ? -6.863  1.815   -12.411 1.00 0.73  ? 12  ASP A O    1 
ATOM 199  C CB   . ASP A 1 12  ? -5.622  4.235   -11.977 1.00 0.75  ? 12  ASP A CB   1 
ATOM 200  C CG   . ASP A 1 12  ? -5.960  4.913   -13.306 1.00 1.53  ? 12  ASP A CG   1 
ATOM 201  O OD1  . ASP A 1 12  ? -7.023  4.634   -13.837 1.00 2.26  ? 12  ASP A OD1  1 
ATOM 202  O OD2  . ASP A 1 12  ? -5.152  5.700   -13.769 1.00 2.29  ? 12  ASP A OD2  1 
ATOM 203  H H    . ASP A 1 12  ? -7.421  4.236   -9.145  1.00 0.60  ? 12  ASP A H    1 
ATOM 204  H HA   . ASP A 1 12  ? -7.667  4.656   -11.470 1.00 0.74  ? 12  ASP A HA   1 
ATOM 205  H HB2  . ASP A 1 12  ? -5.015  4.899   -11.379 1.00 1.18  ? 12  ASP A HB2  1 
ATOM 206  H HB3  . ASP A 1 12  ? -5.078  3.324   -12.168 1.00 1.41  ? 12  ASP A HB3  1 
ATOM 207  N N    . LEU A 1 13  ? -8.570  2.211   -11.074 1.00 0.60  ? 13  LEU A N    1 
ATOM 208  C CA   . LEU A 1 13  ? -9.254  0.924   -11.343 1.00 0.60  ? 13  LEU A CA   1 
ATOM 209  C C    . LEU A 1 13  ? -10.288 1.153   -12.448 1.00 0.67  ? 13  LEU A C    1 
ATOM 210  O O    . LEU A 1 13  ? -11.310 1.764   -12.221 1.00 0.64  ? 13  LEU A O    1 
ATOM 211  C CB   . LEU A 1 13  ? -9.934  0.442   -10.055 1.00 0.59  ? 13  LEU A CB   1 
ATOM 212  C CG   . LEU A 1 13  ? -10.527 -0.957  -10.251 1.00 1.14  ? 13  LEU A CG   1 
ATOM 213  C CD1  . LEU A 1 13  ? -9.454  -2.019  -10.018 1.00 1.99  ? 13  LEU A CD1  1 
ATOM 214  C CD2  . LEU A 1 13  ? -11.668 -1.158  -9.247  1.00 1.95  ? 13  LEU A CD2  1 
ATOM 215  H H    . LEU A 1 13  ? -8.990  2.841   -10.459 1.00 0.65  ? 13  LEU A H    1 
ATOM 216  H HA   . LEU A 1 13  ? -8.531  0.196   -11.674 1.00 0.67  ? 13  LEU A HA   1 
ATOM 217  H HB2  . LEU A 1 13  ? -9.204  0.412   -9.258  1.00 1.24  ? 13  LEU A HB2  1 
ATOM 218  H HB3  . LEU A 1 13  ? -10.721 1.128   -9.790  1.00 1.25  ? 13  LEU A HB3  1 
ATOM 219  H HG   . LEU A 1 13  ? -10.908 -1.056  -11.253 1.00 1.90  ? 13  LEU A HG   1 
ATOM 220  H HD11 . LEU A 1 13  ? -8.476  -1.602  -10.199 1.00 2.51  ? 13  LEU A HD11 1 
ATOM 221  H HD12 . LEU A 1 13  ? -9.620  -2.851  -10.684 1.00 2.52  ? 13  LEU A HD12 1 
ATOM 222  H HD13 . LEU A 1 13  ? -9.512  -2.359  -9.004  1.00 2.46  ? 13  LEU A HD13 1 
ATOM 223  H HD21 . LEU A 1 13  ? -12.059 -2.160  -9.340  1.00 2.41  ? 13  LEU A HD21 1 
ATOM 224  H HD22 . LEU A 1 13  ? -12.454 -0.444  -9.446  1.00 2.46  ? 13  LEU A HD22 1 
ATOM 225  H HD23 . LEU A 1 13  ? -11.294 -1.010  -8.244  1.00 2.44  ? 13  LEU A HD23 1 
ATOM 226  N N    . LYS A 1 14  ? -9.996  0.720   -13.649 1.00 0.84  ? 14  LYS A N    1 
ATOM 227  C CA   . LYS A 1 14  ? -10.928 0.951   -14.798 1.00 0.96  ? 14  LYS A CA   1 
ATOM 228  C C    . LYS A 1 14  ? -12.380 0.728   -14.352 1.00 0.81  ? 14  LYS A C    1 
ATOM 229  O O    . LYS A 1 14  ? -13.306 1.226   -14.960 1.00 0.94  ? 14  LYS A O    1 
ATOM 230  C CB   . LYS A 1 14  ? -10.607 -0.055  -15.908 1.00 1.17  ? 14  LYS A CB   1 
ATOM 231  C CG   . LYS A 1 14  ? -9.106  -0.016  -16.233 1.00 1.86  ? 14  LYS A CG   1 
ATOM 232  C CD   . LYS A 1 14  ? -8.794  -0.907  -17.447 1.00 2.44  ? 14  LYS A CD   1 
ATOM 233  C CE   . LYS A 1 14  ? -8.598  -2.362  -16.999 1.00 3.27  ? 14  LYS A CE   1 
ATOM 234  N NZ   . LYS A 1 14  ? -7.321  -2.485  -16.242 1.00 3.78  ? 14  LYS A NZ   1 
ATOM 235  H H    . LYS A 1 14  ? -9.140  0.270   -13.803 1.00 0.93  ? 14  LYS A H    1 
ATOM 236  H HA   . LYS A 1 14  ? -10.809 1.956   -15.172 1.00 1.15  ? 14  LYS A HA   1 
ATOM 237  H HB2  . LYS A 1 14  ? -10.885 -1.044  -15.579 1.00 1.51  ? 14  LYS A HB2  1 
ATOM 238  H HB3  . LYS A 1 14  ? -11.174 0.201   -16.791 1.00 1.34  ? 14  LYS A HB3  1 
ATOM 239  H HG2  . LYS A 1 14  ? -8.814  1.000   -16.451 1.00 2.24  ? 14  LYS A HG2  1 
ATOM 240  H HG3  . LYS A 1 14  ? -8.547  -0.372  -15.381 1.00 2.43  ? 14  LYS A HG3  1 
ATOM 241  H HD2  . LYS A 1 14  ? -9.608  -0.857  -18.154 1.00 2.72  ? 14  LYS A HD2  1 
ATOM 242  H HD3  . LYS A 1 14  ? -7.889  -0.559  -17.920 1.00 2.73  ? 14  LYS A HD3  1 
ATOM 243  H HE2  . LYS A 1 14  ? -9.419  -2.666  -16.369 1.00 3.56  ? 14  LYS A HE2  1 
ATOM 244  H HE3  . LYS A 1 14  ? -8.561  -3.002  -17.869 1.00 3.75  ? 14  LYS A HE3  1 
ATOM 245  H HZ1  . LYS A 1 14  ? -6.821  -3.346  -16.544 1.00 4.04  ? 14  LYS A HZ1  1 
ATOM 246  H HZ2  . LYS A 1 14  ? -7.528  -2.543  -15.223 1.00 4.05  ? 14  LYS A HZ2  1 
ATOM 247  H HZ3  . LYS A 1 14  ? -6.724  -1.656  -16.428 1.00 4.13  ? 14  LYS A HZ3  1 
ATOM 248  N N    . LEU A 1 15  ? -12.586 0.011   -13.281 1.00 0.73  ? 15  LEU A N    1 
ATOM 249  C CA   . LEU A 1 15  ? -13.976 -0.206  -12.786 1.00 0.86  ? 15  LEU A CA   1 
ATOM 250  C C    . LEU A 1 15  ? -14.380 0.990   -11.916 1.00 0.71  ? 15  LEU A C    1 
ATOM 251  O O    . LEU A 1 15  ? -13.550 1.761   -11.483 1.00 1.24  ? 15  LEU A O    1 
ATOM 252  C CB   . LEU A 1 15  ? -14.051 -1.503  -11.979 1.00 1.52  ? 15  LEU A CB   1 
ATOM 253  C CG   . LEU A 1 15  ? -14.135 -2.688  -12.944 1.00 2.02  ? 15  LEU A CG   1 
ATOM 254  C CD1  . LEU A 1 15  ? -13.471 -3.915  -12.317 1.00 2.59  ? 15  LEU A CD1  1 
ATOM 255  C CD2  . LEU A 1 15  ? -15.605 -3.001  -13.231 1.00 2.68  ? 15  LEU A CD2  1 
ATOM 256  H H    . LEU A 1 15  ? -11.826 -0.365  -12.790 1.00 0.78  ? 15  LEU A H    1 
ATOM 257  H HA   . LEU A 1 15  ? -14.646 -0.270  -13.631 1.00 1.07  ? 15  LEU A HA   1 
ATOM 258  H HB2  . LEU A 1 15  ? -13.173 -1.596  -11.362 1.00 1.97  ? 15  LEU A HB2  1 
ATOM 259  H HB3  . LEU A 1 15  ? -14.932 -1.488  -11.354 1.00 1.86  ? 15  LEU A HB3  1 
ATOM 260  H HG   . LEU A 1 15  ? -13.631 -2.438  -13.867 1.00 2.50  ? 15  LEU A HG   1 
ATOM 261  H HD11 . LEU A 1 15  ? -13.610 -3.891  -11.249 1.00 2.95  ? 15  LEU A HD11 1 
ATOM 262  H HD12 . LEU A 1 15  ? -12.415 -3.909  -12.545 1.00 2.97  ? 15  LEU A HD12 1 
ATOM 263  H HD13 . LEU A 1 15  ? -13.921 -4.811  -12.719 1.00 3.06  ? 15  LEU A HD13 1 
ATOM 264  H HD21 . LEU A 1 15  ? -15.669 -3.730  -14.026 1.00 2.93  ? 15  LEU A HD21 1 
ATOM 265  H HD22 . LEU A 1 15  ? -16.115 -2.098  -13.529 1.00 3.08  ? 15  LEU A HD22 1 
ATOM 266  H HD23 . LEU A 1 15  ? -16.067 -3.400  -12.340 1.00 3.21  ? 15  LEU A HD23 1 
ATOM 267  N N    . SER A 1 16  ? -15.649 1.177   -11.689 1.00 0.95  ? 16  SER A N    1 
ATOM 268  C CA   . SER A 1 16  ? -16.098 2.353   -10.885 1.00 1.13  ? 16  SER A CA   1 
ATOM 269  C C    . SER A 1 16  ? -15.303 2.465   -9.578  1.00 0.83  ? 16  SER A C    1 
ATOM 270  O O    . SER A 1 16  ? -15.348 1.606   -8.732  1.00 1.16  ? 16  SER A O    1 
ATOM 271  C CB   . SER A 1 16  ? -17.582 2.195   -10.557 1.00 1.89  ? 16  SER A CB   1 
ATOM 272  O OG   . SER A 1 16  ? -18.359 2.625   -11.666 1.00 2.64  ? 16  SER A OG   1 
ATOM 273  H H    . SER A 1 16  ? -16.310 0.561   -12.069 1.00 1.44  ? 16  SER A H    1 
ATOM 274  H HA   . SER A 1 16  ? -15.959 3.252   -11.466 1.00 1.25  ? 16  SER A HA   1 
ATOM 275  H HB2  . SER A 1 16  ? -17.800 1.159   -10.355 1.00 2.09  ? 16  SER A HB2  1 
ATOM 276  H HB3  . SER A 1 16  ? -17.822 2.786   -9.684  1.00 2.26  ? 16  SER A HB3  1 
ATOM 277  H HG   . SER A 1 16  ? -17.846 2.476   -12.463 1.00 2.96  ? 16  SER A HG   1 
ATOM 278  N N    . ARG A 1 17  ? -14.584 3.545   -9.421  1.00 0.62  ? 17  ARG A N    1 
ATOM 279  C CA   . ARG A 1 17  ? -13.785 3.781   -8.176  1.00 0.65  ? 17  ARG A CA   1 
ATOM 280  C C    . ARG A 1 17  ? -14.646 4.463   -7.104  1.00 0.69  ? 17  ARG A C    1 
ATOM 281  O O    . ARG A 1 17  ? -14.131 4.965   -6.126  1.00 0.83  ? 17  ARG A O    1 
ATOM 282  C CB   . ARG A 1 17  ? -12.602 4.699   -8.487  1.00 1.03  ? 17  ARG A CB   1 
ATOM 283  C CG   . ARG A 1 17  ? -11.454 3.902   -9.107  1.00 1.46  ? 17  ARG A CG   1 
ATOM 284  C CD   . ARG A 1 17  ? -10.335 4.863   -9.524  1.00 1.51  ? 17  ARG A CD   1 
ATOM 285  N NE   . ARG A 1 17  ? -10.217 5.964   -8.525  1.00 2.14  ? 17  ARG A NE   1 
ATOM 286  C CZ   . ARG A 1 17  ? -9.677  7.102   -8.868  1.00 2.56  ? 17  ARG A CZ   1 
ATOM 287  N NH1  . ARG A 1 17  ? -9.216  7.269   -10.078 1.00 2.69  ? 17  ARG A NH1  1 
ATOM 288  N NH2  . ARG A 1 17  ? -9.595  8.071   -7.999  1.00 3.44  ? 17  ARG A NH2  1 
ATOM 289  H H    . ARG A 1 17  ? -14.581 4.224   -10.127 1.00 0.84  ? 17  ARG A H    1 
ATOM 290  H HA   . ARG A 1 17  ? -13.417 2.838   -7.800  1.00 0.86  ? 17  ARG A HA   1 
ATOM 291  H HB2  . ARG A 1 17  ? -12.918 5.467   -9.178  1.00 1.58  ? 17  ARG A HB2  1 
ATOM 292  H HB3  . ARG A 1 17  ? -12.265 5.158   -7.570  1.00 1.68  ? 17  ARG A HB3  1 
ATOM 293  H HG2  . ARG A 1 17  ? -11.072 3.197   -8.382  1.00 2.12  ? 17  ARG A HG2  1 
ATOM 294  H HG3  . ARG A 1 17  ? -11.810 3.369   -9.975  1.00 2.08  ? 17  ARG A HG3  1 
ATOM 295  H HD2  . ARG A 1 17  ? -9.400  4.330   -9.572  1.00 1.83  ? 17  ARG A HD2  1 
ATOM 296  H HD3  . ARG A 1 17  ? -10.562 5.279   -10.494 1.00 1.81  ? 17  ARG A HD3  1 
ATOM 297  H HE   . ARG A 1 17  ? -10.553 5.836   -7.614  1.00 2.72  ? 17  ARG A HE   1 
ATOM 298  H HH11 . ARG A 1 17  ? -9.275  6.526   -10.743 1.00 2.51  ? 17  ARG A HH11 1 
ATOM 299  H HH12 . ARG A 1 17  ? -8.805  8.142   -10.338 1.00 3.36  ? 17  ARG A HH12 1 
ATOM 300  H HH21 . ARG A 1 17  ? -9.945  7.943   -7.071  1.00 3.88  ? 17  ARG A HH21 1 
ATOM 301  H HH22 . ARG A 1 17  ? -9.183  8.944   -8.261  1.00 3.91  ? 17  ARG A HH22 1 
ATOM 302  N N    . GLY A 1 18  ? -15.935 4.541   -7.291  1.00 0.80  ? 18  GLY A N    1 
ATOM 303  C CA   . GLY A 1 18  ? -16.776 5.256   -6.291  1.00 1.03  ? 18  GLY A CA   1 
ATOM 304  C C    . GLY A 1 18  ? -16.972 4.396   -5.054  1.00 0.76  ? 18  GLY A C    1 
ATOM 305  O O    . GLY A 1 18  ? -16.388 4.635   -4.017  1.00 0.76  ? 18  GLY A O    1 
ATOM 306  H H    . GLY A 1 18  ? -16.347 4.152   -8.086  1.00 0.84  ? 18  GLY A H    1 
ATOM 307  H HA2  . GLY A 1 18  ? -16.292 6.179   -6.013  1.00 1.26  ? 18  GLY A HA2  1 
ATOM 308  H HA3  . GLY A 1 18  ? -17.740 5.474   -6.727  1.00 1.31  ? 18  GLY A HA3  1 
ATOM 309  N N    . LYS A 1 19  ? -17.798 3.406   -5.154  1.00 0.76  ? 19  LYS A N    1 
ATOM 310  C CA   . LYS A 1 19  ? -18.050 2.534   -3.987  1.00 0.75  ? 19  LYS A CA   1 
ATOM 311  C C    . LYS A 1 19  ? -16.813 1.680   -3.691  1.00 0.59  ? 19  LYS A C    1 
ATOM 312  O O    . LYS A 1 19  ? -16.528 1.366   -2.553  1.00 0.64  ? 19  LYS A O    1 
ATOM 313  C CB   . LYS A 1 19  ? -19.257 1.630   -4.300  1.00 1.07  ? 19  LYS A CB   1 
ATOM 314  C CG   . LYS A 1 19  ? -19.060 0.246   -3.673  1.00 0.99  ? 19  LYS A CG   1 
ATOM 315  C CD   . LYS A 1 19  ? -20.372 -0.536  -3.691  1.00 1.59  ? 19  LYS A CD   1 
ATOM 316  C CE   . LYS A 1 19  ? -20.140 -1.945  -3.123  1.00 1.87  ? 19  LYS A CE   1 
ATOM 317  N NZ   . LYS A 1 19  ? -18.962 -1.955  -2.209  1.00 2.63  ? 19  LYS A NZ   1 
ATOM 318  H H    . LYS A 1 19  ? -18.264 3.238   -6.000  1.00 0.92  ? 19  LYS A H    1 
ATOM 319  H HA   . LYS A 1 19  ? -18.276 3.144   -3.127  1.00 0.82  ? 19  LYS A HA   1 
ATOM 320  H HB2  . LYS A 1 19  ? -20.154 2.079   -3.898  1.00 1.63  ? 19  LYS A HB2  1 
ATOM 321  H HB3  . LYS A 1 19  ? -19.359 1.524   -5.370  1.00 1.50  ? 19  LYS A HB3  1 
ATOM 322  H HG2  . LYS A 1 19  ? -18.322 -0.307  -4.243  1.00 1.34  ? 19  LYS A HG2  1 
ATOM 323  H HG3  . LYS A 1 19  ? -18.734 0.365   -2.654  1.00 1.20  ? 19  LYS A HG3  1 
ATOM 324  H HD2  . LYS A 1 19  ? -21.106 -0.021  -3.089  1.00 2.10  ? 19  LYS A HD2  1 
ATOM 325  H HD3  . LYS A 1 19  ? -20.728 -0.616  -4.706  1.00 2.16  ? 19  LYS A HD3  1 
ATOM 326  H HE2  . LYS A 1 19  ? -21.012 -2.256  -2.574  1.00 2.23  ? 19  LYS A HE2  1 
ATOM 327  H HE3  . LYS A 1 19  ? -19.963 -2.631  -3.935  1.00 2.13  ? 19  LYS A HE3  1 
ATOM 328  H HZ1  . LYS A 1 19  ? -18.996 -1.120  -1.590  1.00 3.08  ? 19  LYS A HZ1  1 
ATOM 329  H HZ2  . LYS A 1 19  ? -18.087 -1.937  -2.771  1.00 3.05  ? 19  LYS A HZ2  1 
ATOM 330  H HZ3  . LYS A 1 19  ? -18.983 -2.816  -1.627  1.00 2.98  ? 19  LYS A HZ3  1 
ATOM 331  N N    . LEU A 1 20  ? -16.104 1.265   -4.694  1.00 0.55  ? 20  LEU A N    1 
ATOM 332  C CA   . LEU A 1 20  ? -14.932 0.397   -4.439  1.00 0.52  ? 20  LEU A CA   1 
ATOM 333  C C    . LEU A 1 20  ? -13.935 1.156   -3.569  1.00 0.48  ? 20  LEU A C    1 
ATOM 334  O O    . LEU A 1 20  ? -13.362 0.611   -2.647  1.00 0.58  ? 20  LEU A O    1 
ATOM 335  C CB   . LEU A 1 20  ? -14.279 -0.007  -5.772  1.00 0.56  ? 20  LEU A CB   1 
ATOM 336  C CG   . LEU A 1 20  ? -15.093 -1.083  -6.546  1.00 0.82  ? 20  LEU A CG   1 
ATOM 337  C CD1  . LEU A 1 20  ? -15.357 -2.331  -5.671  1.00 1.56  ? 20  LEU A CD1  1 
ATOM 338  C CD2  . LEU A 1 20  ? -16.414 -0.503  -7.116  1.00 1.67  ? 20  LEU A CD2  1 
ATOM 339  H H    . LEU A 1 20  ? -16.350 1.506   -5.601  1.00 0.63  ? 20  LEU A H    1 
ATOM 340  H HA   . LEU A 1 20  ? -15.250 -0.475  -3.900  1.00 0.61  ? 20  LEU A HA   1 
ATOM 341  H HB2  . LEU A 1 20  ? -14.185 0.871   -6.393  1.00 0.69  ? 20  LEU A HB2  1 
ATOM 342  H HB3  . LEU A 1 20  ? -13.291 -0.395  -5.570  1.00 0.75  ? 20  LEU A HB3  1 
ATOM 343  H HG   . LEU A 1 20  ? -14.485 -1.392  -7.380  1.00 1.07  ? 20  LEU A HG   1 
ATOM 344  H HD11 . LEU A 1 20  ? -16.250 -2.210  -5.077  1.00 2.02  ? 20  LEU A HD11 1 
ATOM 345  H HD12 . LEU A 1 20  ? -14.524 -2.480  -5.011  1.00 2.12  ? 20  LEU A HD12 1 
ATOM 346  H HD13 . LEU A 1 20  ? -15.466 -3.197  -6.309  1.00 2.06  ? 20  LEU A HD13 1 
ATOM 347  H HD21 . LEU A 1 20  ? -16.436 0.553   -6.975  1.00 2.17  ? 20  LEU A HD21 1 
ATOM 348  H HD22 . LEU A 1 20  ? -17.271 -0.941  -6.635  1.00 2.17  ? 20  LEU A HD22 1 
ATOM 349  H HD23 . LEU A 1 20  ? -16.460 -0.716  -8.173  1.00 2.19  ? 20  LEU A HD23 1 
ATOM 350  N N    . ALA A 1 21  ? -13.746 2.412   -3.829  1.00 0.43  ? 21  ALA A N    1 
ATOM 351  C CA   . ALA A 1 21  ? -12.808 3.201   -2.990  1.00 0.48  ? 21  ALA A CA   1 
ATOM 352  C C    . ALA A 1 21  ? -13.389 3.297   -1.576  1.00 0.48  ? 21  ALA A C    1 
ATOM 353  O O    . ALA A 1 21  ? -12.672 3.302   -0.596  1.00 0.52  ? 21  ALA A O    1 
ATOM 354  C CB   . ALA A 1 21  ? -12.647 4.606   -3.576  1.00 0.57  ? 21  ALA A CB   1 
ATOM 355  H H    . ALA A 1 21  ? -14.233 2.838   -4.562  1.00 0.43  ? 21  ALA A H    1 
ATOM 356  H HA   . ALA A 1 21  ? -11.849 2.708   -2.956  1.00 0.51  ? 21  ALA A HA   1 
ATOM 357  H HB1  . ALA A 1 21  ? -12.044 5.206   -2.910  1.00 1.08  ? 21  ALA A HB1  1 
ATOM 358  H HB2  . ALA A 1 21  ? -13.619 5.061   -3.692  1.00 1.21  ? 21  ALA A HB2  1 
ATOM 359  H HB3  . ALA A 1 21  ? -12.162 4.541   -4.539  1.00 1.11  ? 21  ALA A HB3  1 
ATOM 360  N N    . VAL A 1 22  ? -14.690 3.374   -1.470  1.00 0.50  ? 22  VAL A N    1 
ATOM 361  C CA   . VAL A 1 22  ? -15.328 3.470   -0.127  1.00 0.56  ? 22  VAL A CA   1 
ATOM 362  C C    . VAL A 1 22  ? -15.097 2.178   0.663   1.00 0.51  ? 22  VAL A C    1 
ATOM 363  O O    . VAL A 1 22  ? -14.623 2.209   1.780   1.00 0.54  ? 22  VAL A O    1 
ATOM 364  C CB   . VAL A 1 22  ? -16.830 3.702   -0.290  1.00 0.64  ? 22  VAL A CB   1 
ATOM 365  C CG1  . VAL A 1 22  ? -17.529 3.486   1.052   1.00 0.73  ? 22  VAL A CG1  1 
ATOM 366  C CG2  . VAL A 1 22  ? -17.073 5.138   -0.762  1.00 0.72  ? 22  VAL A CG2  1 
ATOM 367  H H    . VAL A 1 22  ? -15.247 3.368   -2.276  1.00 0.50  ? 22  VAL A H    1 
ATOM 368  H HA   . VAL A 1 22  ? -14.896 4.300   0.414   1.00 0.62  ? 22  VAL A HA   1 
ATOM 369  H HB   . VAL A 1 22  ? -17.226 3.010   -1.018  1.00 0.61  ? 22  VAL A HB   1 
ATOM 370  H HG11 . VAL A 1 22  ? -18.435 4.072   1.086   1.00 1.34  ? 22  VAL A HG11 1 
ATOM 371  H HG12 . VAL A 1 22  ? -16.873 3.789   1.854   1.00 1.23  ? 22  VAL A HG12 1 
ATOM 372  H HG13 . VAL A 1 22  ? -17.773 2.438   1.165   1.00 1.21  ? 22  VAL A HG13 1 
ATOM 373  H HG21 . VAL A 1 22  ? -16.709 5.829   -0.016  1.00 1.29  ? 22  VAL A HG21 1 
ATOM 374  H HG22 . VAL A 1 22  ? -18.131 5.294   -0.911  1.00 1.21  ? 22  VAL A HG22 1 
ATOM 375  H HG23 . VAL A 1 22  ? -16.550 5.304   -1.692  1.00 1.25  ? 22  VAL A HG23 1 
ATOM 376  N N    . GLN A 1 23  ? -15.427 1.041   0.103   1.00 0.47  ? 23  GLN A N    1 
ATOM 377  C CA   . GLN A 1 23  ? -15.214 -0.228  0.854   1.00 0.47  ? 23  GLN A CA   1 
ATOM 378  C C    . GLN A 1 23  ? -13.729 -0.398  1.176   1.00 0.42  ? 23  GLN A C    1 
ATOM 379  O O    . GLN A 1 23  ? -13.360 -0.774  2.271   1.00 0.42  ? 23  GLN A O    1 
ATOM 380  C CB   . GLN A 1 23  ? -15.694 -1.409  0.001   1.00 0.52  ? 23  GLN A CB   1 
ATOM 381  C CG   . GLN A 1 23  ? -15.244 -2.740  0.627   1.00 0.77  ? 23  GLN A CG   1 
ATOM 382  C CD   . GLN A 1 23  ? -15.562 -2.755  2.125   1.00 0.68  ? 23  GLN A CD   1 
ATOM 383  O OE1  . GLN A 1 23  ? -16.713 -2.785  2.513   1.00 1.65  ? 23  GLN A OE1  1 
ATOM 384  N NE2  . GLN A 1 23  ? -14.582 -2.737  2.992   1.00 0.55  ? 23  GLN A NE2  1 
ATOM 385  H H    . GLN A 1 23  ? -15.820 1.020   -0.802  1.00 0.47  ? 23  GLN A H    1 
ATOM 386  H HA   . GLN A 1 23  ? -15.780 -0.193  1.772   1.00 0.52  ? 23  GLN A HA   1 
ATOM 387  H HB2  . GLN A 1 23  ? -16.772 -1.387  -0.064  1.00 0.61  ? 23  GLN A HB2  1 
ATOM 388  H HB3  . GLN A 1 23  ? -15.275 -1.322  -0.993  1.00 0.53  ? 23  GLN A HB3  1 
ATOM 389  H HG2  . GLN A 1 23  ? -15.765 -3.553  0.143   1.00 1.43  ? 23  GLN A HG2  1 
ATOM 390  H HG3  . GLN A 1 23  ? -14.181 -2.867  0.485   1.00 1.31  ? 23  GLN A HG3  1 
ATOM 391  H HE21 . GLN A 1 23  ? -13.652 -2.713  2.681   1.00 1.05  ? 23  GLN A HE21 1 
ATOM 392  H HE22 . GLN A 1 23  ? -14.775 -2.745  3.954   1.00 0.86  ? 23  GLN A HE22 1 
ATOM 393  N N    . VAL A 1 24  ? -12.876 -0.136  0.230   1.00 0.40  ? 24  VAL A N    1 
ATOM 394  C CA   . VAL A 1 24  ? -11.416 -0.292  0.479   1.00 0.40  ? 24  VAL A CA   1 
ATOM 395  C C    . VAL A 1 24  ? -10.963 0.681   1.564   1.00 0.37  ? 24  VAL A C    1 
ATOM 396  O O    . VAL A 1 24  ? -10.172 0.337   2.421   1.00 0.37  ? 24  VAL A O    1 
ATOM 397  C CB   . VAL A 1 24  ? -10.654 -0.012  -0.815  1.00 0.45  ? 24  VAL A CB   1 
ATOM 398  C CG1  . VAL A 1 24  ? -9.144  0.011   -0.533  1.00 0.53  ? 24  VAL A CG1  1 
ATOM 399  C CG2  . VAL A 1 24  ? -10.981 -1.114  -1.836  1.00 0.54  ? 24  VAL A CG2  1 
ATOM 400  H H    . VAL A 1 24  ? -13.193 0.160   -0.649  1.00 0.41  ? 24  VAL A H    1 
ATOM 401  H HA   . VAL A 1 24  ? -11.214 -1.302  0.805   1.00 0.42  ? 24  VAL A HA   1 
ATOM 402  H HB   . VAL A 1 24  ? -10.963 0.948   -1.207  1.00 0.44  ? 24  VAL A HB   1 
ATOM 403  H HG11 . VAL A 1 24  ? -8.869  -0.868  0.031   1.00 1.13  ? 24  VAL A HG11 1 
ATOM 404  H HG12 . VAL A 1 24  ? -8.890  0.896   0.032   1.00 1.24  ? 24  VAL A HG12 1 
ATOM 405  H HG13 . VAL A 1 24  ? -8.603  0.025   -1.460  1.00 1.06  ? 24  VAL A HG13 1 
ATOM 406  H HG21 . VAL A 1 24  ? -10.085 -1.663  -2.081  1.00 1.19  ? 24  VAL A HG21 1 
ATOM 407  H HG22 . VAL A 1 24  ? -11.384 -0.666  -2.729  1.00 1.19  ? 24  VAL A HG22 1 
ATOM 408  H HG23 . VAL A 1 24  ? -11.712 -1.790  -1.419  1.00 1.10  ? 24  VAL A HG23 1 
ATOM 409  N N    . ALA A 1 25  ? -11.444 1.891   1.544   1.00 0.39  ? 25  ALA A N    1 
ATOM 410  C CA   . ALA A 1 25  ? -11.010 2.853   2.587   1.00 0.43  ? 25  ALA A CA   1 
ATOM 411  C C    . ALA A 1 25  ? -11.359 2.262   3.947   1.00 0.40  ? 25  ALA A C    1 
ATOM 412  O O    . ALA A 1 25  ? -10.566 2.282   4.867   1.00 0.43  ? 25  ALA A O    1 
ATOM 413  C CB   . ALA A 1 25  ? -11.735 4.187   2.397   1.00 0.49  ? 25  ALA A CB   1 
ATOM 414  H H    . ALA A 1 25  ? -12.078 2.163   0.849   1.00 0.41  ? 25  ALA A H    1 
ATOM 415  H HA   . ALA A 1 25  ? -9.940  3.003   2.520   1.00 0.46  ? 25  ALA A HA   1 
ATOM 416  H HB1  . ALA A 1 25  ? -12.602 4.039   1.771   1.00 1.18  ? 25  ALA A HB1  1 
ATOM 417  H HB2  . ALA A 1 25  ? -11.069 4.896   1.928   1.00 1.15  ? 25  ALA A HB2  1 
ATOM 418  H HB3  . ALA A 1 25  ? -12.048 4.567   3.358   1.00 1.05  ? 25  ALA A HB3  1 
ATOM 419  N N    . HIS A 1 26  ? -12.526 1.701   4.073   1.00 0.41  ? 26  HIS A N    1 
ATOM 420  C CA   . HIS A 1 26  ? -12.896 1.079   5.369   1.00 0.44  ? 26  HIS A CA   1 
ATOM 421  C C    . HIS A 1 26  ? -11.963 -0.105  5.613   1.00 0.38  ? 26  HIS A C    1 
ATOM 422  O O    . HIS A 1 26  ? -11.378 -0.238  6.666   1.00 0.41  ? 26  HIS A O    1 
ATOM 423  C CB   . HIS A 1 26  ? -14.345 0.592   5.320   1.00 0.50  ? 26  HIS A CB   1 
ATOM 424  C CG   . HIS A 1 26  ? -15.272 1.764   5.488   1.00 1.03  ? 26  HIS A CG   1 
ATOM 425  N ND1  . HIS A 1 26  ? -15.060 2.739   6.449   1.00 1.87  ? 26  HIS A ND1  1 
ATOM 426  C CD2  . HIS A 1 26  ? -16.423 2.126   4.834   1.00 1.54  ? 26  HIS A CD2  1 
ATOM 427  C CE1  . HIS A 1 26  ? -16.059 3.634   6.348   1.00 2.42  ? 26  HIS A CE1  1 
ATOM 428  N NE2  . HIS A 1 26  ? -16.919 3.307   5.378   1.00 2.22  ? 26  HIS A NE2  1 
ATOM 429  H H    . HIS A 1 26  ? -13.143 1.667   3.313   1.00 0.42  ? 26  HIS A H    1 
ATOM 430  H HA   . HIS A 1 26  ? -12.779 1.801   6.163   1.00 0.49  ? 26  HIS A HA   1 
ATOM 431  H HB2  . HIS A 1 26  ? -14.533 0.118   4.368   1.00 0.75  ? 26  HIS A HB2  1 
ATOM 432  H HB3  . HIS A 1 26  ? -14.514 -0.118  6.115   1.00 0.94  ? 26  HIS A HB3  1 
ATOM 433  H HD1  . HIS A 1 26  ? -14.316 2.772   7.087   1.00 2.24  ? 26  HIS A HD1  1 
ATOM 434  H HD2  . HIS A 1 26  ? -16.875 1.577   4.021   1.00 1.82  ? 26  HIS A HD2  1 
ATOM 435  H HE1  . HIS A 1 26  ? -16.157 4.508   6.974   1.00 3.16  ? 26  HIS A HE1  1 
ATOM 436  N N    . ALA A 1 27  ? -11.810 -0.957  4.632   1.00 0.33  ? 27  ALA A N    1 
ATOM 437  C CA   . ALA A 1 27  ? -10.908 -2.133  4.792   1.00 0.31  ? 27  ALA A CA   1 
ATOM 438  C C    . ALA A 1 27  ? -9.477  -1.651  5.019   1.00 0.29  ? 27  ALA A C    1 
ATOM 439  O O    . ALA A 1 27  ? -8.713  -2.265  5.739   1.00 0.29  ? 27  ALA A O    1 
ATOM 440  C CB   . ALA A 1 27  ? -10.959 -2.991  3.527   1.00 0.33  ? 27  ALA A CB   1 
ATOM 441  H H    . ALA A 1 27  ? -12.286 -0.818  3.786   1.00 0.34  ? 27  ALA A H    1 
ATOM 442  H HA   . ALA A 1 27  ? -11.230 -2.721  5.639   1.00 0.35  ? 27  ALA A HA   1 
ATOM 443  H HB1  . ALA A 1 27  ? -10.968 -4.037  3.801   1.00 1.13  ? 27  ALA A HB1  1 
ATOM 444  H HB2  . ALA A 1 27  ? -10.089 -2.788  2.919   1.00 1.02  ? 27  ALA A HB2  1 
ATOM 445  H HB3  . ALA A 1 27  ? -11.852 -2.757  2.967   1.00 1.03  ? 27  ALA A HB3  1 
ATOM 446  N N    . ALA A 1 28  ? -9.104  -0.555  4.417   1.00 0.30  ? 28  ALA A N    1 
ATOM 447  C CA   . ALA A 1 28  ? -7.720  -0.048  4.614   1.00 0.32  ? 28  ALA A CA   1 
ATOM 448  C C    . ALA A 1 28  ? -7.497  0.181   6.107   1.00 0.32  ? 28  ALA A C    1 
ATOM 449  O O    . ALA A 1 28  ? -6.431  -0.068  6.636   1.00 0.32  ? 28  ALA A O    1 
ATOM 450  C CB   . ALA A 1 28  ? -7.542  1.271   3.856   1.00 0.38  ? 28  ALA A CB   1 
ATOM 451  H H    . ALA A 1 28  ? -9.730  -0.069  3.842   1.00 0.32  ? 28  ALA A H    1 
ATOM 452  H HA   . ALA A 1 28  ? -7.012  -0.774  4.247   1.00 0.32  ? 28  ALA A HA   1 
ATOM 453  H HB1  . ALA A 1 28  ? -7.449  1.068   2.799   1.00 1.01  ? 28  ALA A HB1  1 
ATOM 454  H HB2  . ALA A 1 28  ? -6.650  1.769   4.207   1.00 1.09  ? 28  ALA A HB2  1 
ATOM 455  H HB3  . ALA A 1 28  ? -8.399  1.904   4.027   1.00 1.06  ? 28  ALA A HB3  1 
ATOM 456  N N    . ILE A 1 29  ? -8.506  0.641   6.793   1.00 0.34  ? 29  ILE A N    1 
ATOM 457  C CA   . ILE A 1 29  ? -8.372  0.875   8.259   1.00 0.38  ? 29  ILE A CA   1 
ATOM 458  C C    . ILE A 1 29  ? -8.321  -0.475  8.974   1.00 0.34  ? 29  ILE A C    1 
ATOM 459  O O    . ILE A 1 29  ? -7.473  -0.712  9.812   1.00 0.35  ? 29  ILE A O    1 
ATOM 460  C CB   . ILE A 1 29  ? -9.575  1.681   8.761   1.00 0.45  ? 29  ILE A CB   1 
ATOM 461  C CG1  . ILE A 1 29  ? -9.652  3.004   7.978   1.00 0.49  ? 29  ILE A CG1  1 
ATOM 462  C CG2  . ILE A 1 29  ? -9.407  1.960   10.265  1.00 0.51  ? 29  ILE A CG2  1 
ATOM 463  C CD1  . ILE A 1 29  ? -10.995 3.708   8.232   1.00 1.31  ? 29  ILE A CD1  1 
ATOM 464  H H    . ILE A 1 29  ? -9.357  0.821   6.343   1.00 0.35  ? 29  ILE A H    1 
ATOM 465  H HA   . ILE A 1 29  ? -7.463  1.423   8.454   1.00 0.40  ? 29  ILE A HA   1 
ATOM 466  H HB   . ILE A 1 29  ? -10.476 1.107   8.602   1.00 0.48  ? 29  ILE A HB   1 
ATOM 467  H HG12 . ILE A 1 29  ? -8.844  3.651   8.281   1.00 1.03  ? 29  ILE A HG12 1 
ATOM 468  H HG13 . ILE A 1 29  ? -9.558  2.796   6.924   1.00 0.96  ? 29  ILE A HG13 1 
ATOM 469  H HG21 . ILE A 1 29  ? -8.471  1.546   10.606  1.00 1.13  ? 29  ILE A HG21 1 
ATOM 470  H HG22 . ILE A 1 29  ? -10.219 1.500   10.808  1.00 1.08  ? 29  ILE A HG22 1 
ATOM 471  H HG23 . ILE A 1 29  ? -9.412  3.022   10.449  1.00 1.19  ? 29  ILE A HG23 1 
ATOM 472  H HD11 . ILE A 1 29  ? -10.981 4.189   9.196   1.00 1.80  ? 29  ILE A HD11 1 
ATOM 473  H HD12 . ILE A 1 29  ? -11.797 2.985   8.203   1.00 1.95  ? 29  ILE A HD12 1 
ATOM 474  H HD13 . ILE A 1 29  ? -11.158 4.450   7.465   1.00 1.87  ? 29  ILE A HD13 1 
ATOM 475  N N    . ILE A 1 30  ? -9.218  -1.367  8.646   1.00 0.34  ? 30  ILE A N    1 
ATOM 476  C CA   . ILE A 1 30  ? -9.207  -2.701  9.308   1.00 0.36  ? 30  ILE A CA   1 
ATOM 477  C C    . ILE A 1 30  ? -7.876  -3.371  8.995   1.00 0.32  ? 30  ILE A C    1 
ATOM 478  O O    . ILE A 1 30  ? -7.255  -3.982  9.842   1.00 0.37  ? 30  ILE A O    1 
ATOM 479  C CB   . ILE A 1 30  ? -10.352 -3.571  8.762   1.00 0.41  ? 30  ILE A CB   1 
ATOM 480  C CG1  . ILE A 1 30  ? -11.691 -2.809  8.813   1.00 0.52  ? 30  ILE A CG1  1 
ATOM 481  C CG2  . ILE A 1 30  ? -10.453 -4.866  9.582   1.00 0.51  ? 30  ILE A CG2  1 
ATOM 482  C CD1  . ILE A 1 30  ? -11.816 -1.991  10.102  1.00 0.72  ? 30  ILE A CD1  1 
ATOM 483  H H    . ILE A 1 30  ? -9.891  -1.161  7.964   1.00 0.35  ? 30  ILE A H    1 
ATOM 484  H HA   . ILE A 1 30  ? -9.301  -2.582  10.375  1.00 0.40  ? 30  ILE A HA   1 
ATOM 485  H HB   . ILE A 1 30  ? -10.134 -3.827  7.733   1.00 0.47  ? 30  ILE A HB   1 
ATOM 486  H HG12 . ILE A 1 30  ? -11.748 -2.145  7.969   1.00 0.86  ? 30  ILE A HG12 1 
ATOM 487  H HG13 . ILE A 1 30  ? -12.509 -3.513  8.759   1.00 1.01  ? 30  ILE A HG13 1 
ATOM 488  H HG21 . ILE A 1 30  ? -11.291 -4.813  10.259  1.00 1.09  ? 30  ILE A HG21 1 
ATOM 489  H HG22 . ILE A 1 30  ? -9.546  -5.006  10.150  1.00 1.17  ? 30  ILE A HG22 1 
ATOM 490  H HG23 . ILE A 1 30  ? -10.587 -5.702  8.913   1.00 1.16  ? 30  ILE A HG23 1 
ATOM 491  H HD11 . ILE A 1 30  ? -11.562 -2.603  10.951  1.00 1.30  ? 30  ILE A HD11 1 
ATOM 492  H HD12 . ILE A 1 30  ? -12.833 -1.643  10.203  1.00 1.27  ? 30  ILE A HD12 1 
ATOM 493  H HD13 . ILE A 1 30  ? -11.152 -1.140  10.057  1.00 1.32  ? 30  ILE A HD13 1 
ATOM 494  N N    . GLY A 1 31  ? -7.429  -3.247  7.783   1.00 0.28  ? 31  GLY A N    1 
ATOM 495  C CA   . GLY A 1 31  ? -6.127  -3.860  7.405   1.00 0.30  ? 31  GLY A CA   1 
ATOM 496  C C    . GLY A 1 31  ? -5.009  -3.141  8.159   1.00 0.29  ? 31  GLY A C    1 
ATOM 497  O O    . GLY A 1 31  ? -4.119  -3.750  8.730   1.00 0.32  ? 31  GLY A O    1 
ATOM 498  H H    . GLY A 1 31  ? -7.947  -2.736  7.123   1.00 0.26  ? 31  GLY A H    1 
ATOM 499  H HA2  . GLY A 1 31  ? -6.133  -4.908  7.666   1.00 0.34  ? 31  GLY A HA2  1 
ATOM 500  H HA3  . GLY A 1 31  ? -5.972  -3.749  6.344   1.00 0.32  ? 31  GLY A HA3  1 
ATOM 501  N N    . TYR A 1 32  ? -5.065  -1.841  8.171   1.00 0.27  ? 32  TYR A N    1 
ATOM 502  C CA   . TYR A 1 32  ? -4.034  -1.050  8.883   1.00 0.30  ? 32  TYR A CA   1 
ATOM 503  C C    . TYR A 1 32  ? -4.082  -1.395  10.369  1.00 0.29  ? 32  TYR A C    1 
ATOM 504  O O    . TYR A 1 32  ? -3.079  -1.717  10.963  1.00 0.31  ? 32  TYR A O    1 
ATOM 505  C CB   . TYR A 1 32  ? -4.340  0.438   8.678   1.00 0.35  ? 32  TYR A CB   1 
ATOM 506  C CG   . TYR A 1 32  ? -3.342  1.301   9.408   1.00 0.43  ? 32  TYR A CG   1 
ATOM 507  C CD1  . TYR A 1 32  ? -3.518  1.581   10.768  1.00 0.52  ? 32  TYR A CD1  1 
ATOM 508  C CD2  . TYR A 1 32  ? -2.258  1.848   8.718   1.00 0.67  ? 32  TYR A CD2  1 
ATOM 509  C CE1  . TYR A 1 32  ? -2.606  2.406   11.437  1.00 0.63  ? 32  TYR A CE1  1 
ATOM 510  C CE2  . TYR A 1 32  ? -1.346  2.671   9.387   1.00 0.80  ? 32  TYR A CE2  1 
ATOM 511  C CZ   . TYR A 1 32  ? -1.519  2.950   10.745  1.00 0.71  ? 32  TYR A CZ   1 
ATOM 512  O OH   . TYR A 1 32  ? -0.618  3.764   11.401  1.00 0.86  ? 32  TYR A OH   1 
ATOM 513  H H    . TYR A 1 32  ? -5.795  -1.384  7.712   1.00 0.27  ? 32  TYR A H    1 
ATOM 514  H HA   . TYR A 1 32  ? -3.058  -1.278  8.487   1.00 0.36  ? 32  TYR A HA   1 
ATOM 515  H HB2  . TYR A 1 32  ? -4.294  0.668   7.622   1.00 0.39  ? 32  TYR A HB2  1 
ATOM 516  H HB3  . TYR A 1 32  ? -5.329  0.652   9.045   1.00 0.37  ? 32  TYR A HB3  1 
ATOM 517  H HD1  . TYR A 1 32  ? -4.355  1.158   11.303  1.00 0.65  ? 32  TYR A HD1  1 
ATOM 518  H HD2  . TYR A 1 32  ? -2.122  1.634   7.669   1.00 0.84  ? 32  TYR A HD2  1 
ATOM 519  H HE1  . TYR A 1 32  ? -2.743  2.625   12.485  1.00 0.78  ? 32  TYR A HE1  1 
ATOM 520  H HE2  . TYR A 1 32  ? -0.512  3.093   8.853   1.00 1.04  ? 32  TYR A HE2  1 
ATOM 521  H HH   . TYR A 1 32  ? -0.100  4.227   10.739  1.00 1.34  ? 32  TYR A HH   1 
ATOM 522  N N    . LEU A 1 33  ? -5.247  -1.356  10.963  1.00 0.30  ? 33  LEU A N    1 
ATOM 523  C CA   . LEU A 1 33  ? -5.361  -1.692  12.415  1.00 0.34  ? 33  LEU A CA   1 
ATOM 524  C C    . LEU A 1 33  ? -4.910  -3.127  12.665  1.00 0.34  ? 33  LEU A C    1 
ATOM 525  O O    . LEU A 1 33  ? -4.350  -3.437  13.698  1.00 0.39  ? 33  LEU A O    1 
ATOM 526  C CB   . LEU A 1 33  ? -6.817  -1.528  12.871  1.00 0.38  ? 33  LEU A CB   1 
ATOM 527  C CG   . LEU A 1 33  ? -7.184  -0.039  12.939  1.00 0.78  ? 33  LEU A CG   1 
ATOM 528  C CD1  . LEU A 1 33  ? -8.679  0.102   13.224  1.00 1.12  ? 33  LEU A CD1  1 
ATOM 529  C CD2  . LEU A 1 33  ? -6.392  0.664   14.056  1.00 1.14  ? 33  LEU A CD2  1 
ATOM 530  H H    . LEU A 1 33  ? -6.048  -1.113  10.451  1.00 0.30  ? 33  LEU A H    1 
ATOM 531  H HA   . LEU A 1 33  ? -4.737  -1.025  12.982  1.00 0.38  ? 33  LEU A HA   1 
ATOM 532  H HB2  . LEU A 1 33  ? -7.465  -2.022  12.160  1.00 0.62  ? 33  LEU A HB2  1 
ATOM 533  H HB3  . LEU A 1 33  ? -6.946  -1.981  13.842  1.00 0.69  ? 33  LEU A HB3  1 
ATOM 534  H HG   . LEU A 1 33  ? -6.955  0.426   11.991  1.00 0.96  ? 33  LEU A HG   1 
ATOM 535  H HD11 . LEU A 1 33  ? -8.951  1.147   13.220  1.00 1.60  ? 33  LEU A HD11 1 
ATOM 536  H HD12 . LEU A 1 33  ? -8.903  -0.324  14.191  1.00 1.62  ? 33  LEU A HD12 1 
ATOM 537  H HD13 . LEU A 1 33  ? -9.240  -0.419  12.462  1.00 1.52  ? 33  LEU A HD13 1 
ATOM 538  H HD21 . LEU A 1 33  ? -6.999  1.445   14.488  1.00 1.57  ? 33  LEU A HD21 1 
ATOM 539  H HD22 . LEU A 1 33  ? -5.494  1.097   13.642  1.00 1.60  ? 33  LEU A HD22 1 
ATOM 540  H HD23 . LEU A 1 33  ? -6.124  -0.047  14.823  1.00 1.67  ? 33  LEU A HD23 1 
ATOM 541  N N    . LYS A 1 34  ? -5.142  -4.012  11.739  1.00 0.34  ? 34  LYS A N    1 
ATOM 542  C CA   . LYS A 1 34  ? -4.713  -5.418  11.955  1.00 0.40  ? 34  LYS A CA   1 
ATOM 543  C C    . LYS A 1 34  ? -3.211  -5.457  12.231  1.00 0.36  ? 34  LYS A C    1 
ATOM 544  O O    . LYS A 1 34  ? -2.761  -6.101  13.157  1.00 0.40  ? 34  LYS A O    1 
ATOM 545  C CB   . LYS A 1 34  ? -5.026  -6.247  10.712  1.00 0.48  ? 34  LYS A CB   1 
ATOM 546  C CG   . LYS A 1 34  ? -4.550  -7.686  10.923  1.00 0.56  ? 34  LYS A CG   1 
ATOM 547  C CD   . LYS A 1 34  ? -5.070  -8.568  9.788   1.00 0.90  ? 34  LYS A CD   1 
ATOM 548  C CE   . LYS A 1 34  ? -4.570  -8.027  8.446   1.00 0.86  ? 34  LYS A CE   1 
ATOM 549  N NZ   . LYS A 1 34  ? -4.579  -9.122  7.436   1.00 1.70  ? 34  LYS A NZ   1 
ATOM 550  H H    . LYS A 1 34  ? -5.594  -3.753  10.909  1.00 0.32  ? 34  LYS A H    1 
ATOM 551  H HA   . LYS A 1 34  ? -5.243  -5.829  12.802  1.00 0.46  ? 34  LYS A HA   1 
ATOM 552  H HB2  . LYS A 1 34  ? -6.092  -6.241  10.535  1.00 0.61  ? 34  LYS A HB2  1 
ATOM 553  H HB3  . LYS A 1 34  ? -4.518  -5.823  9.859   1.00 0.63  ? 34  LYS A HB3  1 
ATOM 554  H HG2  . LYS A 1 34  ? -3.469  -7.710  10.931  1.00 0.75  ? 34  LYS A HG2  1 
ATOM 555  H HG3  . LYS A 1 34  ? -4.926  -8.055  11.865  1.00 0.89  ? 34  LYS A HG3  1 
ATOM 556  H HD2  . LYS A 1 34  ? -4.711  -9.578  9.926   1.00 1.60  ? 34  LYS A HD2  1 
ATOM 557  H HD3  . LYS A 1 34  ? -6.150  -8.566  9.796   1.00 1.43  ? 34  LYS A HD3  1 
ATOM 558  H HE2  . LYS A 1 34  ? -5.218  -7.229  8.116   1.00 1.40  ? 34  LYS A HE2  1 
ATOM 559  H HE3  . LYS A 1 34  ? -3.564  -7.651  8.562   1.00 1.35  ? 34  LYS A HE3  1 
ATOM 560  H HZ1  . LYS A 1 34  ? -4.148  -8.784  6.553   1.00 2.18  ? 34  LYS A HZ1  1 
ATOM 561  H HZ2  . LYS A 1 34  ? -5.560  -9.417  7.254   1.00 2.27  ? 34  LYS A HZ2  1 
ATOM 562  H HZ3  . LYS A 1 34  ? -4.035  -9.931  7.798   1.00 2.14  ? 34  LYS A HZ3  1 
ATOM 563  N N    . SER A 1 35  ? -2.426  -4.773  11.443  1.00 0.31  ? 35  SER A N    1 
ATOM 564  C CA   . SER A 1 35  ? -0.954  -4.784  11.686  1.00 0.29  ? 35  SER A CA   1 
ATOM 565  C C    . SER A 1 35  ? -0.568  -3.656  12.647  1.00 0.28  ? 35  SER A C    1 
ATOM 566  O O    . SER A 1 35  ? 0.287   -3.810  13.505  1.00 0.24  ? 35  SER A O    1 
ATOM 567  C CB   . SER A 1 35  ? -0.218  -4.582  10.357  1.00 0.31  ? 35  SER A CB   1 
ATOM 568  O OG   . SER A 1 35  ? 1.120   -5.041  10.491  1.00 0.38  ? 35  SER A OG   1 
ATOM 569  H H    . SER A 1 35  ? -2.803  -4.253  10.696  1.00 0.30  ? 35  SER A H    1 
ATOM 570  H HA   . SER A 1 35  ? -0.668  -5.733  12.115  1.00 0.30  ? 35  SER A HA   1 
ATOM 571  H HB2  . SER A 1 35  ? -0.708  -5.139  9.577   1.00 0.34  ? 35  SER A HB2  1 
ATOM 572  H HB3  . SER A 1 35  ? -0.224  -3.531  10.101  1.00 0.33  ? 35  SER A HB3  1 
ATOM 573  H HG   . SER A 1 35  ? 1.691   -4.435  10.015  1.00 0.73  ? 35  SER A HG   1 
ATOM 574  N N    . ASP A 1 36  ? -1.165  -2.509  12.487  1.00 0.38  ? 36  ASP A N    1 
ATOM 575  C CA   . ASP A 1 36  ? -0.797  -1.356  13.356  1.00 0.41  ? 36  ASP A CA   1 
ATOM 576  C C    . ASP A 1 36  ? -1.106  -1.610  14.824  1.00 0.41  ? 36  ASP A C    1 
ATOM 577  O O    . ASP A 1 36  ? -0.639  -0.890  15.684  1.00 0.51  ? 36  ASP A O    1 
ATOM 578  C CB   . ASP A 1 36  ? -1.519  -0.084  12.916  1.00 0.59  ? 36  ASP A CB   1 
ATOM 579  C CG   . ASP A 1 36  ? -1.461  0.965   14.035  1.00 1.50  ? 36  ASP A CG   1 
ATOM 580  O OD1  . ASP A 1 36  ? -2.158  0.788   15.020  1.00 2.25  ? 36  ASP A OD1  1 
ATOM 581  O OD2  . ASP A 1 36  ? -0.737  1.933   13.882  1.00 2.23  ? 36  ASP A OD2  1 
ATOM 582  H H    . ASP A 1 36  ? -1.823  -2.401  11.774  1.00 0.46  ? 36  ASP A H    1 
ATOM 583  H HA   . ASP A 1 36  ? 0.242   -1.204  13.249  1.00 0.39  ? 36  ASP A HA   1 
ATOM 584  H HB2  . ASP A 1 36  ? -1.045  0.306   12.031  1.00 0.98  ? 36  ASP A HB2  1 
ATOM 585  H HB3  . ASP A 1 36  ? -2.541  -0.310  12.709  1.00 1.32  ? 36  ASP A HB3  1 
ATOM 586  N N    . SER A 1 37  ? -1.903  -2.586  15.134  1.00 0.42  ? 37  SER A N    1 
ATOM 587  C CA   . SER A 1 37  ? -2.241  -2.810  16.563  1.00 0.48  ? 37  SER A CA   1 
ATOM 588  C C    . SER A 1 37  ? -0.975  -2.788  17.423  1.00 0.41  ? 37  SER A C    1 
ATOM 589  O O    . SER A 1 37  ? -0.618  -1.765  17.975  1.00 0.44  ? 37  SER A O    1 
ATOM 590  C CB   . SER A 1 37  ? -2.947  -4.159  16.714  1.00 0.53  ? 37  SER A CB   1 
ATOM 591  O OG   . SER A 1 37  ? -3.382  -4.315  18.058  1.00 1.40  ? 37  SER A OG   1 
ATOM 592  H H    . SER A 1 37  ? -2.297  -3.148  14.435  1.00 0.48  ? 37  SER A H    1 
ATOM 593  H HA   . SER A 1 37  ? -2.898  -2.025  16.890  1.00 0.59  ? 37  SER A HA   1 
ATOM 594  H HB2  . SER A 1 37  ? -3.802  -4.194  16.059  1.00 1.22  ? 37  SER A HB2  1 
ATOM 595  H HB3  . SER A 1 37  ? -2.265  -4.954  16.450  1.00 1.12  ? 37  SER A HB3  1 
ATOM 596  H HG   . SER A 1 37  ? -4.076  -4.979  18.069  1.00 1.86  ? 37  SER A HG   1 
ATOM 597  N N    . SER A 1 38  ? -0.295  -3.892  17.541  1.00 0.35  ? 38  SER A N    1 
ATOM 598  C CA   . SER A 1 38  ? 0.947   -3.927  18.365  1.00 0.33  ? 38  SER A CA   1 
ATOM 599  C C    . SER A 1 38  ? 2.190   -3.786  17.488  1.00 0.25  ? 38  SER A C    1 
ATOM 600  O O    . SER A 1 38  ? 3.271   -3.498  17.975  1.00 0.28  ? 38  SER A O    1 
ATOM 601  C CB   . SER A 1 38  ? 1.017   -5.257  19.109  1.00 0.39  ? 38  SER A CB   1 
ATOM 602  O OG   . SER A 1 38  ? 1.925   -5.140  20.196  1.00 1.26  ? 38  SER A OG   1 
ATOM 603  H H    . SER A 1 38  ? -0.597  -4.700  17.082  1.00 0.34  ? 38  SER A H    1 
ATOM 604  H HA   . SER A 1 38  ? 0.928   -3.123  19.086  1.00 0.38  ? 38  SER A HA   1 
ATOM 605  H HB2  . SER A 1 38  ? 0.042   -5.512  19.486  1.00 0.88  ? 38  SER A HB2  1 
ATOM 606  H HB3  . SER A 1 38  ? 1.350   -6.029  18.428  1.00 1.07  ? 38  SER A HB3  1 
ATOM 607  H HG   . SER A 1 38  ? 2.248   -6.019  20.408  1.00 1.79  ? 38  SER A HG   1 
ATOM 608  N N    . LEU A 1 39  ? 2.083   -4.031  16.209  1.00 0.19  ? 39  LEU A N    1 
ATOM 609  C CA   . LEU A 1 39  ? 3.310   -3.961  15.378  1.00 0.17  ? 39  LEU A CA   1 
ATOM 610  C C    . LEU A 1 39  ? 3.766   -2.516  15.219  1.00 0.19  ? 39  LEU A C    1 
ATOM 611  O O    . LEU A 1 39  ? 4.941   -2.221  15.321  1.00 0.22  ? 39  LEU A O    1 
ATOM 612  C CB   . LEU A 1 39  ? 3.041   -4.592  14.003  1.00 0.16  ? 39  LEU A CB   1 
ATOM 613  C CG   . LEU A 1 39  ? 4.198   -5.525  13.592  1.00 0.18  ? 39  LEU A CG   1 
ATOM 614  C CD1  . LEU A 1 39  ? 3.965   -6.913  14.186  1.00 0.25  ? 39  LEU A CD1  1 
ATOM 615  C CD2  . LEU A 1 39  ? 4.244   -5.636  12.067  1.00 0.20  ? 39  LEU A CD2  1 
ATOM 616  H H    . LEU A 1 39  ? 1.218   -4.289  15.807  1.00 0.21  ? 39  LEU A H    1 
ATOM 617  H HA   . LEU A 1 39  ? 4.082   -4.514  15.882  1.00 0.21  ? 39  LEU A HA   1 
ATOM 618  H HB2  . LEU A 1 39  ? 2.126   -5.166  14.049  1.00 0.18  ? 39  LEU A HB2  1 
ATOM 619  H HB3  . LEU A 1 39  ? 2.933   -3.810  13.265  1.00 0.17  ? 39  LEU A HB3  1 
ATOM 620  H HG   . LEU A 1 39  ? 5.143   -5.143  13.951  1.00 0.18  ? 39  LEU A HG   1 
ATOM 621  H HD11 . LEU A 1 39  ? 4.885   -7.477  14.151  1.00 1.01  ? 39  LEU A HD11 1 
ATOM 622  H HD12 . LEU A 1 39  ? 3.206   -7.425  13.614  1.00 1.03  ? 39  LEU A HD12 1 
ATOM 623  H HD13 . LEU A 1 39  ? 3.641   -6.815  15.211  1.00 1.04  ? 39  LEU A HD13 1 
ATOM 624  H HD21 . LEU A 1 39  ? 4.392   -4.659  11.633  1.00 1.03  ? 39  LEU A HD21 1 
ATOM 625  H HD22 . LEU A 1 39  ? 3.314   -6.047  11.708  1.00 1.03  ? 39  LEU A HD22 1 
ATOM 626  H HD23 . LEU A 1 39  ? 5.062   -6.281  11.782  1.00 1.02  ? 39  LEU A HD23 1 
ATOM 627  N N    . ARG A 1 40  ? 2.875   -1.609  14.958  1.00 0.21  ? 40  ARG A N    1 
ATOM 628  C CA   . ARG A 1 40  ? 3.315   -0.194  14.785  1.00 0.25  ? 40  ARG A CA   1 
ATOM 629  C C    . ARG A 1 40  ? 3.855   0.336   16.097  1.00 0.25  ? 40  ARG A C    1 
ATOM 630  O O    . ARG A 1 40  ? 4.847   1.039   16.144  1.00 0.27  ? 40  ARG A O    1 
ATOM 631  C CB   . ARG A 1 40  ? 2.124   0.665   14.396  1.00 0.36  ? 40  ARG A CB   1 
ATOM 632  C CG   . ARG A 1 40  ? 2.079   0.904   12.880  1.00 1.29  ? 40  ARG A CG   1 
ATOM 633  C CD   . ARG A 1 40  ? 2.413   -0.337  12.037  1.00 2.41  ? 40  ARG A CD   1 
ATOM 634  N NE   . ARG A 1 40  ? 1.424   -0.453  10.931  1.00 3.20  ? 40  ARG A NE   1 
ATOM 635  C CZ   . ARG A 1 40  ? 1.444   -1.492  10.143  1.00 4.04  ? 40  ARG A CZ   1 
ATOM 636  N NH1  . ARG A 1 40  ? 2.225   -2.499  10.409  1.00 4.43  ? 40  ARG A NH1  1 
ATOM 637  N NH2  . ARG A 1 40  ? 0.661   -1.532  9.102   1.00 4.79  ? 40  ARG A NH2  1 
ATOM 638  H H    . ARG A 1 40  ? 1.923   -1.854  14.868  1.00 0.22  ? 40  ARG A H    1 
ATOM 639  H HA   . ARG A 1 40  ? 4.079   -0.139  14.019  1.00 0.27  ? 40  ARG A HA   1 
ATOM 640  H HB2  . ARG A 1 40  ? 1.222   0.197   14.730  1.00 0.87  ? 40  ARG A HB2  1 
ATOM 641  H HB3  . ARG A 1 40  ? 2.215   1.620   14.893  1.00 1.08  ? 40  ARG A HB3  1 
ATOM 642  H HG2  . ARG A 1 40  ? 1.103   1.250   12.608  1.00 1.58  ? 40  ARG A HG2  1 
ATOM 643  H HG3  . ARG A 1 40  ? 2.792   1.665   12.650  1.00 1.65  ? 40  ARG A HG3  1 
ATOM 644  H HD2  . ARG A 1 40  ? 3.383   -0.196  11.615  1.00 2.70  ? 40  ARG A HD2  1 
ATOM 645  H HD3  . ARG A 1 40  ? 2.415   -1.237  12.624  1.00 2.76  ? 40  ARG A HD3  1 
ATOM 646  H HE   . ARG A 1 40  ? 0.790   0.274   10.764  1.00 3.37  ? 40  ARG A HE   1 
ATOM 647  H HH11 . ARG A 1 40  ? 2.809   -2.478  11.220  1.00 4.05  ? 40  ARG A HH11 1 
ATOM 648  H HH12 . ARG A 1 40  ? 2.242   -3.295  9.803   1.00 5.27  ? 40  ARG A HH12 1 
ATOM 649  H HH21 . ARG A 1 40  ? 0.044   -0.769  8.908   1.00 4.81  ? 40  ARG A HH21 1 
ATOM 650  H HH22 . ARG A 1 40  ? 0.681   -2.325  8.495   1.00 5.49  ? 40  ARG A HH22 1 
ATOM 651  N N    . ARG A 1 41  ? 3.201   0.011   17.167  1.00 0.26  ? 41  ARG A N    1 
ATOM 652  C CA   . ARG A 1 41  ? 3.659   0.507   18.478  1.00 0.29  ? 41  ARG A CA   1 
ATOM 653  C C    . ARG A 1 41  ? 5.052   -0.008  18.716  1.00 0.28  ? 41  ARG A C    1 
ATOM 654  O O    . ARG A 1 41  ? 5.814   0.556   19.475  1.00 0.31  ? 41  ARG A O    1 
ATOM 655  C CB   . ARG A 1 41  ? 2.736   -0.023  19.576  1.00 0.33  ? 41  ARG A CB   1 
ATOM 656  C CG   . ARG A 1 41  ? 2.106   1.128   20.363  1.00 1.03  ? 41  ARG A CG   1 
ATOM 657  C CD   . ARG A 1 41  ? 3.152   1.820   21.243  1.00 1.60  ? 41  ARG A CD   1 
ATOM 658  N NE   . ARG A 1 41  ? 2.456   2.652   22.266  1.00 2.51  ? 41  ARG A NE   1 
ATOM 659  C CZ   . ARG A 1 41  ? 1.865   3.762   21.918  1.00 3.24  ? 41  ARG A CZ   1 
ATOM 660  N NH1  . ARG A 1 41  ? 1.903   4.162   20.676  1.00 3.41  ? 41  ARG A NH1  1 
ATOM 661  N NH2  . ARG A 1 41  ? 1.239   4.476   22.813  1.00 4.19  ? 41  ARG A NH2  1 
ATOM 662  H H    . ARG A 1 41  ? 2.403   -0.556  17.104  1.00 0.28  ? 41  ARG A H    1 
ATOM 663  H HA   . ARG A 1 41  ? 3.671   1.582   18.474  1.00 0.31  ? 41  ARG A HA   1 
ATOM 664  H HB2  . ARG A 1 41  ? 1.953   -0.611  19.121  1.00 0.72  ? 41  ARG A HB2  1 
ATOM 665  H HB3  . ARG A 1 41  ? 3.304   -0.650  20.246  1.00 0.74  ? 41  ARG A HB3  1 
ATOM 666  H HG2  . ARG A 1 41  ? 1.686   1.842   19.674  1.00 1.69  ? 41  ARG A HG2  1 
ATOM 667  H HG3  . ARG A 1 41  ? 1.323   0.733   20.990  1.00 1.56  ? 41  ARG A HG3  1 
ATOM 668  H HD2  . ARG A 1 41  ? 3.763   1.080   21.739  1.00 1.90  ? 41  ARG A HD2  1 
ATOM 669  H HD3  . ARG A 1 41  ? 3.778   2.454   20.634  1.00 2.01  ? 41  ARG A HD3  1 
ATOM 670  H HE   . ARG A 1 41  ? 2.434   2.359   23.200  1.00 2.92  ? 41  ARG A HE   1 
ATOM 671  H HH11 . ARG A 1 41  ? 2.385   3.618   19.990  1.00 3.02  ? 41  ARG A HH11 1 
ATOM 672  H HH12 . ARG A 1 41  ? 1.451   5.014   20.412  1.00 4.19  ? 41  ARG A HH12 1 
ATOM 673  H HH21 . ARG A 1 41  ? 1.211   4.171   23.766  1.00 4.46  ? 41  ARG A HH21 1 
ATOM 674  H HH22 . ARG A 1 41  ? 0.787   5.328   22.548  1.00 4.82  ? 41  ARG A HH22 1 
ATOM 675  N N    . LYS A 1 42  ? 5.401   -1.078  18.079  1.00 0.25  ? 42  LYS A N    1 
ATOM 676  C CA   . LYS A 1 42  ? 6.760   -1.598  18.298  1.00 0.26  ? 42  LYS A CA   1 
ATOM 677  C C    . LYS A 1 42  ? 7.781   -0.612  17.710  1.00 0.26  ? 42  LYS A C    1 
ATOM 678  O O    . LYS A 1 42  ? 8.480   0.067   18.437  1.00 0.30  ? 42  LYS A O    1 
ATOM 679  C CB   . LYS A 1 42  ? 6.905   -2.969  17.636  1.00 0.26  ? 42  LYS A CB   1 
ATOM 680  C CG   . LYS A 1 42  ? 8.142   -3.680  18.192  1.00 0.35  ? 42  LYS A CG   1 
ATOM 681  C CD   . LYS A 1 42  ? 8.512   -4.860  17.285  1.00 0.42  ? 42  LYS A CD   1 
ATOM 682  C CE   . LYS A 1 42  ? 7.390   -5.906  17.288  1.00 1.12  ? 42  LYS A CE   1 
ATOM 683  N NZ   . LYS A 1 42  ? 6.576   -5.760  16.048  1.00 2.12  ? 42  LYS A NZ   1 
ATOM 684  H H    . LYS A 1 42  ? 4.772   -1.530  17.461  1.00 0.25  ? 42  LYS A H    1 
ATOM 685  H HA   . LYS A 1 42  ? 6.924   -1.692  19.362  1.00 0.30  ? 42  LYS A HA   1 
ATOM 686  H HB2  . LYS A 1 42  ? 6.025   -3.561  17.840  1.00 0.31  ? 42  LYS A HB2  1 
ATOM 687  H HB3  . LYS A 1 42  ? 7.014   -2.845  16.574  1.00 0.24  ? 42  LYS A HB3  1 
ATOM 688  H HG2  . LYS A 1 42  ? 8.968   -2.981  18.226  1.00 0.49  ? 42  LYS A HG2  1 
ATOM 689  H HG3  . LYS A 1 42  ? 7.937   -4.039  19.189  1.00 0.57  ? 42  LYS A HG3  1 
ATOM 690  H HD2  . LYS A 1 42  ? 8.664   -4.502  16.277  1.00 1.04  ? 42  LYS A HD2  1 
ATOM 691  H HD3  . LYS A 1 42  ? 9.424   -5.315  17.644  1.00 0.98  ? 42  LYS A HD3  1 
ATOM 692  H HE2  . LYS A 1 42  ? 7.822   -6.895  17.319  1.00 1.65  ? 42  LYS A HE2  1 
ATOM 693  H HE3  . LYS A 1 42  ? 6.758   -5.764  18.152  1.00 1.65  ? 42  LYS A HE3  1 
ATOM 694  H HZ1  . LYS A 1 42  ? 5.608   -6.096  16.227  1.00 2.62  ? 42  LYS A HZ1  1 
ATOM 695  H HZ2  . LYS A 1 42  ? 7.004   -6.324  15.285  1.00 2.60  ? 42  LYS A HZ2  1 
ATOM 696  H HZ3  . LYS A 1 42  ? 6.546   -4.761  15.767  1.00 2.59  ? 42  LYS A HZ3  1 
ATOM 697  N N    . TRP A 1 43  ? 7.873   -0.535  16.400  1.00 0.24  ? 43  TRP A N    1 
ATOM 698  C CA   . TRP A 1 43  ? 8.855   0.402   15.758  1.00 0.25  ? 43  TRP A CA   1 
ATOM 699  C C    . TRP A 1 43  ? 8.195   1.703   15.283  1.00 0.25  ? 43  TRP A C    1 
ATOM 700  O O    . TRP A 1 43  ? 8.750   2.771   15.442  1.00 0.28  ? 43  TRP A O    1 
ATOM 701  C CB   . TRP A 1 43  ? 9.548   -0.295  14.586  1.00 0.25  ? 43  TRP A CB   1 
ATOM 702  C CG   . TRP A 1 43  ? 8.806   -0.070  13.309  1.00 0.23  ? 43  TRP A CG   1 
ATOM 703  C CD1  . TRP A 1 43  ? 9.139   0.821   12.347  1.00 0.24  ? 43  TRP A CD1  1 
ATOM 704  C CD2  . TRP A 1 43  ? 7.630   -0.760  12.833  1.00 0.22  ? 43  TRP A CD2  1 
ATOM 705  N NE1  . TRP A 1 43  ? 8.233   0.708   11.301  1.00 0.23  ? 43  TRP A NE1  1 
ATOM 706  C CE2  . TRP A 1 43  ? 7.278   -0.251  11.564  1.00 0.22  ? 43  TRP A CE2  1 
ATOM 707  C CE3  . TRP A 1 43  ? 6.841   -1.770  13.380  1.00 0.22  ? 43  TRP A CE3  1 
ATOM 708  C CZ2  . TRP A 1 43  ? 6.178   -0.741  10.869  1.00 0.23  ? 43  TRP A CZ2  1 
ATOM 709  C CZ3  . TRP A 1 43  ? 5.738   -2.252  12.682  1.00 0.22  ? 43  TRP A CZ3  1 
ATOM 710  C CH2  . TRP A 1 43  ? 5.410   -1.743  11.437  1.00 0.23  ? 43  TRP A CH2  1 
ATOM 711  H H    . TRP A 1 43  ? 7.291   -1.088  15.842  1.00 0.22  ? 43  TRP A H    1 
ATOM 712  H HA   . TRP A 1 43  ? 9.612   0.658   16.484  1.00 0.28  ? 43  TRP A HA   1 
ATOM 713  H HB2  . TRP A 1 43  ? 10.547  0.093   14.487  1.00 0.28  ? 43  TRP A HB2  1 
ATOM 714  H HB3  . TRP A 1 43  ? 9.593   -1.353  14.788  1.00 0.26  ? 43  TRP A HB3  1 
ATOM 715  H HD1  . TRP A 1 43  ? 9.976   1.498   12.384  1.00 0.26  ? 43  TRP A HD1  1 
ATOM 716  H HE1  . TRP A 1 43  ? 8.248   1.235   10.472  1.00 0.24  ? 43  TRP A HE1  1 
ATOM 717  H HE3  . TRP A 1 43  ? 7.086   -2.176  14.345  1.00 0.23  ? 43  TRP A HE3  1 
ATOM 718  H HZ2  . TRP A 1 43  ? 5.923   -0.357  9.899   1.00 0.25  ? 43  TRP A HZ2  1 
ATOM 719  H HZ3  . TRP A 1 43  ? 5.141   -3.020  13.105  1.00 0.23  ? 43  TRP A HZ3  1 
ATOM 720  H HH2  . TRP A 1 43  ? 4.549   -2.119  10.921  1.00 0.25  ? 43  TRP A HH2  1 
ATOM 721  N N    . LEU A 1 44  ? 7.039   1.639   14.667  1.00 0.24  ? 44  LEU A N    1 
ATOM 722  C CA   . LEU A 1 44  ? 6.416   2.901   14.162  1.00 0.26  ? 44  LEU A CA   1 
ATOM 723  C C    . LEU A 1 44  ? 6.230   3.884   15.313  1.00 0.30  ? 44  LEU A C    1 
ATOM 724  O O    . LEU A 1 44  ? 5.914   5.037   15.091  1.00 0.33  ? 44  LEU A O    1 
ATOM 725  C CB   . LEU A 1 44  ? 5.054   2.637   13.500  1.00 0.26  ? 44  LEU A CB   1 
ATOM 726  C CG   . LEU A 1 44  ? 4.545   3.943   12.815  1.00 0.32  ? 44  LEU A CG   1 
ATOM 727  C CD1  . LEU A 1 44  ? 4.126   3.738   11.342  1.00 0.56  ? 44  LEU A CD1  1 
ATOM 728  C CD2  . LEU A 1 44  ? 3.350   4.489   13.606  1.00 0.61  ? 44  LEU A CD2  1 
ATOM 729  H H    . LEU A 1 44  ? 6.603   0.773   14.513  1.00 0.23  ? 44  LEU A H    1 
ATOM 730  H HA   . LEU A 1 44  ? 7.090   3.335   13.436  1.00 0.27  ? 44  LEU A HA   1 
ATOM 731  H HB2  . LEU A 1 44  ? 5.155   1.835   12.790  1.00 0.34  ? 44  LEU A HB2  1 
ATOM 732  H HB3  . LEU A 1 44  ? 4.349   2.345   14.261  1.00 0.32  ? 44  LEU A HB3  1 
ATOM 733  H HG   . LEU A 1 44  ? 5.325   4.680   12.833  1.00 0.44  ? 44  LEU A HG   1 
ATOM 734  H HD11 . LEU A 1 44  ? 4.706   2.958   10.882  1.00 1.22  ? 44  LEU A HD11 1 
ATOM 735  H HD12 . LEU A 1 44  ? 4.297   4.652   10.807  1.00 1.22  ? 44  LEU A HD12 1 
ATOM 736  H HD13 . LEU A 1 44  ? 3.077   3.496   11.286  1.00 1.11  ? 44  LEU A HD13 1 
ATOM 737  H HD21 . LEU A 1 44  ? 3.634   4.615   14.640  1.00 1.31  ? 44  LEU A HD21 1 
ATOM 738  H HD22 . LEU A 1 44  ? 2.523   3.800   13.543  1.00 1.24  ? 44  LEU A HD22 1 
ATOM 739  H HD23 . LEU A 1 44  ? 3.055   5.443   13.197  1.00 1.16  ? 44  LEU A HD23 1 
ATOM 740  N N    . ASP A 1 45  ? 6.410   3.430   16.531  1.00 0.32  ? 45  ASP A N    1 
ATOM 741  C CA   . ASP A 1 45  ? 6.246   4.326   17.717  1.00 0.38  ? 45  ASP A CA   1 
ATOM 742  C C    . ASP A 1 45  ? 6.817   5.711   17.405  1.00 0.38  ? 45  ASP A C    1 
ATOM 743  O O    . ASP A 1 45  ? 6.303   6.718   17.852  1.00 0.40  ? 45  ASP A O    1 
ATOM 744  C CB   . ASP A 1 45  ? 6.993   3.724   18.908  1.00 0.43  ? 45  ASP A CB   1 
ATOM 745  C CG   . ASP A 1 45  ? 7.473   4.845   19.832  1.00 1.23  ? 45  ASP A CG   1 
ATOM 746  O OD1  . ASP A 1 45  ? 6.631   5.496   20.429  1.00 2.01  ? 45  ASP A OD1  1 
ATOM 747  O OD2  . ASP A 1 45  ? 8.675   5.034   19.926  1.00 1.97  ? 45  ASP A OD2  1 
ATOM 748  H H    . ASP A 1 45  ? 6.651   2.489   16.667  1.00 0.32  ? 45  ASP A H    1 
ATOM 749  H HA   . ASP A 1 45  ? 5.198   4.415   17.959  1.00 0.42  ? 45  ASP A HA   1 
ATOM 750  H HB2  . ASP A 1 45  ? 6.330   3.067   19.453  1.00 1.04  ? 45  ASP A HB2  1 
ATOM 751  H HB3  . ASP A 1 45  ? 7.845   3.163   18.553  1.00 1.12  ? 45  ASP A HB3  1 
ATOM 752  N N    . GLU A 1 46  ? 7.862   5.775   16.625  1.00 0.37  ? 46  GLU A N    1 
ATOM 753  C CA   . GLU A 1 46  ? 8.439   7.105   16.274  1.00 0.38  ? 46  GLU A CA   1 
ATOM 754  C C    . GLU A 1 46  ? 7.437   7.864   15.394  1.00 0.36  ? 46  GLU A C    1 
ATOM 755  O O    . GLU A 1 46  ? 7.183   9.036   15.593  1.00 0.41  ? 46  GLU A O    1 
ATOM 756  C CB   . GLU A 1 46  ? 9.747   6.910   15.506  1.00 0.42  ? 46  GLU A CB   1 
ATOM 757  C CG   . GLU A 1 46  ? 10.733  6.120   16.370  1.00 0.56  ? 46  GLU A CG   1 
ATOM 758  C CD   . GLU A 1 46  ? 12.088  6.054   15.665  1.00 1.26  ? 46  GLU A CD   1 
ATOM 759  O OE1  . GLU A 1 46  ? 12.336  6.898   14.820  1.00 2.01  ? 46  GLU A OE1  1 
ATOM 760  O OE2  . GLU A 1 46  ? 12.859  5.166   15.989  1.00 1.89  ? 46  GLU A OE2  1 
ATOM 761  H H    . GLU A 1 46  ? 8.257   4.954   16.258  1.00 0.37  ? 46  GLU A H    1 
ATOM 762  H HA   . GLU A 1 46  ? 8.627   7.668   17.177  1.00 0.43  ? 46  GLU A HA   1 
ATOM 763  H HB2  . GLU A 1 46  ? 9.551   6.367   14.593  1.00 0.45  ? 46  GLU A HB2  1 
ATOM 764  H HB3  . GLU A 1 46  ? 10.171  7.873   15.268  1.00 0.47  ? 46  GLU A HB3  1 
ATOM 765  H HG2  . GLU A 1 46  ? 10.845  6.610   17.326  1.00 0.96  ? 46  GLU A HG2  1 
ATOM 766  H HG3  . GLU A 1 46  ? 10.358  5.119   16.519  1.00 0.99  ? 46  GLU A HG3  1 
ATOM 767  N N    . GLY A 1 47  ? 6.851   7.193   14.434  1.00 0.34  ? 47  GLY A N    1 
ATOM 768  C CA   . GLY A 1 47  ? 5.848   7.860   13.551  1.00 0.38  ? 47  GLY A CA   1 
ATOM 769  C C    . GLY A 1 47  ? 6.539   8.822   12.578  1.00 0.40  ? 47  GLY A C    1 
ATOM 770  O O    . GLY A 1 47  ? 5.921   9.735   12.065  1.00 0.46  ? 47  GLY A O    1 
ATOM 771  H H    . GLY A 1 47  ? 7.062   6.246   14.304  1.00 0.33  ? 47  GLY A H    1 
ATOM 772  H HA2  . GLY A 1 47  ? 5.312   7.108   12.989  1.00 0.41  ? 47  GLY A HA2  1 
ATOM 773  H HA3  . GLY A 1 47  ? 5.149   8.415   14.159  1.00 0.42  ? 47  GLY A HA3  1 
ATOM 774  N N    . GLN A 1 48  ? 7.812   8.635   12.330  1.00 0.39  ? 48  GLN A N    1 
ATOM 775  C CA   . GLN A 1 48  ? 8.550   9.552   11.402  1.00 0.45  ? 48  GLN A CA   1 
ATOM 776  C C    . GLN A 1 48  ? 8.780   8.891   10.035  1.00 0.43  ? 48  GLN A C    1 
ATOM 777  O O    . GLN A 1 48  ? 9.255   9.532   9.118   1.00 0.60  ? 48  GLN A O    1 
ATOM 778  C CB   . GLN A 1 48  ? 9.903   9.901   12.023  1.00 0.51  ? 48  GLN A CB   1 
ATOM 779  C CG   . GLN A 1 48  ? 10.727  8.623   12.202  1.00 0.61  ? 48  GLN A CG   1 
ATOM 780  C CD   . GLN A 1 48  ? 11.991  8.942   13.002  1.00 1.07  ? 48  GLN A CD   1 
ATOM 781  O OE1  . GLN A 1 48  ? 11.943  9.673   13.971  1.00 1.70  ? 48  GLN A OE1  1 
ATOM 782  N NE2  . GLN A 1 48  ? 13.129  8.421   12.634  1.00 1.81  ? 48  GLN A NE2  1 
ATOM 783  H H    . GLN A 1 48  ? 8.289   7.897   12.764  1.00 0.38  ? 48  GLN A H    1 
ATOM 784  H HA   . GLN A 1 48  ? 7.986   10.461  11.263  1.00 0.50  ? 48  GLN A HA   1 
ATOM 785  H HB2  . GLN A 1 48  ? 10.432  10.583  11.373  1.00 0.62  ? 48  GLN A HB2  1 
ATOM 786  H HB3  . GLN A 1 48  ? 9.749   10.365  12.984  1.00 0.68  ? 48  GLN A HB3  1 
ATOM 787  H HG2  . GLN A 1 48  ? 10.139  7.888   12.732  1.00 1.05  ? 48  GLN A HG2  1 
ATOM 788  H HG3  . GLN A 1 48  ? 11.004  8.233   11.235  1.00 0.95  ? 48  GLN A HG3  1 
ATOM 789  H HE21 . GLN A 1 48  ? 13.169  7.832   11.851  1.00 2.29  ? 48  GLN A HE21 1 
ATOM 790  H HE22 . GLN A 1 48  ? 13.946  8.619   13.139  1.00 2.24  ? 48  GLN A HE22 1 
ATOM 791  N N    . LYS A 1 49  ? 8.463   7.621   9.900   1.00 0.32  ? 49  LYS A N    1 
ATOM 792  C CA   . LYS A 1 49  ? 8.676   6.902   8.596   1.00 0.31  ? 49  LYS A CA   1 
ATOM 793  C C    . LYS A 1 49  ? 7.331   6.332   8.106   1.00 0.28  ? 49  LYS A C    1 
ATOM 794  O O    . LYS A 1 49  ? 7.253   5.273   7.513   1.00 0.34  ? 49  LYS A O    1 
ATOM 795  C CB   . LYS A 1 49  ? 9.751   5.764   8.714   1.00 0.37  ? 49  LYS A CB   1 
ATOM 796  C CG   . LYS A 1 49  ? 10.116  5.350   10.172  1.00 0.71  ? 49  LYS A CG   1 
ATOM 797  C CD   . LYS A 1 49  ? 9.535   3.964   10.506  1.00 0.78  ? 49  LYS A CD   1 
ATOM 798  C CE   . LYS A 1 49  ? 8.005   4.000   10.531  1.00 1.01  ? 49  LYS A CE   1 
ATOM 799  N NZ   . LYS A 1 49  ? 7.535   5.082   11.441  1.00 1.91  ? 49  LYS A NZ   1 
ATOM 800  H H    . LYS A 1 49  ? 8.092   7.134   10.665  1.00 0.36  ? 49  LYS A H    1 
ATOM 801  H HA   . LYS A 1 49  ? 9.015   7.612   7.856   1.00 0.36  ? 49  LYS A HA   1 
ATOM 802  H HB2  . LYS A 1 49  ? 9.412   4.893   8.187   1.00 0.54  ? 49  LYS A HB2  1 
ATOM 803  H HB3  . LYS A 1 49  ? 10.653  6.113   8.229   1.00 0.58  ? 49  LYS A HB3  1 
ATOM 804  H HG2  . LYS A 1 49  ? 11.191  5.291   10.246  1.00 1.50  ? 49  LYS A HG2  1 
ATOM 805  H HG3  . LYS A 1 49  ? 9.771   6.060   10.890  1.00 1.44  ? 49  LYS A HG3  1 
ATOM 806  H HD2  . LYS A 1 49  ? 9.860   3.247   9.769   1.00 1.51  ? 49  LYS A HD2  1 
ATOM 807  H HD3  . LYS A 1 49  ? 9.891   3.660   11.477  1.00 1.57  ? 49  LYS A HD3  1 
ATOM 808  H HE2  . LYS A 1 49  ? 7.633   4.177   9.540   1.00 1.63  ? 49  LYS A HE2  1 
ATOM 809  H HE3  . LYS A 1 49  ? 7.633   3.050   10.886  1.00 1.50  ? 49  LYS A HE3  1 
ATOM 810  H HZ1  . LYS A 1 49  ? 8.349   5.587   11.835  1.00 2.40  ? 49  LYS A HZ1  1 
ATOM 811  H HZ2  . LYS A 1 49  ? 6.987   4.661   12.213  1.00 2.39  ? 49  LYS A HZ2  1 
ATOM 812  H HZ3  . LYS A 1 49  ? 6.938   5.747   10.911  1.00 2.40  ? 49  LYS A HZ3  1 
ATOM 813  N N    . LYS A 1 50  ? 6.267   7.049   8.329   1.00 0.28  ? 50  LYS A N    1 
ATOM 814  C CA   . LYS A 1 50  ? 4.931   6.578   7.875   1.00 0.32  ? 50  LYS A CA   1 
ATOM 815  C C    . LYS A 1 50  ? 4.572   7.291   6.567   1.00 0.33  ? 50  LYS A C    1 
ATOM 816  O O    . LYS A 1 50  ? 4.424   8.498   6.545   1.00 0.39  ? 50  LYS A O    1 
ATOM 817  C CB   . LYS A 1 50  ? 3.911   6.942   8.948   1.00 0.45  ? 50  LYS A CB   1 
ATOM 818  C CG   . LYS A 1 50  ? 2.661   6.068   8.813   1.00 0.73  ? 50  LYS A CG   1 
ATOM 819  C CD   . LYS A 1 50  ? 1.982   6.333   7.463   1.00 0.69  ? 50  LYS A CD   1 
ATOM 820  C CE   . LYS A 1 50  ? 0.509   5.920   7.533   1.00 1.15  ? 50  LYS A CE   1 
ATOM 821  N NZ   . LYS A 1 50  ? -0.329  7.117   7.821   1.00 1.80  ? 50  LYS A NZ   1 
ATOM 822  H H    . LYS A 1 50  ? 6.346   7.910   8.784   1.00 0.34  ? 50  LYS A H    1 
ATOM 823  H HA   . LYS A 1 50  ? 4.942   5.505   7.735   1.00 0.33  ? 50  LYS A HA   1 
ATOM 824  H HB2  . LYS A 1 50  ? 4.357   6.791   9.919   1.00 0.66  ? 50  LYS A HB2  1 
ATOM 825  H HB3  . LYS A 1 50  ? 3.641   7.976   8.840   1.00 0.75  ? 50  LYS A HB3  1 
ATOM 826  H HG2  . LYS A 1 50  ? 2.943   5.027   8.876   1.00 1.54  ? 50  LYS A HG2  1 
ATOM 827  H HG3  . LYS A 1 50  ? 1.973   6.303   9.612   1.00 1.44  ? 50  LYS A HG3  1 
ATOM 828  H HD2  . LYS A 1 50  ? 2.048   7.384   7.224   1.00 1.22  ? 50  LYS A HD2  1 
ATOM 829  H HD3  . LYS A 1 50  ? 2.474   5.756   6.694   1.00 1.41  ? 50  LYS A HD3  1 
ATOM 830  H HE2  . LYS A 1 50  ? 0.210   5.490   6.588   1.00 1.80  ? 50  LYS A HE2  1 
ATOM 831  H HE3  . LYS A 1 50  ? 0.376   5.190   8.316   1.00 1.68  ? 50  LYS A HE3  1 
ATOM 832  H HZ1  . LYS A 1 50  ? 0.162   7.973   7.491   1.00 2.30  ? 50  LYS A HZ1  1 
ATOM 833  H HZ2  . LYS A 1 50  ? -0.495  7.186   8.846   1.00 2.25  ? 50  LYS A HZ2  1 
ATOM 834  H HZ3  . LYS A 1 50  ? -1.240  7.032   7.327   1.00 2.24  ? 50  LYS A HZ3  1 
ATOM 835  N N    . VAL A 1 51  ? 4.433   6.571   5.479   1.00 0.28  ? 51  VAL A N    1 
ATOM 836  C CA   . VAL A 1 51  ? 4.082   7.241   4.186   1.00 0.30  ? 51  VAL A CA   1 
ATOM 837  C C    . VAL A 1 51  ? 3.175   6.334   3.332   1.00 0.28  ? 51  VAL A C    1 
ATOM 838  O O    . VAL A 1 51  ? 3.115   5.139   3.525   1.00 0.32  ? 51  VAL A O    1 
ATOM 839  C CB   . VAL A 1 51  ? 5.358   7.578   3.406   1.00 0.33  ? 51  VAL A CB   1 
ATOM 840  C CG1  . VAL A 1 51  ? 4.978   8.220   2.068   1.00 0.37  ? 51  VAL A CG1  1 
ATOM 841  C CG2  . VAL A 1 51  ? 6.208   8.558   4.222   1.00 0.38  ? 51  VAL A CG2  1 
ATOM 842  H H    . VAL A 1 51  ? 4.558   5.599   5.512   1.00 0.25  ? 51  VAL A H    1 
ATOM 843  H HA   . VAL A 1 51  ? 3.554   8.157   4.403   1.00 0.34  ? 51  VAL A HA   1 
ATOM 844  H HB   . VAL A 1 51  ? 5.921   6.677   3.224   1.00 0.34  ? 51  VAL A HB   1 
ATOM 845  H HG11 . VAL A 1 51  ? 4.217   8.968   2.232   1.00 1.11  ? 51  VAL A HG11 1 
ATOM 846  H HG12 . VAL A 1 51  ? 4.598   7.460   1.402   1.00 1.08  ? 51  VAL A HG12 1 
ATOM 847  H HG13 . VAL A 1 51  ? 5.848   8.682   1.626   1.00 1.04  ? 51  VAL A HG13 1 
ATOM 848  H HG21 . VAL A 1 51  ? 6.587   8.059   5.102   1.00 1.07  ? 51  VAL A HG21 1 
ATOM 849  H HG22 . VAL A 1 51  ? 5.601   9.400   4.521   1.00 1.01  ? 51  VAL A HG22 1 
ATOM 850  H HG23 . VAL A 1 51  ? 7.036   8.906   3.624   1.00 1.17  ? 51  VAL A HG23 1 
ATOM 851  N N    . VAL A 1 52  ? 2.466   6.910   2.389   1.00 0.27  ? 52  VAL A N    1 
ATOM 852  C CA   . VAL A 1 52  ? 1.558   6.108   1.503   1.00 0.27  ? 52  VAL A CA   1 
ATOM 853  C C    . VAL A 1 52  ? 1.920   6.359   0.033   1.00 0.28  ? 52  VAL A C    1 
ATOM 854  O O    . VAL A 1 52  ? 2.067   7.488   -0.391  1.00 0.30  ? 52  VAL A O    1 
ATOM 855  C CB   . VAL A 1 52  ? 0.114   6.530   1.762   1.00 0.31  ? 52  VAL A CB   1 
ATOM 856  C CG1  . VAL A 1 52  ? -0.806  5.891   0.721   1.00 1.23  ? 52  VAL A CG1  1 
ATOM 857  C CG2  . VAL A 1 52  ? -0.303  6.071   3.161   1.00 1.14  ? 52  VAL A CG2  1 
ATOM 858  H H    . VAL A 1 52  ? 2.533   7.879   2.260   1.00 0.29  ? 52  VAL A H    1 
ATOM 859  H HA   . VAL A 1 52  ? 1.665   5.055   1.717   1.00 0.26  ? 52  VAL A HA   1 
ATOM 860  H HB   . VAL A 1 52  ? 0.042   7.598   1.700   1.00 0.92  ? 52  VAL A HB   1 
ATOM 861  H HG11 . VAL A 1 52  ? -0.343  5.000   0.327   1.00 1.81  ? 52  VAL A HG11 1 
ATOM 862  H HG12 . VAL A 1 52  ? -0.978  6.590   -0.084  1.00 1.84  ? 52  VAL A HG12 1 
ATOM 863  H HG13 . VAL A 1 52  ? -1.748  5.633   1.181   1.00 1.76  ? 52  VAL A HG13 1 
ATOM 864  H HG21 . VAL A 1 52  ? 0.361   6.505   3.895   1.00 1.75  ? 52  VAL A HG21 1 
ATOM 865  H HG22 . VAL A 1 52  ? -0.249  4.996   3.219   1.00 1.75  ? 52  VAL A HG22 1 
ATOM 866  H HG23 . VAL A 1 52  ? -1.315  6.392   3.359   1.00 1.69  ? 52  VAL A HG23 1 
ATOM 867  N N    . LEU A 1 53  ? 2.077   5.305   -0.736  1.00 0.28  ? 53  LEU A N    1 
ATOM 868  C CA   . LEU A 1 53  ? 2.448   5.451   -2.187  1.00 0.30  ? 53  LEU A CA   1 
ATOM 869  C C    . LEU A 1 53  ? 1.474   4.669   -3.078  1.00 0.28  ? 53  LEU A C    1 
ATOM 870  O O    . LEU A 1 53  ? 0.602   3.975   -2.602  1.00 0.28  ? 53  LEU A O    1 
ATOM 871  C CB   . LEU A 1 53  ? 3.856   4.893   -2.403  1.00 0.32  ? 53  LEU A CB   1 
ATOM 872  C CG   . LEU A 1 53  ? 4.868   5.684   -1.571  1.00 0.39  ? 53  LEU A CG   1 
ATOM 873  C CD1  . LEU A 1 53  ? 6.249   5.050   -1.732  1.00 0.52  ? 53  LEU A CD1  1 
ATOM 874  C CD2  . LEU A 1 53  ? 4.917   7.144   -2.045  1.00 0.49  ? 53  LEU A CD2  1 
ATOM 875  H H    . LEU A 1 53  ? 1.965   4.407   -0.351  1.00 0.27  ? 53  LEU A H    1 
ATOM 876  H HA   . LEU A 1 53  ? 2.428   6.491   -2.470  1.00 0.34  ? 53  LEU A HA   1 
ATOM 877  H HB2  . LEU A 1 53  ? 3.875   3.856   -2.097  1.00 0.30  ? 53  LEU A HB2  1 
ATOM 878  H HB3  . LEU A 1 53  ? 4.116   4.959   -3.449  1.00 0.36  ? 53  LEU A HB3  1 
ATOM 879  H HG   . LEU A 1 53  ? 4.577   5.651   -0.529  1.00 0.53  ? 53  LEU A HG   1 
ATOM 880  H HD11 . LEU A 1 53  ? 6.965   5.586   -1.130  1.00 1.14  ? 53  LEU A HD11 1 
ATOM 881  H HD12 . LEU A 1 53  ? 6.544   5.092   -2.770  1.00 1.10  ? 53  LEU A HD12 1 
ATOM 882  H HD13 . LEU A 1 53  ? 6.210   4.019   -1.412  1.00 1.20  ? 53  LEU A HD13 1 
ATOM 883  H HD21 . LEU A 1 53  ? 4.275   7.747   -1.420  1.00 1.04  ? 53  LEU A HD21 1 
ATOM 884  H HD22 . LEU A 1 53  ? 4.581   7.208   -3.069  1.00 1.20  ? 53  LEU A HD22 1 
ATOM 885  H HD23 . LEU A 1 53  ? 5.930   7.511   -1.978  1.00 1.16  ? 53  LEU A HD23 1 
ATOM 886  N N    . LYS A 1 54  ? 1.631   4.774   -4.377  1.00 0.31  ? 54  LYS A N    1 
ATOM 887  C CA   . LYS A 1 54  ? 0.740   4.027   -5.319  1.00 0.31  ? 54  LYS A CA   1 
ATOM 888  C C    . LYS A 1 54  ? 1.439   2.752   -5.794  1.00 0.30  ? 54  LYS A C    1 
ATOM 889  O O    . LYS A 1 54  ? 2.642   2.615   -5.699  1.00 0.36  ? 54  LYS A O    1 
ATOM 890  C CB   . LYS A 1 54  ? 0.390   4.897   -6.532  1.00 0.37  ? 54  LYS A CB   1 
ATOM 891  C CG   . LYS A 1 54  ? -0.793  5.814   -6.202  1.00 1.06  ? 54  LYS A CG   1 
ATOM 892  C CD   . LYS A 1 54  ? -1.184  6.602   -7.456  1.00 1.48  ? 54  LYS A CD   1 
ATOM 893  C CE   . LYS A 1 54  ? -2.408  7.476   -7.161  1.00 2.19  ? 54  LYS A CE   1 
ATOM 894  N NZ   . LYS A 1 54  ? -1.963  8.780   -6.595  1.00 2.92  ? 54  LYS A NZ   1 
ATOM 895  H H    . LYS A 1 54  ? 2.350   5.337   -4.734  1.00 0.36  ? 54  LYS A H    1 
ATOM 896  H HA   . LYS A 1 54  ? -0.165  3.751   -4.806  1.00 0.33  ? 54  LYS A HA   1 
ATOM 897  H HB2  . LYS A 1 54  ? 1.247   5.499   -6.798  1.00 0.74  ? 54  LYS A HB2  1 
ATOM 898  H HB3  . LYS A 1 54  ? 0.127   4.261   -7.364  1.00 0.94  ? 54  LYS A HB3  1 
ATOM 899  H HG2  . LYS A 1 54  ? -1.631  5.215   -5.876  1.00 1.68  ? 54  LYS A HG2  1 
ATOM 900  H HG3  . LYS A 1 54  ? -0.512  6.501   -5.419  1.00 1.57  ? 54  LYS A HG3  1 
ATOM 901  H HD2  . LYS A 1 54  ? -0.359  7.230   -7.757  1.00 1.86  ? 54  LYS A HD2  1 
ATOM 902  H HD3  . LYS A 1 54  ? -1.422  5.914   -8.252  1.00 1.85  ? 54  LYS A HD3  1 
ATOM 903  H HE2  . LYS A 1 54  ? -2.952  7.651   -8.078  1.00 2.46  ? 54  LYS A HE2  1 
ATOM 904  H HE3  . LYS A 1 54  ? -3.051  6.977   -6.453  1.00 2.69  ? 54  LYS A HE3  1 
ATOM 905  H HZ1  . LYS A 1 54  ? -1.127  9.116   -7.114  1.00 3.28  ? 54  LYS A HZ1  1 
ATOM 906  H HZ2  . LYS A 1 54  ? -1.724  8.658   -5.590  1.00 3.31  ? 54  LYS A HZ2  1 
ATOM 907  H HZ3  . LYS A 1 54  ? -2.729  9.478   -6.688  1.00 3.33  ? 54  LYS A HZ3  1 
ATOM 908  N N    . VAL A 1 55  ? 0.683   1.811   -6.292  1.00 0.32  ? 55  VAL A N    1 
ATOM 909  C CA   . VAL A 1 55  ? 1.284   0.529   -6.765  1.00 0.36  ? 55  VAL A CA   1 
ATOM 910  C C    . VAL A 1 55  ? 1.542   0.591   -8.269  1.00 0.32  ? 55  VAL A C    1 
ATOM 911  O O    . VAL A 1 55  ? 0.783   1.171   -9.019  1.00 0.38  ? 55  VAL A O    1 
ATOM 912  C CB   . VAL A 1 55  ? 0.307   -0.607  -6.478  1.00 0.55  ? 55  VAL A CB   1 
ATOM 913  C CG1  . VAL A 1 55  ? 0.799   -1.902  -7.128  1.00 0.95  ? 55  VAL A CG1  1 
ATOM 914  C CG2  . VAL A 1 55  ? 0.192   -0.812  -4.967  1.00 1.28  ? 55  VAL A CG2  1 
ATOM 915  H H    . VAL A 1 55  ? -0.290  1.944   -6.346  1.00 0.38  ? 55  VAL A H    1 
ATOM 916  H HA   . VAL A 1 55  ? 2.211   0.348   -6.243  1.00 0.41  ? 55  VAL A HA   1 
ATOM 917  H HB   . VAL A 1 55  ? -0.654  -0.350  -6.883  1.00 1.31  ? 55  VAL A HB   1 
ATOM 918  H HG11 . VAL A 1 55  ? 0.649   -1.852  -8.196  1.00 1.48  ? 55  VAL A HG11 1 
ATOM 919  H HG12 . VAL A 1 55  ? 0.237   -2.733  -6.729  1.00 1.62  ? 55  VAL A HG12 1 
ATOM 920  H HG13 . VAL A 1 55  ? 1.848   -2.038  -6.915  1.00 1.54  ? 55  VAL A HG13 1 
ATOM 921  H HG21 . VAL A 1 55  ? 1.123   -1.208  -4.588  1.00 1.68  ? 55  VAL A HG21 1 
ATOM 922  H HG22 . VAL A 1 55  ? -0.607  -1.508  -4.758  1.00 1.88  ? 55  VAL A HG22 1 
ATOM 923  H HG23 . VAL A 1 55  ? -0.018  0.133   -4.490  1.00 1.88  ? 55  VAL A HG23 1 
ATOM 924  N N    . LYS A 1 56  ? 2.609   -0.014  -8.715  1.00 0.34  ? 56  LYS A N    1 
ATOM 925  C CA   . LYS A 1 56  ? 2.920   -0.004  -10.170 1.00 0.42  ? 56  LYS A CA   1 
ATOM 926  C C    . LYS A 1 56  ? 2.079   -1.063  -10.896 1.00 0.45  ? 56  LYS A C    1 
ATOM 927  O O    . LYS A 1 56  ? 1.500   -0.800  -11.932 1.00 0.56  ? 56  LYS A O    1 
ATOM 928  C CB   . LYS A 1 56  ? 4.418   -0.281  -10.391 1.00 0.54  ? 56  LYS A CB   1 
ATOM 929  C CG   . LYS A 1 56  ? 4.879   -1.497  -9.566  1.00 0.54  ? 56  LYS A CG   1 
ATOM 930  C CD   . LYS A 1 56  ? 5.999   -1.089  -8.602  1.00 0.72  ? 56  LYS A CD   1 
ATOM 931  C CE   . LYS A 1 56  ? 7.267   -0.754  -9.392  1.00 1.65  ? 56  LYS A CE   1 
ATOM 932  N NZ   . LYS A 1 56  ? 7.916   0.449   -8.798  1.00 2.39  ? 56  LYS A NZ   1 
ATOM 933  H H    . LYS A 1 56  ? 3.203   -0.482  -8.091  1.00 0.36  ? 56  LYS A H    1 
ATOM 934  H HA   . LYS A 1 56  ? 2.679   0.967   -10.572 1.00 0.45  ? 56  LYS A HA   1 
ATOM 935  H HB2  . LYS A 1 56  ? 4.589   -0.479  -11.439 1.00 0.68  ? 56  LYS A HB2  1 
ATOM 936  H HB3  . LYS A 1 56  ? 4.986   0.588   -10.098 1.00 0.59  ? 56  LYS A HB3  1 
ATOM 937  H HG2  . LYS A 1 56  ? 4.055   -1.892  -9.000  1.00 0.84  ? 56  LYS A HG2  1 
ATOM 938  H HG3  . LYS A 1 56  ? 5.249   -2.259  -10.235 1.00 0.84  ? 56  LYS A HG3  1 
ATOM 939  H HD2  . LYS A 1 56  ? 5.690   -0.228  -8.028  1.00 1.20  ? 56  LYS A HD2  1 
ATOM 940  H HD3  . LYS A 1 56  ? 6.206   -1.909  -7.931  1.00 1.46  ? 56  LYS A HD3  1 
ATOM 941  H HE2  . LYS A 1 56  ? 7.950   -1.590  -9.347  1.00 2.17  ? 56  LYS A HE2  1 
ATOM 942  H HE3  . LYS A 1 56  ? 7.011   -0.553  -10.422 1.00 2.27  ? 56  LYS A HE3  1 
ATOM 943  H HZ1  . LYS A 1 56  ? 8.750   0.159   -8.249  1.00 2.92  ? 56  LYS A HZ1  1 
ATOM 944  H HZ2  . LYS A 1 56  ? 7.240   0.933   -8.171  1.00 2.81  ? 56  LYS A HZ2  1 
ATOM 945  H HZ3  . LYS A 1 56  ? 8.210   1.095   -9.556  1.00 2.72  ? 56  LYS A HZ3  1 
ATOM 946  N N    . SER A 1 57  ? 2.000   -2.254  -10.366 1.00 0.40  ? 57  SER A N    1 
ATOM 947  C CA   . SER A 1 57  ? 1.189   -3.314  -11.034 1.00 0.45  ? 57  SER A CA   1 
ATOM 948  C C    . SER A 1 57  ? 0.805   -4.390  -10.014 1.00 0.39  ? 57  SER A C    1 
ATOM 949  O O    . SER A 1 57  ? 1.569   -4.721  -9.129  1.00 0.37  ? 57  SER A O    1 
ATOM 950  C CB   . SER A 1 57  ? 2.007   -3.949  -12.158 1.00 0.56  ? 57  SER A CB   1 
ATOM 951  O OG   . SER A 1 57  ? 1.172   -4.146  -13.292 1.00 1.41  ? 57  SER A OG   1 
ATOM 952  H H    . SER A 1 57  ? 2.463   -2.451  -9.531  1.00 0.38  ? 57  SER A H    1 
ATOM 953  H HA   . SER A 1 57  ? 0.293   -2.874  -11.447 1.00 0.51  ? 57  SER A HA   1 
ATOM 954  H HB2  . SER A 1 57  ? 2.823   -3.298  -12.427 1.00 1.09  ? 57  SER A HB2  1 
ATOM 955  H HB3  . SER A 1 57  ? 2.404   -4.898  -11.821 1.00 1.22  ? 57  SER A HB3  1 
ATOM 956  H HG   . SER A 1 57  ? 1.674   -4.636  -13.948 1.00 1.91  ? 57  SER A HG   1 
ATOM 957  N N    . LEU A 1 58  ? -0.373  -4.940  -10.130 1.00 0.40  ? 58  LEU A N    1 
ATOM 958  C CA   . LEU A 1 58  ? -0.806  -5.995  -9.168  1.00 0.39  ? 58  LEU A CA   1 
ATOM 959  C C    . LEU A 1 58  ? 0.208   -7.146  -9.161  1.00 0.35  ? 58  LEU A C    1 
ATOM 960  O O    . LEU A 1 58  ? 0.541   -7.683  -8.124  1.00 0.34  ? 58  LEU A O    1 
ATOM 961  C CB   . LEU A 1 58  ? -2.169  -6.543  -9.605  1.00 0.46  ? 58  LEU A CB   1 
ATOM 962  C CG   . LEU A 1 58  ? -2.751  -7.437  -8.503  1.00 0.47  ? 58  LEU A CG   1 
ATOM 963  C CD1  . LEU A 1 58  ? -3.750  -6.639  -7.664  1.00 1.01  ? 58  LEU A CD1  1 
ATOM 964  C CD2  . LEU A 1 58  ? -3.463  -8.632  -9.143  1.00 1.02  ? 58  LEU A CD2  1 
ATOM 965  H H    . LEU A 1 58  ? -0.977  -4.656  -10.847 1.00 0.45  ? 58  LEU A H    1 
ATOM 966  H HA   . LEU A 1 58  ? -0.885  -5.575  -8.178  1.00 0.38  ? 58  LEU A HA   1 
ATOM 967  H HB2  . LEU A 1 58  ? -2.843  -5.720  -9.799  1.00 0.51  ? 58  LEU A HB2  1 
ATOM 968  H HB3  . LEU A 1 58  ? -2.047  -7.123  -10.507 1.00 0.51  ? 58  LEU A HB3  1 
ATOM 969  H HG   . LEU A 1 58  ? -1.955  -7.792  -7.866  1.00 0.74  ? 58  LEU A HG   1 
ATOM 970  H HD11 . LEU A 1 58  ? -4.704  -6.613  -8.168  1.00 1.57  ? 58  LEU A HD11 1 
ATOM 971  H HD12 . LEU A 1 58  ? -3.385  -5.633  -7.530  1.00 1.69  ? 58  LEU A HD12 1 
ATOM 972  H HD13 . LEU A 1 58  ? -3.865  -7.110  -6.699  1.00 1.41  ? 58  LEU A HD13 1 
ATOM 973  H HD21 . LEU A 1 58  ? -2.749  -9.218  -9.703  1.00 1.54  ? 58  LEU A HD21 1 
ATOM 974  H HD22 . LEU A 1 58  ? -4.237  -8.278  -9.806  1.00 1.54  ? 58  LEU A HD22 1 
ATOM 975  H HD23 . LEU A 1 58  ? -3.904  -9.244  -8.370  1.00 1.63  ? 58  LEU A HD23 1 
ATOM 976  N N    . GLU A 1 59  ? 0.686   -7.540  -10.310 1.00 0.36  ? 59  GLU A N    1 
ATOM 977  C CA   . GLU A 1 59  ? 1.660   -8.670  -10.362 1.00 0.35  ? 59  GLU A CA   1 
ATOM 978  C C    . GLU A 1 59  ? 2.942   -8.295  -9.619  1.00 0.31  ? 59  GLU A C    1 
ATOM 979  O O    . GLU A 1 59  ? 3.487   -9.081  -8.869  1.00 0.30  ? 59  GLU A O    1 
ATOM 980  C CB   . GLU A 1 59  ? 1.995   -8.986  -11.823 1.00 0.40  ? 59  GLU A CB   1 
ATOM 981  C CG   . GLU A 1 59  ? 2.839   -10.261 -11.892 1.00 1.03  ? 59  GLU A CG   1 
ATOM 982  C CD   . GLU A 1 59  ? 3.246   -10.527 -13.343 1.00 1.29  ? 59  GLU A CD   1 
ATOM 983  O OE1  . GLU A 1 59  ? 3.215   -9.593  -14.128 1.00 1.76  ? 59  GLU A OE1  1 
ATOM 984  O OE2  . GLU A 1 59  ? 3.587   -11.660 -13.643 1.00 1.87  ? 59  GLU A OE2  1 
ATOM 985  H H    . GLU A 1 59  ? 0.394   -7.103  -11.136 1.00 0.38  ? 59  GLU A H    1 
ATOM 986  H HA   . GLU A 1 59  ? 1.221   -9.542  -9.900  1.00 0.37  ? 59  GLU A HA   1 
ATOM 987  H HB2  . GLU A 1 59  ? 1.079   -9.131  -12.378 1.00 0.84  ? 59  GLU A HB2  1 
ATOM 988  H HB3  . GLU A 1 59  ? 2.549   -8.166  -12.250 1.00 0.80  ? 59  GLU A HB3  1 
ATOM 989  H HG2  . GLU A 1 59  ? 3.727   -10.140 -11.288 1.00 1.49  ? 59  GLU A HG2  1 
ATOM 990  H HG3  . GLU A 1 59  ? 2.264   -11.097 -11.523 1.00 1.53  ? 59  GLU A HG3  1 
ATOM 991  N N    . GLU A 1 60  ? 3.433   -7.104  -9.819  1.00 0.31  ? 60  GLU A N    1 
ATOM 992  C CA   . GLU A 1 60  ? 4.681   -6.692  -9.121  1.00 0.30  ? 60  GLU A CA   1 
ATOM 993  C C    . GLU A 1 60  ? 4.420   -6.624  -7.616  1.00 0.26  ? 60  GLU A C    1 
ATOM 994  O O    . GLU A 1 60  ? 5.257   -6.981  -6.813  1.00 0.28  ? 60  GLU A O    1 
ATOM 995  C CB   . GLU A 1 60  ? 5.114   -5.313  -9.632  1.00 0.34  ? 60  GLU A CB   1 
ATOM 996  C CG   . GLU A 1 60  ? 6.481   -4.941  -9.046  1.00 0.46  ? 60  GLU A CG   1 
ATOM 997  C CD   . GLU A 1 60  ? 7.553   -5.875  -9.613  1.00 1.57  ? 60  GLU A CD   1 
ATOM 998  O OE1  . GLU A 1 60  ? 7.339   -6.404  -10.691 1.00 2.29  ? 60  GLU A OE1  1 
ATOM 999  O OE2  . GLU A 1 60  ? 8.568   -6.045  -8.959  1.00 2.28  ? 60  GLU A OE2  1 
ATOM 1000 H H    . GLU A 1 60  ? 2.981   -6.483  -10.429 1.00 0.33  ? 60  GLU A H    1 
ATOM 1001 H HA   . GLU A 1 60  ? 5.460   -7.412  -9.320  1.00 0.32  ? 60  GLU A HA   1 
ATOM 1002 H HB2  . GLU A 1 60  ? 5.181   -5.336  -10.710 1.00 0.37  ? 60  GLU A HB2  1 
ATOM 1003 H HB3  . GLU A 1 60  ? 4.385   -4.574  -9.334  1.00 0.38  ? 60  GLU A HB3  1 
ATOM 1004 H HG2  . GLU A 1 60  ? 6.718   -3.921  -9.311  1.00 0.80  ? 60  GLU A HG2  1 
ATOM 1005 H HG3  . GLU A 1 60  ? 6.455   -5.037  -7.972  1.00 0.87  ? 60  GLU A HG3  1 
ATOM 1006 N N    . LEU A 1 61  ? 3.269   -6.158  -7.227  1.00 0.25  ? 61  LEU A N    1 
ATOM 1007 C CA   . LEU A 1 61  ? 2.958   -6.053  -5.775  1.00 0.24  ? 61  LEU A CA   1 
ATOM 1008 C C    . LEU A 1 61  ? 2.830   -7.446  -5.149  1.00 0.25  ? 61  LEU A C    1 
ATOM 1009 O O    . LEU A 1 61  ? 3.439   -7.745  -4.143  1.00 0.34  ? 61  LEU A O    1 
ATOM 1010 C CB   . LEU A 1 61  ? 1.644   -5.285  -5.615  1.00 0.29  ? 61  LEU A CB   1 
ATOM 1011 C CG   . LEU A 1 61  ? 1.169   -5.309  -4.159  1.00 0.39  ? 61  LEU A CG   1 
ATOM 1012 C CD1  . LEU A 1 61  ? 2.284   -4.820  -3.241  1.00 0.66  ? 61  LEU A CD1  1 
ATOM 1013 C CD2  . LEU A 1 61  ? -0.037  -4.384  -4.021  1.00 0.46  ? 61  LEU A CD2  1 
ATOM 1014 H H    . LEU A 1 61  ? 2.609   -5.867  -7.891  1.00 0.27  ? 61  LEU A H    1 
ATOM 1015 H HA   . LEU A 1 61  ? 3.752   -5.510  -5.287  1.00 0.24  ? 61  LEU A HA   1 
ATOM 1016 H HB2  . LEU A 1 61  ? 1.800   -4.262  -5.918  1.00 0.37  ? 61  LEU A HB2  1 
ATOM 1017 H HB3  . LEU A 1 61  ? 0.890   -5.733  -6.244  1.00 0.34  ? 61  LEU A HB3  1 
ATOM 1018 H HG   . LEU A 1 61  ? 0.881   -6.312  -3.880  1.00 0.52  ? 61  LEU A HG   1 
ATOM 1019 H HD11 . LEU A 1 61  ? 2.999   -5.609  -3.093  1.00 1.23  ? 61  LEU A HD11 1 
ATOM 1020 H HD12 . LEU A 1 61  ? 1.866   -4.536  -2.293  1.00 1.27  ? 61  LEU A HD12 1 
ATOM 1021 H HD13 . LEU A 1 61  ? 2.775   -3.969  -3.689  1.00 1.28  ? 61  LEU A HD13 1 
ATOM 1022 H HD21 . LEU A 1 61  ? -0.746  -4.819  -3.331  1.00 1.15  ? 61  LEU A HD21 1 
ATOM 1023 H HD22 . LEU A 1 61  ? -0.502  -4.258  -4.988  1.00 1.12  ? 61  LEU A HD22 1 
ATOM 1024 H HD23 . LEU A 1 61  ? 0.287   -3.424  -3.650  1.00 1.12  ? 61  LEU A HD23 1 
ATOM 1025 N N    . LEU A 1 62  ? 2.035   -8.295  -5.724  1.00 0.24  ? 62  LEU A N    1 
ATOM 1026 C CA   . LEU A 1 62  ? 1.871   -9.656  -5.148  1.00 0.26  ? 62  LEU A CA   1 
ATOM 1027 C C    . LEU A 1 62  ? 3.237   -10.343 -5.083  1.00 0.24  ? 62  LEU A C    1 
ATOM 1028 O O    . LEU A 1 62  ? 3.506   -11.134 -4.202  1.00 0.27  ? 62  LEU A O    1 
ATOM 1029 C CB   . LEU A 1 62  ? 0.928   -10.472 -6.037  1.00 0.31  ? 62  LEU A CB   1 
ATOM 1030 C CG   . LEU A 1 62  ? 0.568   -11.789 -5.345  1.00 0.39  ? 62  LEU A CG   1 
ATOM 1031 C CD1  . LEU A 1 62  ? -0.931  -11.814 -5.046  1.00 0.89  ? 62  LEU A CD1  1 
ATOM 1032 C CD2  . LEU A 1 62  ? 0.924   -12.960 -6.264  1.00 0.78  ? 62  LEU A CD2  1 
ATOM 1033 H H    . LEU A 1 62  ? 1.536   -8.039  -6.526  1.00 0.29  ? 62  LEU A H    1 
ATOM 1034 H HA   . LEU A 1 62  ? 1.457   -9.577  -4.155  1.00 0.28  ? 62  LEU A HA   1 
ATOM 1035 H HB2  . LEU A 1 62  ? 0.026   -9.904  -6.219  1.00 0.31  ? 62  LEU A HB2  1 
ATOM 1036 H HB3  . LEU A 1 62  ? 1.414   -10.683 -6.978  1.00 0.35  ? 62  LEU A HB3  1 
ATOM 1037 H HG   . LEU A 1 62  ? 1.120   -11.875 -4.420  1.00 0.52  ? 62  LEU A HG   1 
ATOM 1038 H HD11 . LEU A 1 62  ? -1.181  -12.733 -4.537  1.00 1.54  ? 62  LEU A HD11 1 
ATOM 1039 H HD12 . LEU A 1 62  ? -1.484  -11.755 -5.972  1.00 1.31  ? 62  LEU A HD12 1 
ATOM 1040 H HD13 . LEU A 1 62  ? -1.188  -10.974 -4.419  1.00 1.50  ? 62  LEU A HD13 1 
ATOM 1041 H HD21 . LEU A 1 62  ? 0.710   -13.891 -5.761  1.00 1.45  ? 62  LEU A HD21 1 
ATOM 1042 H HD22 . LEU A 1 62  ? 1.974   -12.917 -6.513  1.00 1.27  ? 62  LEU A HD22 1 
ATOM 1043 H HD23 . LEU A 1 62  ? 0.338   -12.897 -7.170  1.00 1.32  ? 62  LEU A HD23 1 
ATOM 1044 N N    . GLY A 1 63  ? 4.095   -10.059 -6.026  1.00 0.23  ? 63  GLY A N    1 
ATOM 1045 C CA   . GLY A 1 63  ? 5.439   -10.706 -6.042  1.00 0.25  ? 63  GLY A CA   1 
ATOM 1046 C C    . GLY A 1 63  ? 6.365   -10.113 -4.970  1.00 0.22  ? 63  GLY A C    1 
ATOM 1047 O O    . GLY A 1 63  ? 6.994   -10.836 -4.224  1.00 0.23  ? 63  GLY A O    1 
ATOM 1048 H H    . GLY A 1 63  ? 3.849   -9.428  -6.734  1.00 0.24  ? 63  GLY A H    1 
ATOM 1049 H HA2  . GLY A 1 63  ? 5.323   -11.765 -5.863  1.00 0.30  ? 63  GLY A HA2  1 
ATOM 1050 H HA3  . GLY A 1 63  ? 5.888   -10.561 -7.014  1.00 0.28  ? 63  GLY A HA3  1 
ATOM 1051 N N    . ILE A 1 64  ? 6.488   -8.812  -4.901  1.00 0.20  ? 64  ILE A N    1 
ATOM 1052 C CA   . ILE A 1 64  ? 7.414   -8.212  -3.891  1.00 0.19  ? 64  ILE A CA   1 
ATOM 1053 C C    . ILE A 1 64  ? 6.848   -8.348  -2.475  1.00 0.18  ? 64  ILE A C    1 
ATOM 1054 O O    . ILE A 1 64  ? 7.584   -8.587  -1.538  1.00 0.20  ? 64  ILE A O    1 
ATOM 1055 C CB   . ILE A 1 64  ? 7.654   -6.736  -4.217  1.00 0.21  ? 64  ILE A CB   1 
ATOM 1056 C CG1  . ILE A 1 64  ? 6.326   -5.970  -4.127  1.00 0.23  ? 64  ILE A CG1  1 
ATOM 1057 C CG2  . ILE A 1 64  ? 8.229   -6.633  -5.635  1.00 0.26  ? 64  ILE A CG2  1 
ATOM 1058 C CD1  . ILE A 1 64  ? 6.233   -5.205  -2.798  1.00 0.25  ? 64  ILE A CD1  1 
ATOM 1059 H H    . ILE A 1 64  ? 5.996   -8.236  -5.523  1.00 0.22  ? 64  ILE A H    1 
ATOM 1060 H HA   . ILE A 1 64  ? 8.358   -8.734  -3.936  1.00 0.21  ? 64  ILE A HA   1 
ATOM 1061 H HB   . ILE A 1 64  ? 8.365   -6.325  -3.514  1.00 0.23  ? 64  ILE A HB   1 
ATOM 1062 H HG12 . ILE A 1 64  ? 6.258   -5.269  -4.945  1.00 0.30  ? 64  ILE A HG12 1 
ATOM 1063 H HG13 . ILE A 1 64  ? 5.513   -6.669  -4.190  1.00 0.25  ? 64  ILE A HG13 1 
ATOM 1064 H HG21 . ILE A 1 64  ? 7.555   -7.104  -6.332  1.00 1.09  ? 64  ILE A HG21 1 
ATOM 1065 H HG22 . ILE A 1 64  ? 9.186   -7.133  -5.670  1.00 1.02  ? 64  ILE A HG22 1 
ATOM 1066 H HG23 . ILE A 1 64  ? 8.360   -5.597  -5.905  1.00 1.05  ? 64  ILE A HG23 1 
ATOM 1067 H HD11 . ILE A 1 64  ? 6.669   -5.792  -2.005  1.00 0.99  ? 64  ILE A HD11 1 
ATOM 1068 H HD12 . ILE A 1 64  ? 5.197   -5.014  -2.569  1.00 1.09  ? 64  ILE A HD12 1 
ATOM 1069 H HD13 . ILE A 1 64  ? 6.756   -4.268  -2.881  1.00 1.04  ? 64  ILE A HD13 1 
ATOM 1070 N N    . LYS A 1 65  ? 5.562   -8.207  -2.288  1.00 0.23  ? 65  LYS A N    1 
ATOM 1071 C CA   . LYS A 1 65  ? 5.024   -8.345  -0.905  1.00 0.29  ? 65  LYS A CA   1 
ATOM 1072 C C    . LYS A 1 65  ? 5.407   -9.727  -0.389  1.00 0.25  ? 65  LYS A C    1 
ATOM 1073 O O    . LYS A 1 65  ? 5.757   -9.898  0.762   1.00 0.27  ? 65  LYS A O    1 
ATOM 1074 C CB   . LYS A 1 65  ? 3.497   -8.153  -0.898  1.00 0.45  ? 65  LYS A CB   1 
ATOM 1075 C CG   . LYS A 1 65  ? 2.773   -9.437  -1.341  1.00 0.71  ? 65  LYS A CG   1 
ATOM 1076 C CD   . LYS A 1 65  ? 2.642   -10.457 -0.192  1.00 0.40  ? 65  LYS A CD   1 
ATOM 1077 C CE   . LYS A 1 65  ? 1.161   -10.768 0.031   1.00 0.58  ? 65  LYS A CE   1 
ATOM 1078 N NZ   . LYS A 1 65  ? 1.023   -11.777 1.120   1.00 1.46  ? 65  LYS A NZ   1 
ATOM 1079 H H    . LYS A 1 65  ? 4.964   -8.016  -3.042  1.00 0.27  ? 65  LYS A H    1 
ATOM 1080 H HA   . LYS A 1 65  ? 5.481   -7.596  -0.275  1.00 0.36  ? 65  LYS A HA   1 
ATOM 1081 H HB2  . LYS A 1 65  ? 3.173   -7.863  0.089   1.00 1.10  ? 65  LYS A HB2  1 
ATOM 1082 H HB3  . LYS A 1 65  ? 3.248   -7.362  -1.585  1.00 1.07  ? 65  LYS A HB3  1 
ATOM 1083 H HG2  . LYS A 1 65  ? 1.784   -9.175  -1.683  1.00 1.38  ? 65  LYS A HG2  1 
ATOM 1084 H HG3  . LYS A 1 65  ? 3.317   -9.887  -2.154  1.00 1.52  ? 65  LYS A HG3  1 
ATOM 1085 H HD2  . LYS A 1 65  ? 3.159   -11.365 -0.463  1.00 0.50  ? 65  LYS A HD2  1 
ATOM 1086 H HD3  . LYS A 1 65  ? 3.067   -10.065 0.719   1.00 0.60  ? 65  LYS A HD3  1 
ATOM 1087 H HE2  . LYS A 1 65  ? 0.641   -9.864  0.309   1.00 0.97  ? 65  LYS A HE2  1 
ATOM 1088 H HE3  . LYS A 1 65  ? 0.734   -11.161 -0.880  1.00 1.04  ? 65  LYS A HE3  1 
ATOM 1089 H HZ1  . LYS A 1 65  ? 1.622   -12.599 0.909   1.00 1.99  ? 65  LYS A HZ1  1 
ATOM 1090 H HZ2  . LYS A 1 65  ? 0.029   -12.078 1.187   1.00 1.94  ? 65  LYS A HZ2  1 
ATOM 1091 H HZ3  . LYS A 1 65  ? 1.321   -11.356 2.022   1.00 2.02  ? 65  LYS A HZ3  1 
ATOM 1092 N N    . HIS A 1 66  ? 5.375   -10.712 -1.242  1.00 0.23  ? 66  HIS A N    1 
ATOM 1093 C CA   . HIS A 1 66  ? 5.772   -12.075 -0.812  1.00 0.25  ? 66  HIS A CA   1 
ATOM 1094 C C    . HIS A 1 66  ? 7.261   -12.040 -0.476  1.00 0.24  ? 66  HIS A C    1 
ATOM 1095 O O    . HIS A 1 66  ? 7.706   -12.613 0.499   1.00 0.27  ? 66  HIS A O    1 
ATOM 1096 C CB   . HIS A 1 66  ? 5.510   -13.069 -1.946  1.00 0.29  ? 66  HIS A CB   1 
ATOM 1097 C CG   . HIS A 1 66  ? 5.449   -14.463 -1.385  1.00 1.05  ? 66  HIS A CG   1 
ATOM 1098 N ND1  . HIS A 1 66  ? 4.809   -14.746 -0.189  1.00 2.00  ? 66  HIS A ND1  1 
ATOM 1099 C CD2  . HIS A 1 66  ? 5.929   -15.662 -1.849  1.00 1.74  ? 66  HIS A CD2  1 
ATOM 1100 C CE1  . HIS A 1 66  ? 4.920   -16.070 0.025   1.00 2.55  ? 66  HIS A CE1  1 
ATOM 1101 N NE2  . HIS A 1 66  ? 5.593   -16.676 -0.957  1.00 2.37  ? 66  HIS A NE2  1 
ATOM 1102 H H    . HIS A 1 66  ? 5.112   -10.548 -2.172  1.00 0.24  ? 66  HIS A H    1 
ATOM 1103 H HA   . HIS A 1 66  ? 5.210   -12.361 0.066   1.00 0.27  ? 66  HIS A HA   1 
ATOM 1104 H HB2  . HIS A 1 66  ? 4.570   -12.831 -2.423  1.00 0.69  ? 66  HIS A HB2  1 
ATOM 1105 H HB3  . HIS A 1 66  ? 6.309   -13.008 -2.670  1.00 0.70  ? 66  HIS A HB3  1 
ATOM 1106 H HD1  . HIS A 1 66  ? 4.360   -14.100 0.396   1.00 2.52  ? 66  HIS A HD1  1 
ATOM 1107 H HD2  . HIS A 1 66  ? 6.479   -15.798 -2.767  1.00 2.25  ? 66  HIS A HD2  1 
ATOM 1108 H HE1  . HIS A 1 66  ? 4.513   -16.580 0.886   1.00 3.36  ? 66  HIS A HE1  1 
ATOM 1109 N N    . LYS A 1 67  ? 8.033   -11.347 -1.273  1.00 0.23  ? 67  LYS A N    1 
ATOM 1110 C CA   . LYS A 1 67  ? 9.491   -11.247 -0.997  1.00 0.26  ? 67  LYS A CA   1 
ATOM 1111 C C    . LYS A 1 67  ? 9.685   -10.578 0.362   1.00 0.26  ? 67  LYS A C    1 
ATOM 1112 O O    . LYS A 1 67  ? 10.494  -11.000 1.162   1.00 0.29  ? 67  LYS A O    1 
ATOM 1113 C CB   . LYS A 1 67  ? 10.168  -10.408 -2.085  1.00 0.28  ? 67  LYS A CB   1 
ATOM 1114 C CG   . LYS A 1 67  ? 11.680  -10.368 -1.833  1.00 0.39  ? 67  LYS A CG   1 
ATOM 1115 C CD   . LYS A 1 67  ? 12.381  -9.590  -2.954  1.00 0.62  ? 67  LYS A CD   1 
ATOM 1116 C CE   . LYS A 1 67  ? 12.813  -8.214  -2.440  1.00 1.07  ? 67  LYS A CE   1 
ATOM 1117 N NZ   . LYS A 1 67  ? 13.528  -7.483  -3.525  1.00 1.88  ? 67  LYS A NZ   1 
ATOM 1118 H H    . LYS A 1 67  ? 7.648   -10.880 -2.044  1.00 0.22  ? 67  LYS A H    1 
ATOM 1119 H HA   . LYS A 1 67  ? 9.924   -12.236 -0.978  1.00 0.29  ? 67  LYS A HA   1 
ATOM 1120 H HB2  . LYS A 1 67  ? 9.972   -10.853 -3.051  1.00 0.31  ? 67  LYS A HB2  1 
ATOM 1121 H HB3  . LYS A 1 67  ? 9.774   -9.403  -2.064  1.00 0.28  ? 67  LYS A HB3  1 
ATOM 1122 H HG2  . LYS A 1 67  ? 11.871  -9.885  -0.886  1.00 0.54  ? 67  LYS A HG2  1 
ATOM 1123 H HG3  . LYS A 1 67  ? 12.064  -11.377 -1.805  1.00 0.68  ? 67  LYS A HG3  1 
ATOM 1124 H HD2  . LYS A 1 67  ? 13.250  -10.139 -3.282  1.00 1.18  ? 67  LYS A HD2  1 
ATOM 1125 H HD3  . LYS A 1 67  ? 11.703  -9.461  -3.785  1.00 1.27  ? 67  LYS A HD3  1 
ATOM 1126 H HE2  . LYS A 1 67  ? 11.942  -7.650  -2.139  1.00 1.68  ? 67  LYS A HE2  1 
ATOM 1127 H HE3  . LYS A 1 67  ? 13.474  -8.335  -1.594  1.00 1.60  ? 67  LYS A HE3  1 
ATOM 1128 H HZ1  . LYS A 1 67  ? 13.087  -6.553  -3.666  1.00 2.26  ? 67  LYS A HZ1  1 
ATOM 1129 H HZ2  . LYS A 1 67  ? 13.471  -8.031  -4.407  1.00 2.36  ? 67  LYS A HZ2  1 
ATOM 1130 H HZ3  . LYS A 1 67  ? 14.525  -7.354  -3.258  1.00 2.44  ? 67  LYS A HZ3  1 
ATOM 1131 N N    . ALA A 1 68  ? 8.938   -9.542  0.637   1.00 0.24  ? 68  ALA A N    1 
ATOM 1132 C CA   . ALA A 1 68  ? 9.080   -8.867  1.955   1.00 0.26  ? 68  ALA A CA   1 
ATOM 1133 C C    . ALA A 1 68  ? 8.655   -9.843  3.053   1.00 0.26  ? 68  ALA A C    1 
ATOM 1134 O O    . ALA A 1 68  ? 9.335   -10.013 4.043   1.00 0.29  ? 68  ALA A O    1 
ATOM 1135 C CB   . ALA A 1 68  ? 8.195   -7.618  1.991   1.00 0.26  ? 68  ALA A CB   1 
ATOM 1136 H H    . ALA A 1 68  ? 8.280   -9.218  -0.017  1.00 0.23  ? 68  ALA A H    1 
ATOM 1137 H HA   . ALA A 1 68  ? 10.111  -8.585  2.109   1.00 0.29  ? 68  ALA A HA   1 
ATOM 1138 H HB1  . ALA A 1 68  ? 7.239   -7.839  1.541   1.00 1.06  ? 68  ALA A HB1  1 
ATOM 1139 H HB2  . ALA A 1 68  ? 8.674   -6.823  1.441   1.00 1.05  ? 68  ALA A HB2  1 
ATOM 1140 H HB3  . ALA A 1 68  ? 8.049   -7.307  3.015   1.00 1.04  ? 68  ALA A HB3  1 
ATOM 1141 N N    . GLU A 1 69  ? 7.542   -10.497 2.879   1.00 0.24  ? 69  GLU A N    1 
ATOM 1142 C CA   . GLU A 1 69  ? 7.081   -11.477 3.903   1.00 0.26  ? 69  GLU A CA   1 
ATOM 1143 C C    . GLU A 1 69  ? 8.132   -12.585 4.062   1.00 0.30  ? 69  GLU A C    1 
ATOM 1144 O O    . GLU A 1 69  ? 8.190   -13.262 5.069   1.00 0.34  ? 69  GLU A O    1 
ATOM 1145 C CB   . GLU A 1 69  ? 5.752   -12.095 3.462   1.00 0.27  ? 69  GLU A CB   1 
ATOM 1146 C CG   . GLU A 1 69  ? 5.172   -12.926 4.609   1.00 0.31  ? 69  GLU A CG   1 
ATOM 1147 C CD   . GLU A 1 69  ? 3.867   -13.584 4.156   1.00 1.19  ? 69  GLU A CD   1 
ATOM 1148 O OE1  . GLU A 1 69  ? 3.487   -13.377 3.016   1.00 1.90  ? 69  GLU A OE1  1 
ATOM 1149 O OE2  . GLU A 1 69  ? 3.271   -14.283 4.959   1.00 1.93  ? 69  GLU A OE2  1 
ATOM 1150 H H    . GLU A 1 69  ? 7.011   -10.354 2.066   1.00 0.23  ? 69  GLU A H    1 
ATOM 1151 H HA   . GLU A 1 69  ? 6.945   -10.971 4.846   1.00 0.27  ? 69  GLU A HA   1 
ATOM 1152 H HB2  . GLU A 1 69  ? 5.059   -11.308 3.198   1.00 0.26  ? 69  GLU A HB2  1 
ATOM 1153 H HB3  . GLU A 1 69  ? 5.917   -12.731 2.606   1.00 0.28  ? 69  GLU A HB3  1 
ATOM 1154 H HG2  . GLU A 1 69  ? 5.880   -13.691 4.894   1.00 0.87  ? 69  GLU A HG2  1 
ATOM 1155 H HG3  . GLU A 1 69  ? 4.974   -12.286 5.455   1.00 0.73  ? 69  GLU A HG3  1 
ATOM 1156 N N    . SER A 1 70  ? 8.940   -12.791 3.056   1.00 0.33  ? 70  SER A N    1 
ATOM 1157 C CA   . SER A 1 70  ? 9.967   -13.876 3.112   1.00 0.39  ? 70  SER A CA   1 
ATOM 1158 C C    . SER A 1 70  ? 10.925  -13.684 4.295   1.00 0.41  ? 70  SER A C    1 
ATOM 1159 O O    . SER A 1 70  ? 11.401  -14.647 4.864   1.00 0.49  ? 70  SER A O    1 
ATOM 1160 C CB   . SER A 1 70  ? 10.773  -13.875 1.815   1.00 0.42  ? 70  SER A CB   1 
ATOM 1161 O OG   . SER A 1 70  ? 11.495  -15.096 1.710   1.00 1.40  ? 70  SER A OG   1 
ATOM 1162 H H    . SER A 1 70  ? 8.855   -12.246 2.247   1.00 0.32  ? 70  SER A H    1 
ATOM 1163 H HA   . SER A 1 70  ? 9.468   -14.828 3.215   1.00 0.43  ? 70  SER A HA   1 
ATOM 1164 H HB2  . SER A 1 70  ? 10.108  -13.781 0.974   1.00 1.01  ? 70  SER A HB2  1 
ATOM 1165 H HB3  . SER A 1 70  ? 11.462  -13.041 1.821   1.00 1.07  ? 70  SER A HB3  1 
ATOM 1166 H HG   . SER A 1 70  ? 10.865  -15.797 1.531   1.00 1.92  ? 70  SER A HG   1 
ATOM 1167 N N    . LEU A 1 71  ? 11.228  -12.468 4.668   1.00 0.41  ? 71  LEU A N    1 
ATOM 1168 C CA   . LEU A 1 71  ? 12.174  -12.262 5.808   1.00 0.49  ? 71  LEU A CA   1 
ATOM 1169 C C    . LEU A 1 71  ? 11.398  -12.187 7.125   1.00 0.41  ? 71  LEU A C    1 
ATOM 1170 O O    . LEU A 1 71  ? 11.938  -11.838 8.155   1.00 0.48  ? 71  LEU A O    1 
ATOM 1171 C CB   . LEU A 1 71  ? 12.979  -10.973 5.598   1.00 0.63  ? 71  LEU A CB   1 
ATOM 1172 C CG   . LEU A 1 71  ? 12.045  -9.760  5.524   1.00 0.84  ? 71  LEU A CG   1 
ATOM 1173 C CD1  . LEU A 1 71  ? 12.425  -8.759  6.617   1.00 1.51  ? 71  LEU A CD1  1 
ATOM 1174 C CD2  . LEU A 1 71  ? 12.188  -9.093  4.155   1.00 1.24  ? 71  LEU A CD2  1 
ATOM 1175 H H    . LEU A 1 71  ? 10.848  -11.697 4.196   1.00 0.40  ? 71  LEU A H    1 
ATOM 1176 H HA   . LEU A 1 71  ? 12.859  -13.098 5.853   1.00 0.58  ? 71  LEU A HA   1 
ATOM 1177 H HB2  . LEU A 1 71  ? 13.666  -10.844 6.421   1.00 1.33  ? 71  LEU A HB2  1 
ATOM 1178 H HB3  . LEU A 1 71  ? 13.538  -11.047 4.677   1.00 1.02  ? 71  LEU A HB3  1 
ATOM 1179 H HG   . LEU A 1 71  ? 11.025  -10.075 5.667   1.00 1.10  ? 71  LEU A HG   1 
ATOM 1180 H HD11 . LEU A 1 71  ? 12.239  -9.196  7.587   1.00 2.17  ? 71  LEU A HD11 1 
ATOM 1181 H HD12 . LEU A 1 71  ? 11.832  -7.863  6.507   1.00 1.88  ? 71  LEU A HD12 1 
ATOM 1182 H HD13 . LEU A 1 71  ? 13.472  -8.508  6.529   1.00 1.79  ? 71  LEU A HD13 1 
ATOM 1183 H HD21 . LEU A 1 71  ? 11.488  -8.275  4.078   1.00 1.70  ? 71  LEU A HD21 1 
ATOM 1184 H HD22 . LEU A 1 71  ? 11.984  -9.816  3.379   1.00 1.81  ? 71  LEU A HD22 1 
ATOM 1185 H HD23 . LEU A 1 71  ? 13.195  -8.717  4.040   1.00 1.70  ? 71  LEU A HD23 1 
ATOM 1186 N N    . GLY A 1 72  ? 10.136  -12.517 7.099   1.00 0.34  ? 72  GLY A N    1 
ATOM 1187 C CA   . GLY A 1 72  ? 9.331   -12.470 8.351   1.00 0.33  ? 72  GLY A CA   1 
ATOM 1188 C C    . GLY A 1 72  ? 8.726   -11.077 8.522   1.00 0.30  ? 72  GLY A C    1 
ATOM 1189 O O    . GLY A 1 72  ? 8.398   -10.666 9.617   1.00 0.33  ? 72  GLY A O    1 
ATOM 1190 H H    . GLY A 1 72  ? 9.719   -12.799 6.260   1.00 0.33  ? 72  GLY A H    1 
ATOM 1191 H HA2  . GLY A 1 72  ? 8.538   -13.203 8.295   1.00 0.34  ? 72  GLY A HA2  1 
ATOM 1192 H HA3  . GLY A 1 72  ? 9.965   -12.688 9.196   1.00 0.37  ? 72  GLY A HA3  1 
ATOM 1193 N N    . LEU A 1 73  ? 8.572   -10.346 7.451   1.00 0.25  ? 73  LEU A N    1 
ATOM 1194 C CA   . LEU A 1 73  ? 7.987   -8.984  7.566   1.00 0.24  ? 73  LEU A CA   1 
ATOM 1195 C C    . LEU A 1 73  ? 6.463   -9.094  7.460   1.00 0.21  ? 73  LEU A C    1 
ATOM 1196 O O    . LEU A 1 73  ? 5.944   -9.858  6.672   1.00 0.22  ? 73  LEU A O    1 
ATOM 1197 C CB   . LEU A 1 73  ? 8.514   -8.106  6.428   1.00 0.23  ? 73  LEU A CB   1 
ATOM 1198 C CG   . LEU A 1 73  ? 8.388   -6.632  6.816   1.00 0.26  ? 73  LEU A CG   1 
ATOM 1199 C CD1  . LEU A 1 73  ? 9.693   -6.168  7.466   1.00 0.38  ? 73  LEU A CD1  1 
ATOM 1200 C CD2  . LEU A 1 73  ? 8.119   -5.794  5.564   1.00 0.48  ? 73  LEU A CD2  1 
ATOM 1201 H H    . LEU A 1 73  ? 8.842   -10.693 6.573   1.00 0.24  ? 73  LEU A H    1 
ATOM 1202 H HA   . LEU A 1 73  ? 8.256   -8.551  8.517   1.00 0.27  ? 73  LEU A HA   1 
ATOM 1203 H HB2  . LEU A 1 73  ? 9.550   -8.342  6.243   1.00 0.25  ? 73  LEU A HB2  1 
ATOM 1204 H HB3  . LEU A 1 73  ? 7.938   -8.290  5.535   1.00 0.23  ? 73  LEU A HB3  1 
ATOM 1205 H HG   . LEU A 1 73  ? 7.574   -6.512  7.516   1.00 0.39  ? 73  LEU A HG   1 
ATOM 1206 H HD11 . LEU A 1 73  ? 9.519   -5.255  8.014   1.00 1.12  ? 73  LEU A HD11 1 
ATOM 1207 H HD12 . LEU A 1 73  ? 10.432  -5.991  6.700   1.00 1.09  ? 73  LEU A HD12 1 
ATOM 1208 H HD13 . LEU A 1 73  ? 10.050  -6.931  8.142   1.00 1.08  ? 73  LEU A HD13 1 
ATOM 1209 H HD21 . LEU A 1 73  ? 7.162   -6.069  5.146   1.00 1.16  ? 73  LEU A HD21 1 
ATOM 1210 H HD22 . LEU A 1 73  ? 8.896   -5.975  4.836   1.00 1.16  ? 73  LEU A HD22 1 
ATOM 1211 H HD23 . LEU A 1 73  ? 8.108   -4.747  5.828   1.00 1.08  ? 73  LEU A HD23 1 
ATOM 1212 N N    . VAL A 1 74  ? 5.738   -8.349  8.250   1.00 0.21  ? 74  VAL A N    1 
ATOM 1213 C CA   . VAL A 1 74  ? 4.251   -8.432  8.180   1.00 0.20  ? 74  VAL A CA   1 
ATOM 1214 C C    . VAL A 1 74  ? 3.762   -7.680  6.942   1.00 0.20  ? 74  VAL A C    1 
ATOM 1215 O O    . VAL A 1 74  ? 3.752   -6.466  6.906   1.00 0.23  ? 74  VAL A O    1 
ATOM 1216 C CB   . VAL A 1 74  ? 3.646   -7.800  9.437   1.00 0.23  ? 74  VAL A CB   1 
ATOM 1217 C CG1  . VAL A 1 74  ? 2.192   -7.398  9.170   1.00 0.32  ? 74  VAL A CG1  1 
ATOM 1218 C CG2  . VAL A 1 74  ? 3.689   -8.813  10.587  1.00 0.28  ? 74  VAL A CG2  1 
ATOM 1219 H H    . VAL A 1 74  ? 6.168   -7.740  8.886   1.00 0.23  ? 74  VAL A H    1 
ATOM 1220 H HA   . VAL A 1 74  ? 3.950   -9.467  8.113   1.00 0.21  ? 74  VAL A HA   1 
ATOM 1221 H HB   . VAL A 1 74  ? 4.218   -6.924  9.703   1.00 0.21  ? 74  VAL A HB   1 
ATOM 1222 H HG11 . VAL A 1 74  ? 2.168   -6.450  8.652   1.00 1.09  ? 74  VAL A HG11 1 
ATOM 1223 H HG12 . VAL A 1 74  ? 1.664   -7.304  10.109  1.00 1.05  ? 74  VAL A HG12 1 
ATOM 1224 H HG13 . VAL A 1 74  ? 1.714   -8.152  8.562   1.00 1.04  ? 74  VAL A HG13 1 
ATOM 1225 H HG21 . VAL A 1 74  ? 2.736   -9.315  10.661  1.00 1.07  ? 74  VAL A HG21 1 
ATOM 1226 H HG22 . VAL A 1 74  ? 3.896   -8.300  11.514  1.00 1.12  ? 74  VAL A HG22 1 
ATOM 1227 H HG23 . VAL A 1 74  ? 4.465   -9.540  10.400  1.00 0.99  ? 74  VAL A HG23 1 
ATOM 1228 N N    . THR A 1 75  ? 3.362   -8.403  5.927   1.00 0.21  ? 75  THR A N    1 
ATOM 1229 C CA   . THR A 1 75  ? 2.870   -7.751  4.679   1.00 0.22  ? 75  THR A CA   1 
ATOM 1230 C C    . THR A 1 75  ? 1.637   -8.502  4.178   1.00 0.25  ? 75  THR A C    1 
ATOM 1231 O O    . THR A 1 75  ? 1.496   -9.690  4.390   1.00 0.34  ? 75  THR A O    1 
ATOM 1232 C CB   . THR A 1 75  ? 3.961   -7.807  3.607   1.00 0.32  ? 75  THR A CB   1 
ATOM 1233 O OG1  . THR A 1 75  ? 3.528   -8.637  2.538   1.00 1.12  ? 75  THR A OG1  1 
ATOM 1234 C CG2  . THR A 1 75  ? 5.243   -8.382  4.209   1.00 0.77  ? 75  THR A CG2  1 
ATOM 1235 H H    . THR A 1 75  ? 3.386   -9.381  5.988   1.00 0.24  ? 75  THR A H    1 
ATOM 1236 H HA   . THR A 1 75  ? 2.609   -6.723  4.877   1.00 0.23  ? 75  THR A HA   1 
ATOM 1237 H HB   . THR A 1 75  ? 4.155   -6.812  3.237   1.00 0.82  ? 75  THR A HB   1 
ATOM 1238 H HG1  . THR A 1 75  ? 3.939   -8.320  1.732   1.00 1.57  ? 75  THR A HG1  1 
ATOM 1239 H HG21 . THR A 1 75  ? 5.062   -9.391  4.542   1.00 1.37  ? 75  THR A HG21 1 
ATOM 1240 H HG22 . THR A 1 75  ? 5.553   -7.775  5.045   1.00 1.47  ? 75  THR A HG22 1 
ATOM 1241 H HG23 . THR A 1 75  ? 6.018   -8.385  3.462   1.00 1.35  ? 75  THR A HG23 1 
ATOM 1242 N N    . GLY A 1 76  ? 0.747   -7.824  3.512   1.00 0.21  ? 76  GLY A N    1 
ATOM 1243 C CA   . GLY A 1 76  ? -0.470  -8.512  2.997   1.00 0.29  ? 76  GLY A CA   1 
ATOM 1244 C C    . GLY A 1 76  ? -1.227  -7.569  2.068   1.00 0.25  ? 76  GLY A C    1 
ATOM 1245 O O    . GLY A 1 76  ? -1.244  -6.373  2.276   1.00 0.28  ? 76  GLY A O    1 
ATOM 1246 H H    . GLY A 1 76  ? 0.881   -6.866  3.343   1.00 0.18  ? 76  GLY A H    1 
ATOM 1247 H HA2  . GLY A 1 76  ? -0.180  -9.401  2.456   1.00 0.36  ? 76  GLY A HA2  1 
ATOM 1248 H HA3  . GLY A 1 76  ? -1.108  -8.785  3.823   1.00 0.34  ? 76  GLY A HA3  1 
ATOM 1249 N N    . LEU A 1 77  ? -1.873  -8.087  1.059   1.00 0.24  ? 77  LEU A N    1 
ATOM 1250 C CA   . LEU A 1 77  ? -2.639  -7.190  0.155   1.00 0.24  ? 77  LEU A CA   1 
ATOM 1251 C C    . LEU A 1 77  ? -4.016  -6.939  0.790   1.00 0.24  ? 77  LEU A C    1 
ATOM 1252 O O    . LEU A 1 77  ? -4.808  -7.834  1.006   1.00 0.33  ? 77  LEU A O    1 
ATOM 1253 C CB   . LEU A 1 77  ? -2.709  -7.798  -1.274  1.00 0.31  ? 77  LEU A CB   1 
ATOM 1254 C CG   . LEU A 1 77  ? -3.888  -8.770  -1.477  1.00 0.59  ? 77  LEU A CG   1 
ATOM 1255 C CD1  . LEU A 1 77  ? -3.900  -9.221  -2.939  1.00 1.44  ? 77  LEU A CD1  1 
ATOM 1256 C CD2  . LEU A 1 77  ? -3.719  -10.006 -0.584  1.00 1.58  ? 77  LEU A CD2  1 
ATOM 1257 H H    . LEU A 1 77  ? -1.868  -9.055  0.909   1.00 0.28  ? 77  LEU A H    1 
ATOM 1258 H HA   . LEU A 1 77  ? -2.118  -6.242  0.099   1.00 0.24  ? 77  LEU A HA   1 
ATOM 1259 H HB2  . LEU A 1 77  ? -2.799  -6.996  -1.990  1.00 0.70  ? 77  LEU A HB2  1 
ATOM 1260 H HB3  . LEU A 1 77  ? -1.783  -8.328  -1.469  1.00 0.67  ? 77  LEU A HB3  1 
ATOM 1261 H HG   . LEU A 1 77  ? -4.824  -8.281  -1.266  1.00 0.59  ? 77  LEU A HG   1 
ATOM 1262 H HD11 . LEU A 1 77  ? -4.777  -9.824  -3.124  1.00 1.99  ? 77  LEU A HD11 1 
ATOM 1263 H HD12 . LEU A 1 77  ? -3.013  -9.803  -3.145  1.00 1.98  ? 77  LEU A HD12 1 
ATOM 1264 H HD13 . LEU A 1 77  ? -3.918  -8.354  -3.582  1.00 1.92  ? 77  LEU A HD13 1 
ATOM 1265 H HD21 . LEU A 1 77  ? -2.885  -10.594 -0.940  1.00 2.04  ? 77  LEU A HD21 1 
ATOM 1266 H HD22 . LEU A 1 77  ? -4.618  -10.601 -0.622  1.00 2.19  ? 77  LEU A HD22 1 
ATOM 1267 H HD23 . LEU A 1 77  ? -3.532  -9.703  0.432   1.00 2.03  ? 77  LEU A HD23 1 
ATOM 1268 N N    . VAL A 1 78  ? -4.277  -5.713  1.136   1.00 0.23  ? 78  VAL A N    1 
ATOM 1269 C CA   . VAL A 1 78  ? -5.559  -5.364  1.789   1.00 0.27  ? 78  VAL A CA   1 
ATOM 1270 C C    . VAL A 1 78  ? -6.611  -5.045  0.735   1.00 0.27  ? 78  VAL A C    1 
ATOM 1271 O O    . VAL A 1 78  ? -6.427  -4.200  -0.125  1.00 0.31  ? 78  VAL A O    1 
ATOM 1272 C CB   . VAL A 1 78  ? -5.355  -4.147  2.686   1.00 0.33  ? 78  VAL A CB   1 
ATOM 1273 C CG1  . VAL A 1 78  ? -6.665  -3.820  3.401   1.00 0.37  ? 78  VAL A CG1  1 
ATOM 1274 C CG2  . VAL A 1 78  ? -4.268  -4.458  3.716   1.00 0.39  ? 78  VAL A CG2  1 
ATOM 1275 H H    . VAL A 1 78  ? -3.618  -5.021  0.982   1.00 0.27  ? 78  VAL A H    1 
ATOM 1276 H HA   . VAL A 1 78  ? -5.894  -6.197  2.389   1.00 0.29  ? 78  VAL A HA   1 
ATOM 1277 H HB   . VAL A 1 78  ? -5.054  -3.301  2.084   1.00 0.39  ? 78  VAL A HB   1 
ATOM 1278 H HG11 . VAL A 1 78  ? -6.485  -3.069  4.156   1.00 1.12  ? 78  VAL A HG11 1 
ATOM 1279 H HG12 . VAL A 1 78  ? -7.054  -4.715  3.865   1.00 1.05  ? 78  VAL A HG12 1 
ATOM 1280 H HG13 . VAL A 1 78  ? -7.381  -3.446  2.684   1.00 1.09  ? 78  VAL A HG13 1 
ATOM 1281 H HG21 . VAL A 1 78  ? -4.205  -3.649  4.428   1.00 1.05  ? 78  VAL A HG21 1 
ATOM 1282 H HG22 . VAL A 1 78  ? -3.319  -4.573  3.214   1.00 1.09  ? 78  VAL A HG22 1 
ATOM 1283 H HG23 . VAL A 1 78  ? -4.515  -5.374  4.233   1.00 1.15  ? 78  VAL A HG23 1 
ATOM 1284 N N    . GLN A 1 79  ? -7.715  -5.716  0.812   1.00 0.29  ? 79  GLN A N    1 
ATOM 1285 C CA   . GLN A 1 79  ? -8.816  -5.484  -0.150  1.00 0.33  ? 79  GLN A CA   1 
ATOM 1286 C C    . GLN A 1 79  ? -10.122 -5.577  0.629   1.00 0.33  ? 79  GLN A C    1 
ATOM 1287 O O    . GLN A 1 79  ? -10.109 -5.578  1.841   1.00 0.40  ? 79  GLN A O    1 
ATOM 1288 C CB   . GLN A 1 79  ? -8.757  -6.535  -1.260  1.00 0.41  ? 79  GLN A CB   1 
ATOM 1289 C CG   . GLN A 1 79  ? -7.440  -6.368  -2.022  1.00 0.63  ? 79  GLN A CG   1 
ATOM 1290 C CD   . GLN A 1 79  ? -7.384  -7.337  -3.197  1.00 0.90  ? 79  GLN A CD   1 
ATOM 1291 O OE1  . GLN A 1 79  ? -8.337  -8.033  -3.480  1.00 1.42  ? 79  GLN A OE1  1 
ATOM 1292 N NE2  . GLN A 1 79  ? -6.284  -7.412  -3.892  1.00 1.62  ? 79  GLN A NE2  1 
ATOM 1293 H H    . GLN A 1 79  ? -7.827  -6.381  1.521   1.00 0.30  ? 79  GLN A H    1 
ATOM 1294 H HA   . GLN A 1 79  ? -8.722  -4.495  -0.578  1.00 0.39  ? 79  GLN A HA   1 
ATOM 1295 H HB2  . GLN A 1 79  ? -8.800  -7.524  -0.824  1.00 0.51  ? 79  GLN A HB2  1 
ATOM 1296 H HB3  . GLN A 1 79  ? -9.584  -6.399  -1.936  1.00 0.53  ? 79  GLN A HB3  1 
ATOM 1297 H HG2  . GLN A 1 79  ? -7.364  -5.355  -2.388  1.00 1.22  ? 79  GLN A HG2  1 
ATOM 1298 H HG3  . GLN A 1 79  ? -6.614  -6.573  -1.360  1.00 1.18  ? 79  GLN A HG3  1 
ATOM 1299 H HE21 . GLN A 1 79  ? -5.516  -6.849  -3.653  1.00 1.87  ? 79  GLN A HE21 1 
ATOM 1300 H HE22 . GLN A 1 79  ? -6.223  -8.029  -4.648  1.00 2.19  ? 79  GLN A HE22 1 
ATOM 1301 N N    . ASP A 1 80  ? -11.243 -5.649  -0.027  1.00 0.37  ? 80  ASP A N    1 
ATOM 1302 C CA   . ASP A 1 80  ? -12.520 -5.737  0.736   1.00 0.44  ? 80  ASP A CA   1 
ATOM 1303 C C    . ASP A 1 80  ? -12.423 -6.918  1.710   1.00 0.56  ? 80  ASP A C    1 
ATOM 1304 O O    . ASP A 1 80  ? -12.740 -8.041  1.376   1.00 0.71  ? 80  ASP A O    1 
ATOM 1305 C CB   . ASP A 1 80  ? -13.679 -5.966  -0.236  1.00 0.55  ? 80  ASP A CB   1 
ATOM 1306 C CG   . ASP A 1 80  ? -13.665 -4.874  -1.309  1.00 1.50  ? 80  ASP A CG   1 
ATOM 1307 O OD1  . ASP A 1 80  ? -12.773 -4.042  -1.266  1.00 2.28  ? 80  ASP A OD1  1 
ATOM 1308 O OD2  . ASP A 1 80  ? -14.546 -4.888  -2.151  1.00 2.27  ? 80  ASP A OD2  1 
ATOM 1309 H H    . ASP A 1 80  ? -11.248 -5.642  -1.007  1.00 0.41  ? 80  ASP A H    1 
ATOM 1310 H HA   . ASP A 1 80  ? -12.679 -4.822  1.287   1.00 0.49  ? 80  ASP A HA   1 
ATOM 1311 H HB2  . ASP A 1 80  ? -13.571 -6.934  -0.704  1.00 1.14  ? 80  ASP A HB2  1 
ATOM 1312 H HB3  . ASP A 1 80  ? -14.613 -5.926  0.302   1.00 1.25  ? 80  ASP A HB3  1 
ATOM 1313 N N    . ALA A 1 81  ? -11.963 -6.668  2.909   1.00 0.69  ? 81  ALA A N    1 
ATOM 1314 C CA   . ALA A 1 81  ? -11.816 -7.767  3.905   1.00 0.92  ? 81  ALA A CA   1 
ATOM 1315 C C    . ALA A 1 81  ? -13.188 -8.342  4.250   1.00 0.87  ? 81  ALA A C    1 
ATOM 1316 O O    . ALA A 1 81  ? -13.335 -9.529  4.467   1.00 1.09  ? 81  ALA A O    1 
ATOM 1317 C CB   . ALA A 1 81  ? -11.154 -7.222  5.171   1.00 1.32  ? 81  ALA A CB   1 
ATOM 1318 H H    . ALA A 1 81  ? -11.699 -5.755  3.150   1.00 0.74  ? 81  ALA A H    1 
ATOM 1319 H HA   . ALA A 1 81  ? -11.198 -8.547  3.486   1.00 1.16  ? 81  ALA A HA   1 
ATOM 1320 H HB1  . ALA A 1 81  ? -10.081 -7.216  5.041   1.00 1.87  ? 81  ALA A HB1  1 
ATOM 1321 H HB2  . ALA A 1 81  ? -11.409 -7.851  6.011   1.00 1.58  ? 81  ALA A HB2  1 
ATOM 1322 H HB3  . ALA A 1 81  ? -11.499 -6.216  5.354   1.00 1.81  ? 81  ALA A HB3  1 
ATOM 1323 N N    . GLY A 1 82  ? -14.199 -7.520  4.297   1.00 1.07  ? 82  GLY A N    1 
ATOM 1324 C CA   . GLY A 1 82  ? -15.553 -8.045  4.621   1.00 1.53  ? 82  GLY A CA   1 
ATOM 1325 C C    . GLY A 1 82  ? -15.865 -9.195  3.665   1.00 1.73  ? 82  GLY A C    1 
ATOM 1326 O O    . GLY A 1 82  ? -16.504 -10.164 4.024   1.00 2.08  ? 82  GLY A O    1 
ATOM 1327 H H    . GLY A 1 82  ? -14.070 -6.566  4.114   1.00 1.15  ? 82  GLY A H    1 
ATOM 1328 H HA2  . GLY A 1 82  ? -15.568 -8.403  5.642   1.00 1.63  ? 82  GLY A HA2  1 
ATOM 1329 H HA3  . GLY A 1 82  ? -16.286 -7.265  4.496   1.00 1.87  ? 82  GLY A HA3  1 
ATOM 1330 N N    . LEU A 1 83  ? -15.401 -9.092  2.450   1.00 2.03  ? 83  LEU A N    1 
ATOM 1331 C CA   . LEU A 1 83  ? -15.644 -10.172 1.454   1.00 2.61  ? 83  LEU A CA   1 
ATOM 1332 C C    . LEU A 1 83  ? -14.435 -11.109 1.410   1.00 2.49  ? 83  LEU A C    1 
ATOM 1333 O O    . LEU A 1 83  ? -13.409 -10.845 2.004   1.00 2.79  ? 83  LEU A O    1 
ATOM 1334 C CB   . LEU A 1 83  ? -15.854 -9.556  0.067   1.00 3.60  ? 83  LEU A CB   1 
ATOM 1335 C CG   . LEU A 1 83  ? -17.344 -9.311  -0.174  1.00 4.56  ? 83  LEU A CG   1 
ATOM 1336 C CD1  . LEU A 1 83  ? -17.882 -8.335  0.875   1.00 5.11  ? 83  LEU A CD1  1 
ATOM 1337 C CD2  . LEU A 1 83  ? -17.538 -8.717  -1.570  1.00 5.31  ? 83  LEU A CD2  1 
ATOM 1338 H H    . LEU A 1 83  ? -14.880 -8.302  2.193   1.00 2.15  ? 83  LEU A H    1 
ATOM 1339 H HA   . LEU A 1 83  ? -16.522 -10.732 1.737   1.00 2.90  ? 83  LEU A HA   1 
ATOM 1340 H HB2  . LEU A 1 83  ? -15.322 -8.618  0.009   1.00 3.70  ? 83  LEU A HB2  1 
ATOM 1341 H HB3  . LEU A 1 83  ? -15.476 -10.231 -0.686  1.00 3.97  ? 83  LEU A HB3  1 
ATOM 1342 H HG   . LEU A 1 83  ? -17.882 -10.247 -0.103  1.00 4.81  ? 83  LEU A HG   1 
ATOM 1343 H HD11 . LEU A 1 83  ? -17.861 -8.803  1.848   1.00 5.42  ? 83  LEU A HD11 1 
ATOM 1344 H HD12 . LEU A 1 83  ? -18.897 -8.064  0.627   1.00 5.29  ? 83  LEU A HD12 1 
ATOM 1345 H HD13 . LEU A 1 83  ? -17.266 -7.448  0.889   1.00 5.47  ? 83  LEU A HD13 1 
ATOM 1346 H HD21 . LEU A 1 83  ? -16.589 -8.691  -2.084  1.00 5.55  ? 83  LEU A HD21 1 
ATOM 1347 H HD22 . LEU A 1 83  ? -17.928 -7.714  -1.483  1.00 5.66  ? 83  LEU A HD22 1 
ATOM 1348 H HD23 . LEU A 1 83  ? -18.232 -9.327  -2.128  1.00 5.66  ? 83  LEU A HD23 1 
ATOM 1349 N N    . THR A 1 84  ? -14.551 -12.200 0.706   1.00 2.68  ? 84  THR A N    1 
ATOM 1350 C CA   . THR A 1 84  ? -13.414 -13.157 0.613   1.00 3.12  ? 84  THR A CA   1 
ATOM 1351 C C    . THR A 1 84  ? -13.692 -14.150 -0.516  1.00 3.24  ? 84  THR A C    1 
ATOM 1352 O O    . THR A 1 84  ? -13.820 -15.338 -0.292  1.00 3.70  ? 84  THR A O    1 
ATOM 1353 C CB   . THR A 1 84  ? -13.272 -13.910 1.938   1.00 3.80  ? 84  THR A CB   1 
ATOM 1354 O OG1  . THR A 1 84  ? -12.396 -15.014 1.761   1.00 4.44  ? 84  THR A OG1  1 
ATOM 1355 C CG2  . THR A 1 84  ? -14.644 -14.410 2.391   1.00 4.37  ? 84  THR A CG2  1 
ATOM 1356 H H    . THR A 1 84  ? -15.388 -12.389 0.233   1.00 2.92  ? 84  THR A H    1 
ATOM 1357 H HA   . THR A 1 84  ? -12.503 -12.616 0.404   1.00 3.43  ? 84  THR A HA   1 
ATOM 1358 H HB   . THR A 1 84  ? -12.871 -13.247 2.688   1.00 4.01  ? 84  THR A HB   1 
ATOM 1359 H HG1  . THR A 1 84  ? -11.747 -14.993 2.467   1.00 4.68  ? 84  THR A HG1  1 
ATOM 1360 H HG21 . THR A 1 84  ? -15.331 -14.381 1.557   1.00 4.66  ? 84  THR A HG21 1 
ATOM 1361 H HG22 . THR A 1 84  ? -15.014 -13.778 3.184   1.00 4.74  ? 84  THR A HG22 1 
ATOM 1362 H HG23 . THR A 1 84  ? -14.557 -15.425 2.749   1.00 4.59  ? 84  THR A HG23 1 
ATOM 1363 N N    . GLU A 1 85  ? -13.795 -13.665 -1.727  1.00 3.37  ? 85  GLU A N    1 
ATOM 1364 C CA   . GLU A 1 85  ? -14.076 -14.564 -2.885  1.00 3.83  ? 85  GLU A CA   1 
ATOM 1365 C C    . GLU A 1 85  ? -13.226 -14.143 -4.085  1.00 3.49  ? 85  GLU A C    1 
ATOM 1366 O O    . GLU A 1 85  ? -12.237 -14.774 -4.406  1.00 3.56  ? 85  GLU A O    1 
ATOM 1367 C CB   . GLU A 1 85  ? -15.556 -14.454 -3.258  1.00 4.50  ? 85  GLU A CB   1 
ATOM 1368 C CG   . GLU A 1 85  ? -16.375 -15.443 -2.429  1.00 5.28  ? 85  GLU A CG   1 
ATOM 1369 C CD   . GLU A 1 85  ? -16.285 -16.834 -3.060  1.00 6.01  ? 85  GLU A CD   1 
ATOM 1370 O OE1  . GLU A 1 85  ? -15.489 -17.001 -3.970  1.00 6.37  ? 85  GLU A OE1  1 
ATOM 1371 O OE2  . GLU A 1 85  ? -17.021 -17.707 -2.630  1.00 6.50  ? 85  GLU A OE2  1 
ATOM 1372 H H    . GLU A 1 85  ? -13.694 -12.701 -1.874  1.00 3.52  ? 85  GLU A H    1 
ATOM 1373 H HA   . GLU A 1 85  ? -13.846 -15.585 -2.622  1.00 4.31  ? 85  GLU A HA   1 
ATOM 1374 H HB2  . GLU A 1 85  ? -15.901 -13.448 -3.061  1.00 4.67  ? 85  GLU A HB2  1 
ATOM 1375 H HB3  . GLU A 1 85  ? -15.680 -14.676 -4.306  1.00 4.73  ? 85  GLU A HB3  1 
ATOM 1376 H HG2  . GLU A 1 85  ? -15.985 -15.478 -1.423  1.00 5.49  ? 85  GLU A HG2  1 
ATOM 1377 H HG3  . GLU A 1 85  ? -17.407 -15.127 -2.405  1.00 5.51  ? 85  GLU A HG3  1 
ATOM 1378 N N    . VAL A 1 86  ? -13.613 -13.085 -4.748  1.00 3.61  ? 86  VAL A N    1 
ATOM 1379 C CA   . VAL A 1 86  ? -12.849 -12.610 -5.939  1.00 3.59  ? 86  VAL A CA   1 
ATOM 1380 C C    . VAL A 1 86  ? -12.046 -11.347 -5.567  1.00 3.04  ? 86  VAL A C    1 
ATOM 1381 O O    . VAL A 1 86  ? -12.621 -10.283 -5.450  1.00 3.11  ? 86  VAL A O    1 
ATOM 1382 C CB   . VAL A 1 86  ? -13.834 -12.241 -7.054  1.00 4.37  ? 86  VAL A CB   1 
ATOM 1383 C CG1  . VAL A 1 86  ? -13.633 -13.182 -8.244  1.00 4.93  ? 86  VAL A CG1  1 
ATOM 1384 C CG2  . VAL A 1 86  ? -15.272 -12.370 -6.543  1.00 4.98  ? 86  VAL A CG2  1 
ATOM 1385 H H    . VAL A 1 86  ? -14.417 -12.603 -4.464  1.00 4.02  ? 86  VAL A H    1 
ATOM 1386 H HA   . VAL A 1 86  ? -12.201 -13.390 -6.291  1.00 3.91  ? 86  VAL A HA   1 
ATOM 1387 H HB   . VAL A 1 86  ? -13.653 -11.223 -7.369  1.00 4.67  ? 86  VAL A HB   1 
ATOM 1388 H HG11 . VAL A 1 86  ? -13.796 -14.200 -7.928  1.00 5.21  ? 86  VAL A HG11 1 
ATOM 1389 H HG12 . VAL A 1 86  ? -12.625 -13.078 -8.618  1.00 5.22  ? 86  VAL A HG12 1 
ATOM 1390 H HG13 . VAL A 1 86  ? -14.334 -12.928 -9.025  1.00 5.21  ? 86  VAL A HG13 1 
ATOM 1391 H HG21 . VAL A 1 86  ? -15.410 -11.726 -5.688  1.00 5.27  ? 86  VAL A HG21 1 
ATOM 1392 H HG22 . VAL A 1 86  ? -15.464 -13.394 -6.260  1.00 5.32  ? 86  VAL A HG22 1 
ATOM 1393 H HG23 . VAL A 1 86  ? -15.958 -12.079 -7.325  1.00 5.21  ? 86  VAL A HG23 1 
ATOM 1394 N N    . PRO A 1 87  ? -10.736 -11.425 -5.388  1.00 3.11  ? 87  PRO A N    1 
ATOM 1395 C CA   . PRO A 1 87  ? -9.947  -10.215 -5.043  1.00 3.16  ? 87  PRO A CA   1 
ATOM 1396 C C    . PRO A 1 87  ? -10.184 -9.067  -6.038  1.00 2.59  ? 87  PRO A C    1 
ATOM 1397 O O    . PRO A 1 87  ? -10.363 -7.937  -5.632  1.00 2.73  ? 87  PRO A O    1 
ATOM 1398 C CB   . PRO A 1 87  ? -8.480  -10.659 -5.030  1.00 3.97  ? 87  PRO A CB   1 
ATOM 1399 C CG   . PRO A 1 87  ? -8.471  -12.154 -5.145  1.00 4.39  ? 87  PRO A CG   1 
ATOM 1400 C CD   . PRO A 1 87  ? -9.889  -12.630 -5.482  1.00 3.85  ? 87  PRO A CD   1 
ATOM 1401 H HA   . PRO A 1 87  ? -10.220 -9.885  -4.053  1.00 3.59  ? 87  PRO A HA   1 
ATOM 1402 H HB2  . PRO A 1 87  ? -7.942  -10.210 -5.851  1.00 3.92  ? 87  PRO A HB2  1 
ATOM 1403 H HB3  . PRO A 1 87  ? -8.022  -10.368 -4.097  1.00 4.66  ? 87  PRO A HB3  1 
ATOM 1404 H HG2  . PRO A 1 87  ? -7.789  -12.453 -5.928  1.00 4.76  ? 87  PRO A HG2  1 
ATOM 1405 H HG3  . PRO A 1 87  ? -8.161  -12.588 -4.207  1.00 5.07  ? 87  PRO A HG3  1 
ATOM 1406 H HD2  . PRO A 1 87  ? -9.914  -13.042 -6.479  1.00 4.06  ? 87  PRO A HD2  1 
ATOM 1407 H HD3  . PRO A 1 87  ? -10.216 -13.367 -4.764  1.00 4.21  ? 87  PRO A HD3  1 
ATOM 1408 N N    . PRO A 1 88  ? -10.215 -9.334  -7.330  1.00 2.55  ? 88  PRO A N    1 
ATOM 1409 C CA   . PRO A 1 88  ? -10.469 -8.267  -8.340  1.00 2.55  ? 88  PRO A CA   1 
ATOM 1410 C C    . PRO A 1 88  ? -11.809 -7.574  -8.088  1.00 1.91  ? 88  PRO A C    1 
ATOM 1411 O O    . PRO A 1 88  ? -12.589 -8.004  -7.260  1.00 2.08  ? 88  PRO A O    1 
ATOM 1412 C CB   . PRO A 1 88  ? -10.494 -9.001  -9.684  1.00 3.40  ? 88  PRO A CB   1 
ATOM 1413 C CG   . PRO A 1 88  ? -9.790  -10.292 -9.448  1.00 3.75  ? 88  PRO A CG   1 
ATOM 1414 C CD   . PRO A 1 88  ? -10.014 -10.646 -7.979  1.00 3.23  ? 88  PRO A CD   1 
ATOM 1415 H HA   . PRO A 1 88  ? -9.668  -7.547  -8.333  1.00 2.98  ? 88  PRO A HA   1 
ATOM 1416 H HB2  . PRO A 1 88  ? -11.515 -9.178  -9.992  1.00 3.52  ? 88  PRO A HB2  1 
ATOM 1417 H HB3  . PRO A 1 88  ? -9.971  -8.426  -10.433 1.00 4.00  ? 88  PRO A HB3  1 
ATOM 1418 H HG2  . PRO A 1 88  ? -10.204 -11.060 -10.087 1.00 4.08  ? 88  PRO A HG2  1 
ATOM 1419 H HG3  . PRO A 1 88  ? -8.734  -10.179 -9.636  1.00 4.41  ? 88  PRO A HG3  1 
ATOM 1420 H HD2  . PRO A 1 88  ? -10.892 -11.268 -7.882  1.00 3.41  ? 88  PRO A HD2  1 
ATOM 1421 H HD3  . PRO A 1 88  ? -9.150  -11.139 -7.581  1.00 3.59  ? 88  PRO A HD3  1 
ATOM 1422 N N    . GLY A 1 89  ? -12.070 -6.502  -8.783  1.00 1.56  ? 89  GLY A N    1 
ATOM 1423 C CA   . GLY A 1 89  ? -13.348 -5.763  -8.586  1.00 1.41  ? 89  GLY A CA   1 
ATOM 1424 C C    . GLY A 1 89  ? -13.059 -4.518  -7.760  1.00 1.20  ? 89  GLY A C    1 
ATOM 1425 O O    . GLY A 1 89  ? -13.624 -3.471  -7.983  1.00 1.48  ? 89  GLY A O    1 
ATOM 1426 H H    . GLY A 1 89  ? -11.415 -6.174  -9.433  1.00 1.80  ? 89  GLY A H    1 
ATOM 1427 H HA2  . GLY A 1 89  ? -13.752 -5.480  -9.546  1.00 1.69  ? 89  GLY A HA2  1 
ATOM 1428 H HA3  . GLY A 1 89  ? -14.060 -6.382  -8.065  1.00 1.62  ? 89  GLY A HA3  1 
ATOM 1429 N N    . THR A 1 90  ? -12.164 -4.634  -6.815  1.00 0.93  ? 90  THR A N    1 
ATOM 1430 C CA   . THR A 1 90  ? -11.794 -3.473  -5.956  1.00 0.78  ? 90  THR A CA   1 
ATOM 1431 C C    . THR A 1 90  ? -10.389 -3.022  -6.322  1.00 0.66  ? 90  THR A C    1 
ATOM 1432 O O    . THR A 1 90  ? -9.711  -3.664  -7.096  1.00 0.70  ? 90  THR A O    1 
ATOM 1433 C CB   . THR A 1 90  ? -11.812 -3.905  -4.489  1.00 0.79  ? 90  THR A CB   1 
ATOM 1434 O OG1  . THR A 1 90  ? -10.799 -3.208  -3.777  1.00 1.51  ? 90  THR A OG1  1 
ATOM 1435 C CG2  . THR A 1 90  ? -11.556 -5.409  -4.398  1.00 1.39  ? 90  THR A CG2  1 
ATOM 1436 H H    . THR A 1 90  ? -11.720 -5.496  -6.676  1.00 1.02  ? 90  THR A H    1 
ATOM 1437 H HA   . THR A 1 90  ? -12.479 -2.658  -6.107  1.00 0.90  ? 90  THR A HA   1 
ATOM 1438 H HB   . THR A 1 90  ? -12.772 -3.685  -4.059  1.00 1.25  ? 90  THR A HB   1 
ATOM 1439 H HG1  . THR A 1 90  ? -10.029 -3.779  -3.720  1.00 1.89  ? 90  THR A HG1  1 
ATOM 1440 H HG21 . THR A 1 90  ? -12.454 -5.944  -4.668  1.00 1.88  ? 90  THR A HG21 1 
ATOM 1441 H HG22 . THR A 1 90  ? -11.276 -5.665  -3.388  1.00 1.83  ? 90  THR A HG22 1 
ATOM 1442 H HG23 . THR A 1 90  ? -10.758 -5.680  -5.074  1.00 2.04  ? 90  THR A HG23 1 
ATOM 1443 N N    . ILE A 1 91  ? -9.928  -1.949  -5.746  1.00 0.59  ? 91  ILE A N    1 
ATOM 1444 C CA   . ILE A 1 91  ? -8.553  -1.490  -6.059  1.00 0.54  ? 91  ILE A CA   1 
ATOM 1445 C C    . ILE A 1 91  ? -7.637  -2.410  -5.269  1.00 0.52  ? 91  ILE A C    1 
ATOM 1446 O O    . ILE A 1 91  ? -8.135  -3.259  -4.553  1.00 0.82  ? 91  ILE A O    1 
ATOM 1447 C CB   . ILE A 1 91  ? -8.381  -0.005  -5.630  1.00 0.55  ? 91  ILE A CB   1 
ATOM 1448 C CG1  . ILE A 1 91  ? -7.546  0.110   -4.338  1.00 0.76  ? 91  ILE A CG1  1 
ATOM 1449 C CG2  . ILE A 1 91  ? -9.756  0.630   -5.402  1.00 0.85  ? 91  ILE A CG2  1 
ATOM 1450 C CD1  . ILE A 1 91  ? -7.626  1.504   -3.775  1.00 0.85  ? 91  ILE A CD1  1 
ATOM 1451 H H    . ILE A 1 91  ? -10.479 -1.458  -5.100  1.00 0.61  ? 91  ILE A H    1 
ATOM 1452 H HA   . ILE A 1 91  ? -8.359  -1.599  -7.115  1.00 0.60  ? 91  ILE A HA   1 
ATOM 1453 H HB   . ILE A 1 91  ? -7.886  0.533   -6.422  1.00 0.55  ? 91  ILE A HB   1 
ATOM 1454 H HG12 . ILE A 1 91  ? -7.913  -0.566  -3.592  1.00 1.55  ? 91  ILE A HG12 1 
ATOM 1455 H HG13 . ILE A 1 91  ? -6.516  -0.098  -4.555  1.00 1.48  ? 91  ILE A HG13 1 
ATOM 1456 H HG21 . ILE A 1 91  ? -10.155 0.290   -4.463  1.00 1.32  ? 91  ILE A HG21 1 
ATOM 1457 H HG22 . ILE A 1 91  ? -10.422 0.350   -6.202  1.00 1.45  ? 91  ILE A HG22 1 
ATOM 1458 H HG23 . ILE A 1 91  ? -9.658  1.706   -5.383  1.00 1.33  ? 91  ILE A HG23 1 
ATOM 1459 H HD11 . ILE A 1 91  ? -7.515  2.214   -4.573  1.00 1.44  ? 91  ILE A HD11 1 
ATOM 1460 H HD12 . ILE A 1 91  ? -6.831  1.632   -3.054  1.00 1.56  ? 91  ILE A HD12 1 
ATOM 1461 H HD13 . ILE A 1 91  ? -8.580  1.634   -3.292  1.00 1.43  ? 91  ILE A HD13 1 
ATOM 1462 N N    . THR A 1 92  ? -6.338  -2.261  -5.376  1.00 0.32  ? 92  THR A N    1 
ATOM 1463 C CA   . THR A 1 92  ? -5.420  -3.159  -4.597  1.00 0.32  ? 92  THR A CA   1 
ATOM 1464 C C    . THR A 1 92  ? -4.654  -2.419  -3.496  1.00 0.32  ? 92  THR A C    1 
ATOM 1465 O O    . THR A 1 92  ? -3.579  -1.891  -3.704  1.00 0.37  ? 92  THR A O    1 
ATOM 1466 C CB   . THR A 1 92  ? -4.473  -3.944  -5.512  1.00 0.43  ? 92  THR A CB   1 
ATOM 1467 O OG1  . THR A 1 92  ? -5.226  -4.885  -6.264  1.00 1.38  ? 92  THR A OG1  1 
ATOM 1468 C CG2  . THR A 1 92  ? -3.451  -4.687  -4.650  1.00 1.54  ? 92  THR A CG2  1 
ATOM 1469 H H    . THR A 1 92  ? -5.978  -1.556  -5.957  1.00 0.43  ? 92  THR A H    1 
ATOM 1470 H HA   . THR A 1 92  ? -6.026  -3.853  -4.093  1.00 0.34  ? 92  THR A HA   1 
ATOM 1471 H HB   . THR A 1 92  ? -3.961  -3.286  -6.180  1.00 1.00  ? 92  THR A HB   1 
ATOM 1472 H HG1  . THR A 1 92  ? -5.198  -5.725  -5.800  1.00 1.83  ? 92  THR A HG1  1 
ATOM 1473 H HG21 . THR A 1 92  ? -2.715  -3.990  -4.288  1.00 2.16  ? 92  THR A HG21 1 
ATOM 1474 H HG22 . THR A 1 92  ? -2.966  -5.449  -5.238  1.00 2.02  ? 92  THR A HG22 1 
ATOM 1475 H HG23 . THR A 1 92  ? -3.954  -5.145  -3.811  1.00 2.17  ? 92  THR A HG23 1 
ATOM 1476 N N    . ALA A 1 93  ? -5.214  -2.403  -2.305  1.00 0.32  ? 93  ALA A N    1 
ATOM 1477 C CA   . ALA A 1 93  ? -4.542  -1.737  -1.154  1.00 0.38  ? 93  ALA A CA   1 
ATOM 1478 C C    . ALA A 1 93  ? -3.643  -2.751  -0.451  1.00 0.33  ? 93  ALA A C    1 
ATOM 1479 O O    . ALA A 1 93  ? -3.939  -3.923  -0.416  1.00 0.36  ? 93  ALA A O    1 
ATOM 1480 C CB   . ALA A 1 93  ? -5.594  -1.214  -0.173  1.00 0.46  ? 93  ALA A CB   1 
ATOM 1481 H H    . ALA A 1 93  ? -6.073  -2.856  -2.166  1.00 0.33  ? 93  ALA A H    1 
ATOM 1482 H HA   . ALA A 1 93  ? -3.945  -0.927  -1.506  1.00 0.44  ? 93  ALA A HA   1 
ATOM 1483 H HB1  . ALA A 1 93  ? -5.791  -0.173  -0.378  1.00 1.13  ? 93  ALA A HB1  1 
ATOM 1484 H HB2  . ALA A 1 93  ? -5.228  -1.321  0.838   1.00 1.13  ? 93  ALA A HB2  1 
ATOM 1485 H HB3  . ALA A 1 93  ? -6.506  -1.783  -0.286  1.00 1.04  ? 93  ALA A HB3  1 
ATOM 1486 N N    . VAL A 1 94  ? -2.536  -2.314  0.088   1.00 0.29  ? 94  VAL A N    1 
ATOM 1487 C CA   . VAL A 1 94  ? -1.609  -3.261  0.773   1.00 0.25  ? 94  VAL A CA   1 
ATOM 1488 C C    . VAL A 1 94  ? -0.960  -2.594  1.984   1.00 0.23  ? 94  VAL A C    1 
ATOM 1489 O O    . VAL A 1 94  ? -0.670  -1.418  1.974   1.00 0.27  ? 94  VAL A O    1 
ATOM 1490 C CB   . VAL A 1 94  ? -0.541  -3.703  -0.219  1.00 0.29  ? 94  VAL A CB   1 
ATOM 1491 C CG1  . VAL A 1 94  ? -0.095  -2.484  -1.014  1.00 1.02  ? 94  VAL A CG1  1 
ATOM 1492 C CG2  . VAL A 1 94  ? 0.653   -4.296  0.535   1.00 0.84  ? 94  VAL A CG2  1 
ATOM 1493 H H    . VAL A 1 94  ? -2.309  -1.362  0.031   1.00 0.32  ? 94  VAL A H    1 
ATOM 1494 H HA   . VAL A 1 94  ? -2.151  -4.120  1.106   1.00 0.24  ? 94  VAL A HA   1 
ATOM 1495 H HB   . VAL A 1 94  ? -0.955  -4.443  -0.890  1.00 0.67  ? 94  VAL A HB   1 
ATOM 1496 H HG11 . VAL A 1 94  ? 0.911   -2.630  -1.368  1.00 1.52  ? 94  VAL A HG11 1 
ATOM 1497 H HG12 . VAL A 1 94  ? -0.133  -1.614  -0.379  1.00 1.69  ? 94  VAL A HG12 1 
ATOM 1498 H HG13 . VAL A 1 94  ? -0.757  -2.342  -1.856  1.00 1.51  ? 94  VAL A HG13 1 
ATOM 1499 H HG21 . VAL A 1 94  ? 1.323   -3.503  0.830   1.00 1.42  ? 94  VAL A HG21 1 
ATOM 1500 H HG22 . VAL A 1 94  ? 1.175   -4.989  -0.106  1.00 1.42  ? 94  VAL A HG22 1 
ATOM 1501 H HG23 . VAL A 1 94  ? 0.303   -4.816  1.412   1.00 1.51  ? 94  VAL A HG23 1 
ATOM 1502 N N    . VAL A 1 95  ? -0.726  -3.357  3.020   1.00 0.21  ? 95  VAL A N    1 
ATOM 1503 C CA   . VAL A 1 95  ? -0.083  -2.815  4.254   1.00 0.20  ? 95  VAL A CA   1 
ATOM 1504 C C    . VAL A 1 95  ? 1.287   -3.478  4.407   1.00 0.19  ? 95  VAL A C    1 
ATOM 1505 O O    . VAL A 1 95  ? 1.385   -4.694  4.376   1.00 0.21  ? 95  VAL A O    1 
ATOM 1506 C CB   . VAL A 1 95  ? -0.964  -3.173  5.455   1.00 0.26  ? 95  VAL A CB   1 
ATOM 1507 C CG1  . VAL A 1 95  ? -0.920  -4.684  5.687   1.00 0.97  ? 95  VAL A CG1  1 
ATOM 1508 C CG2  . VAL A 1 95  ? -0.460  -2.452  6.707   1.00 1.12  ? 95  VAL A CG2  1 
ATOM 1509 H H    . VAL A 1 95  ? -0.968  -4.306  2.983   1.00 0.22  ? 95  VAL A H    1 
ATOM 1510 H HA   . VAL A 1 95  ? 0.028   -1.746  4.189   1.00 0.21  ? 95  VAL A HA   1 
ATOM 1511 H HB   . VAL A 1 95  ? -1.983  -2.874  5.252   1.00 0.91  ? 95  VAL A HB   1 
ATOM 1512 H HG11 . VAL A 1 95  ? -0.895  -5.194  4.736   1.00 1.59  ? 95  VAL A HG11 1 
ATOM 1513 H HG12 . VAL A 1 95  ? -1.799  -4.989  6.237   1.00 1.56  ? 95  VAL A HG12 1 
ATOM 1514 H HG13 . VAL A 1 95  ? -0.036  -4.936  6.254   1.00 1.58  ? 95  VAL A HG13 1 
ATOM 1515 H HG21 . VAL A 1 95  ? -0.956  -1.497  6.797   1.00 1.68  ? 95  VAL A HG21 1 
ATOM 1516 H HG22 . VAL A 1 95  ? 0.606   -2.300  6.634   1.00 1.66  ? 95  VAL A HG22 1 
ATOM 1517 H HG23 . VAL A 1 95  ? -0.680  -3.055  7.576   1.00 1.72  ? 95  VAL A HG23 1 
ATOM 1518 N N    . ILE A 1 96  ? 2.343   -2.694  4.569   1.00 0.17  ? 96  ILE A N    1 
ATOM 1519 C CA   . ILE A 1 96  ? 3.711   -3.294  4.726   1.00 0.18  ? 96  ILE A CA   1 
ATOM 1520 C C    . ILE A 1 96  ? 4.309   -2.838  6.055   1.00 0.16  ? 96  ILE A C    1 
ATOM 1521 O O    . ILE A 1 96  ? 4.343   -1.658  6.373   1.00 0.18  ? 96  ILE A O    1 
ATOM 1522 C CB   . ILE A 1 96  ? 4.652   -2.877  3.584   1.00 0.23  ? 96  ILE A CB   1 
ATOM 1523 C CG1  . ILE A 1 96  ? 3.943   -3.054  2.224   1.00 0.22  ? 96  ILE A CG1  1 
ATOM 1524 C CG2  . ILE A 1 96  ? 5.881   -3.804  3.649   1.00 0.37  ? 96  ILE A CG2  1 
ATOM 1525 C CD1  . ILE A 1 96  ? 4.730   -2.346  1.113   1.00 0.46  ? 96  ILE A CD1  1 
ATOM 1526 H H    . ILE A 1 96  ? 2.231   -1.715  4.585   1.00 0.19  ? 96  ILE A H    1 
ATOM 1527 H HA   . ILE A 1 96  ? 3.638   -4.368  4.740   1.00 0.20  ? 96  ILE A HA   1 
ATOM 1528 H HB   . ILE A 1 96  ? 4.959   -1.844  3.717   1.00 0.28  ? 96  ILE A HB   1 
ATOM 1529 H HG12 . ILE A 1 96  ? 3.867   -4.104  1.990   1.00 0.45  ? 96  ILE A HG12 1 
ATOM 1530 H HG13 . ILE A 1 96  ? 2.954   -2.630  2.272   1.00 0.42  ? 96  ILE A HG13 1 
ATOM 1531 H HG21 . ILE A 1 96  ? 6.286   -3.793  4.649   1.00 1.10  ? 96  ILE A HG21 1 
ATOM 1532 H HG22 . ILE A 1 96  ? 6.638   -3.474  2.958   1.00 1.05  ? 96  ILE A HG22 1 
ATOM 1533 H HG23 . ILE A 1 96  ? 5.585   -4.812  3.401   1.00 1.11  ? 96  ILE A HG23 1 
ATOM 1534 H HD11 . ILE A 1 96  ? 4.905   -3.033  0.300   1.00 1.16  ? 96  ILE A HD11 1 
ATOM 1535 H HD12 . ILE A 1 96  ? 5.670   -1.993  1.492   1.00 1.18  ? 96  ILE A HD12 1 
ATOM 1536 H HD13 . ILE A 1 96  ? 4.160   -1.508  0.754   1.00 1.13  ? 96  ILE A HD13 1 
ATOM 1537 N N    . GLY A 1 97  ? 4.774   -3.783  6.829   1.00 0.17  ? 97  GLY A N    1 
ATOM 1538 C CA   . GLY A 1 97  ? 5.368   -3.475  8.159   1.00 0.20  ? 97  GLY A CA   1 
ATOM 1539 C C    . GLY A 1 97  ? 6.638   -2.612  8.010   1.00 0.19  ? 97  GLY A C    1 
ATOM 1540 O O    . GLY A 1 97  ? 6.706   -1.770  7.139   1.00 0.21  ? 97  GLY A O    1 
ATOM 1541 H H    . GLY A 1 97  ? 4.722   -4.715  6.532   1.00 0.20  ? 97  GLY A H    1 
ATOM 1542 H HA2  . GLY A 1 97  ? 4.640   -2.939  8.748   1.00 0.22  ? 97  GLY A HA2  1 
ATOM 1543 H HA3  . GLY A 1 97  ? 5.603   -4.404  8.643   1.00 0.24  ? 97  GLY A HA3  1 
ATOM 1544 N N    . PRO A 1 98  ? 7.638   -2.796  8.861   1.00 0.18  ? 98  PRO A N    1 
ATOM 1545 C CA   . PRO A 1 98  ? 8.887   -1.984  8.795   1.00 0.18  ? 98  PRO A CA   1 
ATOM 1546 C C    . PRO A 1 98  ? 9.780   -2.398  7.614   1.00 0.20  ? 98  PRO A C    1 
ATOM 1547 O O    . PRO A 1 98  ? 10.856  -2.919  7.778   1.00 0.21  ? 98  PRO A O    1 
ATOM 1548 C CB   . PRO A 1 98  ? 9.582   -2.234  10.149  1.00 0.19  ? 98  PRO A CB   1 
ATOM 1549 C CG   . PRO A 1 98  ? 8.916   -3.414  10.783  1.00 0.19  ? 98  PRO A CG   1 
ATOM 1550 C CD   . PRO A 1 98  ? 7.693   -3.791  9.949   1.00 0.19  ? 98  PRO A CD   1 
ATOM 1551 H HA   . PRO A 1 98  ? 8.638   -0.939  8.718   1.00 0.19  ? 98  PRO A HA   1 
ATOM 1552 H HB2  . PRO A 1 98  ? 10.630  -2.432  10.011  1.00 0.22  ? 98  PRO A HB2  1 
ATOM 1553 H HB3  . PRO A 1 98  ? 9.464   -1.375  10.780  1.00 0.21  ? 98  PRO A HB3  1 
ATOM 1554 H HG2  . PRO A 1 98  ? 9.605   -4.246  10.818  1.00 0.24  ? 98  PRO A HG2  1 
ATOM 1555 H HG3  . PRO A 1 98  ? 8.600   -3.160  11.784  1.00 0.22  ? 98  PRO A HG3  1 
ATOM 1556 H HD2  . PRO A 1 98  ? 7.811   -4.786  9.545   1.00 0.22  ? 98  PRO A HD2  1 
ATOM 1557 H HD3  . PRO A 1 98  ? 6.801   -3.740  10.547  1.00 0.20  ? 98  PRO A HD3  1 
ATOM 1558 N N    . ASP A 1 99  ? 9.351   -2.155  6.412   1.00 0.21  ? 99  ASP A N    1 
ATOM 1559 C CA   . ASP A 1 99  ? 10.190  -2.563  5.247   1.00 0.24  ? 99  ASP A CA   1 
ATOM 1560 C C    . ASP A 1 99  ? 11.473  -1.762  5.246   1.00 0.23  ? 99  ASP A C    1 
ATOM 1561 O O    . ASP A 1 99  ? 11.672  -0.888  6.060   1.00 0.26  ? 99  ASP A O    1 
ATOM 1562 C CB   . ASP A 1 99  ? 9.460   -2.252  3.937   1.00 0.30  ? 99  ASP A CB   1 
ATOM 1563 C CG   . ASP A 1 99  ? 8.351   -1.241  4.210   1.00 1.48  ? 99  ASP A CG   1 
ATOM 1564 O OD1  . ASP A 1 99  ? 8.658   -0.069  4.297   1.00 2.29  ? 99  ASP A OD1  1 
ATOM 1565 O OD2  . ASP A 1 99  ? 7.215   -1.653  4.334   1.00 2.17  ? 99  ASP A OD2  1 
ATOM 1566 H H    . ASP A 1 99  ? 8.485   -1.714  6.275   1.00 0.21  ? 99  ASP A H    1 
ATOM 1567 H HA   . ASP A 1 99  ? 10.412  -3.619  5.301   1.00 0.27  ? 99  ASP A HA   1 
ATOM 1568 H HB2  . ASP A 1 99  ? 10.164  -1.828  3.234   1.00 0.83  ? 99  ASP A HB2  1 
ATOM 1569 H HB3  . ASP A 1 99  ? 9.043   -3.150  3.520   1.00 0.86  ? 99  ASP A HB3  1 
ATOM 1570 N N    . GLU A 1 100 ? 12.337  -2.047  4.322   1.00 0.26  ? 100 GLU A N    1 
ATOM 1571 C CA   . GLU A 1 100 ? 13.598  -1.285  4.233   1.00 0.28  ? 100 GLU A CA   1 
ATOM 1572 C C    . GLU A 1 100 ? 13.371  -0.201  3.189   1.00 0.26  ? 100 GLU A C    1 
ATOM 1573 O O    . GLU A 1 100 ? 13.296  -0.480  2.008   1.00 0.28  ? 100 GLU A O    1 
ATOM 1574 C CB   . GLU A 1 100 ? 14.729  -2.214  3.791   1.00 0.35  ? 100 GLU A CB   1 
ATOM 1575 C CG   . GLU A 1 100 ? 14.771  -3.434  4.714   1.00 0.62  ? 100 GLU A CG   1 
ATOM 1576 C CD   . GLU A 1 100 ? 15.944  -4.334  4.322   1.00 1.36  ? 100 GLU A CD   1 
ATOM 1577 O OE1  . GLU A 1 100 ? 16.542  -4.077  3.291   1.00 2.05  ? 100 GLU A OE1  1 
ATOM 1578 O OE2  . GLU A 1 100 ? 16.221  -5.265  5.058   1.00 2.00  ? 100 GLU A OE2  1 
ATOM 1579 H H    . GLU A 1 100 ? 12.142  -2.751  3.670   1.00 0.31  ? 100 GLU A H    1 
ATOM 1580 H HA   . GLU A 1 100 ? 13.835  -0.838  5.188   1.00 0.31  ? 100 GLU A HA   1 
ATOM 1581 H HB2  . GLU A 1 100 ? 14.555  -2.534  2.775   1.00 0.50  ? 100 GLU A HB2  1 
ATOM 1582 H HB3  . GLU A 1 100 ? 15.669  -1.688  3.850   1.00 0.36  ? 100 GLU A HB3  1 
ATOM 1583 H HG2  . GLU A 1 100 ? 14.892  -3.107  5.737   1.00 0.92  ? 100 GLU A HG2  1 
ATOM 1584 H HG3  . GLU A 1 100 ? 13.849  -3.987  4.620   1.00 1.07  ? 100 GLU A HG3  1 
ATOM 1585 N N    . GLU A 1 101 ? 13.222  1.023   3.615   1.00 0.32  ? 101 GLU A N    1 
ATOM 1586 C CA   . GLU A 1 101 ? 12.960  2.122   2.647   1.00 0.35  ? 101 GLU A CA   1 
ATOM 1587 C C    . GLU A 1 101 ? 13.907  1.986   1.456   1.00 0.32  ? 101 GLU A C    1 
ATOM 1588 O O    . GLU A 1 101 ? 13.626  2.435   0.364   1.00 0.34  ? 101 GLU A O    1 
ATOM 1589 C CB   . GLU A 1 101 ? 13.189  3.473   3.326   1.00 0.45  ? 101 GLU A CB   1 
ATOM 1590 C CG   . GLU A 1 101 ? 14.401  3.375   4.249   1.00 0.86  ? 101 GLU A CG   1 
ATOM 1591 C CD   . GLU A 1 101 ? 14.719  4.756   4.822   1.00 0.82  ? 101 GLU A CD   1 
ATOM 1592 O OE1  . GLU A 1 101 ? 13.840  5.337   5.437   1.00 1.34  ? 101 GLU A OE1  1 
ATOM 1593 O OE2  . GLU A 1 101 ? 15.836  5.210   4.636   1.00 1.34  ? 101 GLU A OE2  1 
ATOM 1594 H H    . GLU A 1 101 ? 13.258  1.213   4.575   1.00 0.40  ? 101 GLU A H    1 
ATOM 1595 H HA   . GLU A 1 101 ? 11.940  2.060   2.312   1.00 0.37  ? 101 GLU A HA   1 
ATOM 1596 H HB2  . GLU A 1 101 ? 13.365  4.227   2.574   1.00 1.10  ? 101 GLU A HB2  1 
ATOM 1597 H HB3  . GLU A 1 101 ? 12.317  3.737   3.905   1.00 1.07  ? 101 GLU A HB3  1 
ATOM 1598 H HG2  . GLU A 1 101 ? 14.181  2.691   5.056   1.00 1.43  ? 101 GLU A HG2  1 
ATOM 1599 H HG3  . GLU A 1 101 ? 15.248  3.013   3.688   1.00 1.45  ? 101 GLU A HG3  1 
ATOM 1600 N N    . ARG A 1 102 ? 15.032  1.367   1.672   1.00 0.33  ? 102 ARG A N    1 
ATOM 1601 C CA   . ARG A 1 102 ? 16.019  1.192   0.575   1.00 0.35  ? 102 ARG A CA   1 
ATOM 1602 C C    . ARG A 1 102 ? 15.427  0.327   -0.538  1.00 0.32  ? 102 ARG A C    1 
ATOM 1603 O O    . ARG A 1 102 ? 15.565  0.634   -1.705  1.00 0.35  ? 102 ARG A O    1 
ATOM 1604 C CB   . ARG A 1 102 ? 17.253  0.500   1.143   1.00 0.40  ? 102 ARG A CB   1 
ATOM 1605 C CG   . ARG A 1 102 ? 17.685  1.230   2.410   1.00 1.08  ? 102 ARG A CG   1 
ATOM 1606 C CD   . ARG A 1 102 ? 19.035  0.689   2.878   1.00 1.67  ? 102 ARG A CD   1 
ATOM 1607 N NE   . ARG A 1 102 ? 20.094  1.143   1.937   1.00 2.39  ? 102 ARG A NE   1 
ATOM 1608 C CZ   . ARG A 1 102 ? 21.251  0.541   1.913   1.00 3.20  ? 102 ARG A CZ   1 
ATOM 1609 N NH1  . ARG A 1 102 ? 21.483  -0.460  2.717   1.00 3.49  ? 102 ARG A NH1  1 
ATOM 1610 N NH2  . ARG A 1 102 ? 22.174  0.943   1.085   1.00 4.18  ? 102 ARG A NH2  1 
ATOM 1611 H H    . ARG A 1 102 ? 15.232  1.018   2.566   1.00 0.35  ? 102 ARG A H    1 
ATOM 1612 H HA   . ARG A 1 102 ? 16.295  2.154   0.173   1.00 0.39  ? 102 ARG A HA   1 
ATOM 1613 H HB2  . ARG A 1 102 ? 17.017  -0.529  1.375   1.00 0.85  ? 102 ARG A HB2  1 
ATOM 1614 H HB3  . ARG A 1 102 ? 18.053  0.533   0.419   1.00 0.83  ? 102 ARG A HB3  1 
ATOM 1615 H HG2  . ARG A 1 102 ? 17.767  2.287   2.203   1.00 1.48  ? 102 ARG A HG2  1 
ATOM 1616 H HG3  . ARG A 1 102 ? 16.946  1.071   3.181   1.00 1.50  ? 102 ARG A HG3  1 
ATOM 1617 H HD2  . ARG A 1 102 ? 19.249  1.058   3.871   1.00 2.03  ? 102 ARG A HD2  1 
ATOM 1618 H HD3  . ARG A 1 102 ? 19.005  -0.392  2.894   1.00 2.16  ? 102 ARG A HD3  1 
ATOM 1619 H HE   . ARG A 1 102 ? 19.922  1.895   1.333   1.00 2.75  ? 102 ARG A HE   1 
ATOM 1620 H HH11 . ARG A 1 102 ? 20.774  -0.766  3.352   1.00 3.18  ? 102 ARG A HH11 1 
ATOM 1621 H HH12 . ARG A 1 102 ? 22.370  -0.921  2.698   1.00 4.33  ? 102 ARG A HH12 1 
ATOM 1622 H HH21 . ARG A 1 102 ? 21.994  1.710   0.470   1.00 4.42  ? 102 ARG A HH21 1 
ATOM 1623 H HH22 . ARG A 1 102 ? 23.062  0.483   1.064   1.00 4.88  ? 102 ARG A HH22 1 
ATOM 1624 N N    . LYS A 1 103 ? 14.773  -0.751  -0.194  1.00 0.28  ? 103 LYS A N    1 
ATOM 1625 C CA   . LYS A 1 103 ? 14.192  -1.616  -1.255  1.00 0.29  ? 103 LYS A CA   1 
ATOM 1626 C C    . LYS A 1 103 ? 12.824  -1.063  -1.665  1.00 0.26  ? 103 LYS A C    1 
ATOM 1627 O O    . LYS A 1 103 ? 12.465  -1.091  -2.826  1.00 0.28  ? 103 LYS A O    1 
ATOM 1628 C CB   . LYS A 1 103 ? 14.146  -3.090  -0.765  1.00 0.33  ? 103 LYS A CB   1 
ATOM 1629 C CG   . LYS A 1 103 ? 12.776  -3.520  -0.202  1.00 0.37  ? 103 LYS A CG   1 
ATOM 1630 C CD   . LYS A 1 103 ? 11.902  -4.096  -1.325  1.00 0.50  ? 103 LYS A CD   1 
ATOM 1631 C CE   . LYS A 1 103 ? 10.516  -4.426  -0.778  1.00 0.58  ? 103 LYS A CE   1 
ATOM 1632 N NZ   . LYS A 1 103 ? 10.656  -5.111  0.537   1.00 0.92  ? 103 LYS A NZ   1 
ATOM 1633 H H    . LYS A 1 103 ? 14.671  -0.989  0.750   1.00 0.27  ? 103 LYS A H    1 
ATOM 1634 H HA   . LYS A 1 103 ? 14.840  -1.566  -2.119  1.00 0.33  ? 103 LYS A HA   1 
ATOM 1635 H HB2  . LYS A 1 103 ? 14.390  -3.735  -1.595  1.00 0.45  ? 103 LYS A HB2  1 
ATOM 1636 H HB3  . LYS A 1 103 ? 14.895  -3.220  0.002   1.00 0.46  ? 103 LYS A HB3  1 
ATOM 1637 H HG2  . LYS A 1 103 ? 12.938  -4.289  0.540   1.00 0.55  ? 103 LYS A HG2  1 
ATOM 1638 H HG3  . LYS A 1 103 ? 12.277  -2.692  0.264   1.00 0.59  ? 103 LYS A HG3  1 
ATOM 1639 H HD2  . LYS A 1 103 ? 11.810  -3.383  -2.125  1.00 0.91  ? 103 LYS A HD2  1 
ATOM 1640 H HD3  . LYS A 1 103 ? 12.357  -4.999  -1.704  1.00 0.89  ? 103 LYS A HD3  1 
ATOM 1641 H HE2  . LYS A 1 103 ? 9.951   -3.515  -0.653  1.00 1.06  ? 103 LYS A HE2  1 
ATOM 1642 H HE3  . LYS A 1 103 ? 10.001  -5.077  -1.470  1.00 1.01  ? 103 LYS A HE3  1 
ATOM 1643 H HZ1  . LYS A 1 103 ? 10.508  -4.424  1.304   1.00 1.50  ? 103 LYS A HZ1  1 
ATOM 1644 H HZ2  . LYS A 1 103 ? 11.610  -5.519  0.615   1.00 1.36  ? 103 LYS A HZ2  1 
ATOM 1645 H HZ3  . LYS A 1 103 ? 9.949   -5.867  0.611   1.00 1.42  ? 103 LYS A HZ3  1 
ATOM 1646 N N    . ILE A 1 104 ? 12.051  -0.556  -0.740  1.00 0.24  ? 104 ILE A N    1 
ATOM 1647 C CA   . ILE A 1 104 ? 10.724  -0.011  -1.122  1.00 0.25  ? 104 ILE A CA   1 
ATOM 1648 C C    . ILE A 1 104 ? 10.929  1.136   -2.114  1.00 0.28  ? 104 ILE A C    1 
ATOM 1649 O O    . ILE A 1 104 ? 10.085  1.415   -2.941  1.00 0.33  ? 104 ILE A O    1 
ATOM 1650 C CB   . ILE A 1 104 ? 9.995   0.496   0.141   1.00 0.27  ? 104 ILE A CB   1 
ATOM 1651 C CG1  . ILE A 1 104 ? 8.511   0.147   0.027   1.00 0.33  ? 104 ILE A CG1  1 
ATOM 1652 C CG2  . ILE A 1 104 ? 10.137  2.026   0.292   1.00 0.34  ? 104 ILE A CG2  1 
ATOM 1653 C CD1  . ILE A 1 104 ? 7.765   0.628   1.264   1.00 1.15  ? 104 ILE A CD1  1 
ATOM 1654 H H    . ILE A 1 104 ? 12.339  -0.541  0.202   1.00 0.25  ? 104 ILE A H    1 
ATOM 1655 H HA   . ILE A 1 104 ? 10.141  -0.787  -1.593  1.00 0.28  ? 104 ILE A HA   1 
ATOM 1656 H HB   . ILE A 1 104 ? 10.412  0.011   1.012   1.00 0.36  ? 104 ILE A HB   1 
ATOM 1657 H HG12 . ILE A 1 104 ? 8.102   0.626   -0.840  1.00 0.87  ? 104 ILE A HG12 1 
ATOM 1658 H HG13 . ILE A 1 104 ? 8.394   -0.926  -0.062  1.00 0.69  ? 104 ILE A HG13 1 
ATOM 1659 H HG21 . ILE A 1 104 ? 9.822   2.320   1.280   1.00 1.13  ? 104 ILE A HG21 1 
ATOM 1660 H HG22 . ILE A 1 104 ? 9.514   2.523   -0.437  1.00 1.01  ? 104 ILE A HG22 1 
ATOM 1661 H HG23 . ILE A 1 104 ? 11.165  2.323   0.150   1.00 1.07  ? 104 ILE A HG23 1 
ATOM 1662 H HD11 . ILE A 1 104 ? 6.955   -0.049  1.472   1.00 1.77  ? 104 ILE A HD11 1 
ATOM 1663 H HD12 . ILE A 1 104 ? 7.374   1.619   1.087   1.00 1.63  ? 104 ILE A HD12 1 
ATOM 1664 H HD13 . ILE A 1 104 ? 8.435   0.649   2.100   1.00 1.73  ? 104 ILE A HD13 1 
ATOM 1665 N N    . ASP A 1 105 ? 12.042  1.814   -2.020  1.00 0.29  ? 105 ASP A N    1 
ATOM 1666 C CA   . ASP A 1 105 ? 12.292  2.958   -2.938  1.00 0.35  ? 105 ASP A CA   1 
ATOM 1667 C C    . ASP A 1 105 ? 12.268  2.483   -4.388  1.00 0.36  ? 105 ASP A C    1 
ATOM 1668 O O    . ASP A 1 105 ? 11.551  3.016   -5.209  1.00 0.39  ? 105 ASP A O    1 
ATOM 1669 C CB   . ASP A 1 105 ? 13.663  3.566   -2.630  1.00 0.42  ? 105 ASP A CB   1 
ATOM 1670 C CG   . ASP A 1 105 ? 13.483  4.874   -1.860  1.00 1.29  ? 105 ASP A CG   1 
ATOM 1671 O OD1  . ASP A 1 105 ? 13.265  5.889   -2.500  1.00 2.10  ? 105 ASP A OD1  1 
ATOM 1672 O OD2  . ASP A 1 105 ? 13.570  4.840   -0.644  1.00 1.94  ? 105 ASP A OD2  1 
ATOM 1673 H H    . ASP A 1 105 ? 12.705  1.581   -1.329  1.00 0.30  ? 105 ASP A H    1 
ATOM 1674 H HA   . ASP A 1 105 ? 11.530  3.706   -2.793  1.00 0.39  ? 105 ASP A HA   1 
ATOM 1675 H HB2  . ASP A 1 105 ? 14.236  2.873   -2.032  1.00 0.82  ? 105 ASP A HB2  1 
ATOM 1676 H HB3  . ASP A 1 105 ? 14.185  3.763   -3.554  1.00 1.03  ? 105 ASP A HB3  1 
ATOM 1677 N N    . LYS A 1 106 ? 13.045  1.495   -4.717  1.00 0.37  ? 106 LYS A N    1 
ATOM 1678 C CA   . LYS A 1 106 ? 13.058  1.009   -6.125  1.00 0.43  ? 106 LYS A CA   1 
ATOM 1679 C C    . LYS A 1 106 ? 11.794  0.196   -6.424  1.00 0.41  ? 106 LYS A C    1 
ATOM 1680 O O    . LYS A 1 106 ? 11.224  0.289   -7.493  1.00 0.46  ? 106 LYS A O    1 
ATOM 1681 C CB   . LYS A 1 106 ? 14.277  0.116   -6.352  1.00 0.54  ? 106 LYS A CB   1 
ATOM 1682 C CG   . LYS A 1 106 ? 14.981  -0.159  -5.024  1.00 0.66  ? 106 LYS A CG   1 
ATOM 1683 C CD   . LYS A 1 106 ? 16.121  -1.150  -5.260  1.00 0.76  ? 106 LYS A CD   1 
ATOM 1684 C CE   . LYS A 1 106 ? 17.220  -0.931  -4.222  1.00 1.34  ? 106 LYS A CE   1 
ATOM 1685 N NZ   . LYS A 1 106 ? 18.100  -2.132  -4.172  1.00 2.18  ? 106 LYS A NZ   1 
ATOM 1686 H H    . LYS A 1 106 ? 13.627  1.080   -4.042  1.00 0.38  ? 106 LYS A H    1 
ATOM 1687 H HA   . LYS A 1 106 ? 13.107  1.854   -6.795  1.00 0.47  ? 106 LYS A HA   1 
ATOM 1688 H HB2  . LYS A 1 106 ? 13.958  -0.819  -6.789  1.00 1.03  ? 106 LYS A HB2  1 
ATOM 1689 H HB3  . LYS A 1 106 ? 14.961  0.611   -7.023  1.00 0.93  ? 106 LYS A HB3  1 
ATOM 1690 H HG2  . LYS A 1 106 ? 15.378  0.765   -4.628  1.00 1.03  ? 106 LYS A HG2  1 
ATOM 1691 H HG3  . LYS A 1 106 ? 14.278  -0.581  -4.322  1.00 1.15  ? 106 LYS A HG3  1 
ATOM 1692 H HD2  . LYS A 1 106 ? 15.741  -2.159  -5.173  1.00 1.12  ? 106 LYS A HD2  1 
ATOM 1693 H HD3  . LYS A 1 106 ? 16.528  -1.003  -6.249  1.00 1.14  ? 106 LYS A HD3  1 
ATOM 1694 H HE2  . LYS A 1 106 ? 17.806  -0.066  -4.497  1.00 1.69  ? 106 LYS A HE2  1 
ATOM 1695 H HE3  . LYS A 1 106 ? 16.773  -0.770  -3.252  1.00 1.77  ? 106 LYS A HE3  1 
ATOM 1696 H HZ1  . LYS A 1 106 ? 17.847  -2.778  -4.946  1.00 2.65  ? 106 LYS A HZ1  1 
ATOM 1697 H HZ2  . LYS A 1 106 ? 17.974  -2.616  -3.259  1.00 2.67  ? 106 LYS A HZ2  1 
ATOM 1698 H HZ3  . LYS A 1 106 ? 19.092  -1.841  -4.277  1.00 2.55  ? 106 LYS A HZ3  1 
ATOM 1699 N N    . VAL A 1 107 ? 11.379  -0.629  -5.506  1.00 0.39  ? 107 VAL A N    1 
ATOM 1700 C CA   . VAL A 1 107 ? 10.182  -1.486  -5.753  1.00 0.42  ? 107 VAL A CA   1 
ATOM 1701 C C    . VAL A 1 107 ? 8.888   -0.665  -5.832  1.00 0.41  ? 107 VAL A C    1 
ATOM 1702 O O    . VAL A 1 107 ? 8.110   -0.832  -6.750  1.00 0.48  ? 107 VAL A O    1 
ATOM 1703 C CB   . VAL A 1 107 ? 10.072  -2.519  -4.631  1.00 0.42  ? 107 VAL A CB   1 
ATOM 1704 C CG1  . VAL A 1 107 ? 8.674   -3.135  -4.645  1.00 0.52  ? 107 VAL A CG1  1 
ATOM 1705 C CG2  . VAL A 1 107 ? 11.117  -3.620  -4.854  1.00 0.47  ? 107 VAL A CG2  1 
ATOM 1706 H H    . VAL A 1 107 ? 11.872  -0.711  -4.663  1.00 0.38  ? 107 VAL A H    1 
ATOM 1707 H HA   . VAL A 1 107 ? 10.317  -2.006  -6.687  1.00 0.47  ? 107 VAL A HA   1 
ATOM 1708 H HB   . VAL A 1 107 ? 10.247  -2.040  -3.679  1.00 0.37  ? 107 VAL A HB   1 
ATOM 1709 H HG11 . VAL A 1 107 ? 8.348   -3.265  -5.665  1.00 1.15  ? 107 VAL A HG11 1 
ATOM 1710 H HG12 . VAL A 1 107 ? 7.989   -2.483  -4.126  1.00 1.19  ? 107 VAL A HG12 1 
ATOM 1711 H HG13 . VAL A 1 107 ? 8.703   -4.093  -4.151  1.00 1.11  ? 107 VAL A HG13 1 
ATOM 1712 H HG21 . VAL A 1 107 ? 11.022  -4.372  -4.084  1.00 1.10  ? 107 VAL A HG21 1 
ATOM 1713 H HG22 . VAL A 1 107 ? 12.106  -3.192  -4.816  1.00 1.19  ? 107 VAL A HG22 1 
ATOM 1714 H HG23 . VAL A 1 107 ? 10.961  -4.078  -5.820  1.00 1.07  ? 107 VAL A HG23 1 
ATOM 1715 N N    . THR A 1 108 ? 8.633   0.202   -4.884  1.00 0.37  ? 108 THR A N    1 
ATOM 1716 C CA   . THR A 1 108 ? 7.366   1.000   -4.924  1.00 0.41  ? 108 THR A CA   1 
ATOM 1717 C C    . THR A 1 108 ? 7.606   2.364   -5.569  1.00 0.44  ? 108 THR A C    1 
ATOM 1718 O O    . THR A 1 108 ? 6.682   3.122   -5.788  1.00 0.54  ? 108 THR A O    1 
ATOM 1719 C CB   . THR A 1 108 ? 6.841   1.197   -3.503  1.00 0.43  ? 108 THR A CB   1 
ATOM 1720 O OG1  . THR A 1 108 ? 7.784   1.948   -2.752  1.00 1.35  ? 108 THR A OG1  1 
ATOM 1721 C CG2  . THR A 1 108 ? 6.622   -0.170  -2.853  1.00 1.39  ? 108 THR A CG2  1 
ATOM 1722 H H    . THR A 1 108 ? 9.263   0.318   -4.141  1.00 0.35  ? 108 THR A H    1 
ATOM 1723 H HA   . THR A 1 108 ? 6.624   0.465   -5.498  1.00 0.46  ? 108 THR A HA   1 
ATOM 1724 H HB   . THR A 1 108 ? 5.903   1.729   -3.536  1.00 1.21  ? 108 THR A HB   1 
ATOM 1725 H HG1  . THR A 1 108 ? 7.418   2.093   -1.876  1.00 1.81  ? 108 THR A HG1  1 
ATOM 1726 H HG21 . THR A 1 108 ? 7.573   -0.660  -2.711  1.00 1.97  ? 108 THR A HG21 1 
ATOM 1727 H HG22 . THR A 1 108 ? 6.001   -0.775  -3.496  1.00 2.03  ? 108 THR A HG22 1 
ATOM 1728 H HG23 . THR A 1 108 ? 6.133   -0.043  -1.899  1.00 1.93  ? 108 THR A HG23 1 
ATOM 1729 N N    . GLY A 1 109 ? 8.828   2.692   -5.876  1.00 0.43  ? 109 GLY A N    1 
ATOM 1730 C CA   . GLY A 1 109 ? 9.094   4.016   -6.507  1.00 0.52  ? 109 GLY A CA   1 
ATOM 1731 C C    . GLY A 1 109 ? 8.691   5.132   -5.540  1.00 0.60  ? 109 GLY A C    1 
ATOM 1732 O O    . GLY A 1 109 ? 7.576   5.614   -5.565  1.00 0.72  ? 109 GLY A O    1 
ATOM 1733 H H    . GLY A 1 109 ? 9.567   2.072   -5.695  1.00 0.41  ? 109 GLY A H    1 
ATOM 1734 H HA2  . GLY A 1 109 ? 10.144  4.101   -6.743  1.00 0.50  ? 109 GLY A HA2  1 
ATOM 1735 H HA3  . GLY A 1 109 ? 8.514   4.104   -7.412  1.00 0.62  ? 109 GLY A HA3  1 
ATOM 1736 N N    . ASN A 1 110 ? 9.590   5.549   -4.689  1.00 0.59  ? 110 ASN A N    1 
ATOM 1737 C CA   . ASN A 1 110 ? 9.256   6.637   -3.727  1.00 0.75  ? 110 ASN A CA   1 
ATOM 1738 C C    . ASN A 1 110 ? 9.558   7.986   -4.372  1.00 0.85  ? 110 ASN A C    1 
ATOM 1739 O O    . ASN A 1 110 ? 9.552   9.012   -3.723  1.00 0.99  ? 110 ASN A O    1 
ATOM 1740 C CB   . ASN A 1 110 ? 10.096  6.486   -2.456  1.00 0.79  ? 110 ASN A CB   1 
ATOM 1741 C CG   . ASN A 1 110 ? 9.493   7.334   -1.333  1.00 1.36  ? 110 ASN A CG   1 
ATOM 1742 O OD1  . ASN A 1 110 ? 8.849   6.815   -0.445  1.00 1.91  ? 110 ASN A OD1  1 
ATOM 1743 N ND2  . ASN A 1 110 ? 9.672   8.626   -1.337  1.00 2.12  ? 110 ASN A ND2  1 
ATOM 1744 H H    . ASN A 1 110 ? 10.485  5.148   -4.685  1.00 0.53  ? 110 ASN A H    1 
ATOM 1745 H HA   . ASN A 1 110 ? 8.208   6.587   -3.474  1.00 0.82  ? 110 ASN A HA   1 
ATOM 1746 H HB2  . ASN A 1 110 ? 10.108  5.450   -2.156  1.00 1.23  ? 110 ASN A HB2  1 
ATOM 1747 H HB3  . ASN A 1 110 ? 11.104  6.817   -2.651  1.00 1.16  ? 110 ASN A HB3  1 
ATOM 1748 H HD21 . ASN A 1 110 ? 10.189  9.047   -2.056  1.00 2.35  ? 110 ASN A HD21 1 
ATOM 1749 H HD22 . ASN A 1 110 ? 9.287   9.176   -0.623  1.00 2.76  ? 110 ASN A HD22 1 
ATOM 1750 N N    . LEU A 1 111 ? 9.816   7.999   -5.650  1.00 0.86  ? 111 LEU A N    1 
ATOM 1751 C CA   . LEU A 1 111 ? 10.112  9.290   -6.323  1.00 1.01  ? 111 LEU A CA   1 
ATOM 1752 C C    . LEU A 1 111 ? 8.800   10.081  -6.434  1.00 1.14  ? 111 LEU A C    1 
ATOM 1753 O O    . LEU A 1 111 ? 7.754   9.495   -6.634  1.00 1.17  ? 111 LEU A O    1 
ATOM 1754 C CB   . LEU A 1 111 ? 10.658  9.025   -7.731  1.00 1.12  ? 111 LEU A CB   1 
ATOM 1755 C CG   . LEU A 1 111 ? 11.555  7.785   -7.717  1.00 1.35  ? 111 LEU A CG   1 
ATOM 1756 C CD1  . LEU A 1 111 ? 12.244  7.639   -9.075  1.00 2.06  ? 111 LEU A CD1  1 
ATOM 1757 C CD2  . LEU A 1 111 ? 12.614  7.935   -6.623  1.00 1.79  ? 111 LEU A CD2  1 
ATOM 1758 H H    . LEU A 1 111 ? 9.811   7.163   -6.161  1.00 0.84  ? 111 LEU A H    1 
ATOM 1759 H HA   . LEU A 1 111 ? 10.840  9.830   -5.744  1.00 1.05  ? 111 LEU A HA   1 
ATOM 1760 H HB2  . LEU A 1 111 ? 9.834   8.863   -8.411  1.00 1.25  ? 111 LEU A HB2  1 
ATOM 1761 H HB3  . LEU A 1 111 ? 11.233  9.877   -8.059  1.00 1.31  ? 111 LEU A HB3  1 
ATOM 1762 H HG   . LEU A 1 111 ? 10.956  6.907   -7.525  1.00 1.68  ? 111 LEU A HG   1 
ATOM 1763 H HD11 . LEU A 1 111 ? 12.389  6.591   -9.294  1.00 2.47  ? 111 LEU A HD11 1 
ATOM 1764 H HD12 . LEU A 1 111 ? 13.202  8.137   -9.049  1.00 2.53  ? 111 LEU A HD12 1 
ATOM 1765 H HD13 . LEU A 1 111 ? 11.626  8.084   -9.841  1.00 2.46  ? 111 LEU A HD13 1 
ATOM 1766 H HD21 . LEU A 1 111 ? 13.469  7.320   -6.862  1.00 2.34  ? 111 LEU A HD21 1 
ATOM 1767 H HD22 . LEU A 1 111 ? 12.200  7.622   -5.676  1.00 2.04  ? 111 LEU A HD22 1 
ATOM 1768 H HD23 . LEU A 1 111 ? 12.921  8.967   -6.558  1.00 2.27  ? 111 LEU A HD23 1 
ATOM 1769 N N    . PRO A 1 112 ? 8.823   11.392  -6.315  1.00 1.36  ? 112 PRO A N    1 
ATOM 1770 C CA   . PRO A 1 112 ? 7.578   12.193  -6.420  1.00 1.59  ? 112 PRO A CA   1 
ATOM 1771 C C    . PRO A 1 112 ? 6.716   11.720  -7.590  1.00 1.63  ? 112 PRO A C    1 
ATOM 1772 O O    . PRO A 1 112 ? 7.207   11.492  -8.678  1.00 1.78  ? 112 PRO A O    1 
ATOM 1773 C CB   . PRO A 1 112 ? 8.074   13.616  -6.669  1.00 1.96  ? 112 PRO A CB   1 
ATOM 1774 C CG   . PRO A 1 112 ? 9.452   13.676  -6.097  1.00 1.88  ? 112 PRO A CG   1 
ATOM 1775 C CD   . PRO A 1 112 ? 10.001  12.246  -6.072  1.00 1.52  ? 112 PRO A CD   1 
ATOM 1776 H HA   . PRO A 1 112 ? 7.022   12.154  -5.498  1.00 1.63  ? 112 PRO A HA   1 
ATOM 1777 H HB2  . PRO A 1 112 ? 8.100   13.820  -7.731  1.00 2.20  ? 112 PRO A HB2  1 
ATOM 1778 H HB3  . PRO A 1 112 ? 7.436   14.327  -6.167  1.00 2.24  ? 112 PRO A HB3  1 
ATOM 1779 H HG2  . PRO A 1 112 ? 10.079  14.304  -6.714  1.00 2.13  ? 112 PRO A HG2  1 
ATOM 1780 H HG3  . PRO A 1 112 ? 9.416   14.066  -5.091  1.00 2.09  ? 112 PRO A HG3  1 
ATOM 1781 H HD2  . PRO A 1 112 ? 10.739  12.111  -6.852  1.00 1.55  ? 112 PRO A HD2  1 
ATOM 1782 H HD3  . PRO A 1 112 ? 10.426  12.029  -5.105  1.00 1.51  ? 112 PRO A HD3  1 
ATOM 1783 N N    . LEU A 1 113 ? 5.441   11.570  -7.384  1.00 1.69  ? 113 LEU A N    1 
ATOM 1784 C CA   . LEU A 1 113 ? 4.573   11.112  -8.499  1.00 1.87  ? 113 LEU A CA   1 
ATOM 1785 C C    . LEU A 1 113 ? 4.466   12.232  -9.526  1.00 2.24  ? 113 LEU A C    1 
ATOM 1786 O O    . LEU A 1 113 ? 4.303   13.387  -9.188  1.00 2.38  ? 113 LEU A O    1 
ATOM 1787 C CB   . LEU A 1 113 ? 3.177   10.775  -7.968  1.00 1.96  ? 113 LEU A CB   1 
ATOM 1788 C CG   . LEU A 1 113 ? 3.283   9.711   -6.871  1.00 2.10  ? 113 LEU A CG   1 
ATOM 1789 C CD1  . LEU A 1 113 ? 1.889   9.396   -6.321  1.00 2.66  ? 113 LEU A CD1  1 
ATOM 1790 C CD2  . LEU A 1 113 ? 3.896   8.431   -7.449  1.00 2.17  ? 113 LEU A CD2  1 
ATOM 1791 H H    . LEU A 1 113 ? 5.056   11.757  -6.502  1.00 1.73  ? 113 LEU A H    1 
ATOM 1792 H HA   . LEU A 1 113 ? 5.008   10.239  -8.962  1.00 1.93  ? 113 LEU A HA   1 
ATOM 1793 H HB2  . LEU A 1 113 ? 2.727   11.669  -7.560  1.00 1.99  ? 113 LEU A HB2  1 
ATOM 1794 H HB3  . LEU A 1 113 ? 2.564   10.401  -8.774  1.00 2.23  ? 113 LEU A HB3  1 
ATOM 1795 H HG   . LEU A 1 113 ? 3.910   10.083  -6.076  1.00 2.59  ? 113 LEU A HG   1 
ATOM 1796 H HD11 . LEU A 1 113 ? 1.274   10.281  -6.360  1.00 3.01  ? 113 LEU A HD11 1 
ATOM 1797 H HD12 . LEU A 1 113 ? 1.974   9.062   -5.297  1.00 3.08  ? 113 LEU A HD12 1 
ATOM 1798 H HD13 . LEU A 1 113 ? 1.436   8.616   -6.916  1.00 3.04  ? 113 LEU A HD13 1 
ATOM 1799 H HD21 . LEU A 1 113 ? 3.554   7.580   -6.878  1.00 2.39  ? 113 LEU A HD21 1 
ATOM 1800 H HD22 . LEU A 1 113 ? 4.972   8.491   -7.396  1.00 2.56  ? 113 LEU A HD22 1 
ATOM 1801 H HD23 . LEU A 1 113 ? 3.592   8.317   -8.479  1.00 2.60  ? 113 LEU A HD23 1 
ATOM 1802 N N    . LEU A 1 114 ? 4.549   11.900  -10.781 1.00 2.64  ? 114 LEU A N    1 
ATOM 1803 C CA   . LEU A 1 114 ? 4.444   12.950  -11.825 1.00 3.09  ? 114 LEU A CA   1 
ATOM 1804 C C    . LEU A 1 114 ? 2.982   13.363  -11.937 1.00 3.14  ? 114 LEU A C    1 
ATOM 1805 O O    . LEU A 1 114 ? 2.089   12.558  -11.756 1.00 3.12  ? 114 LEU A O    1 
ATOM 1806 C CB   . LEU A 1 114 ? 4.929   12.399  -13.167 1.00 3.70  ? 114 LEU A CB   1 
ATOM 1807 C CG   . LEU A 1 114 ? 4.217   11.079  -13.466 1.00 3.87  ? 114 LEU A CG   1 
ATOM 1808 C CD1  . LEU A 1 114 ? 3.541   11.163  -14.836 1.00 4.61  ? 114 LEU A CD1  1 
ATOM 1809 C CD2  . LEU A 1 114 ? 5.238   9.940   -13.471 1.00 4.02  ? 114 LEU A CD2  1 
ATOM 1810 H H    . LEU A 1 114 ? 4.676   10.962  -11.032 1.00 2.77  ? 114 LEU A H    1 
ATOM 1811 H HA   . LEU A 1 114 ? 5.043   13.805  -11.544 1.00 3.17  ? 114 LEU A HA   1 
ATOM 1812 H HB2  . LEU A 1 114 ? 4.711   13.112  -13.949 1.00 4.01  ? 114 LEU A HB2  1 
ATOM 1813 H HB3  . LEU A 1 114 ? 5.994   12.229  -13.123 1.00 3.90  ? 114 LEU A HB3  1 
ATOM 1814 H HG   . LEU A 1 114 ? 3.471   10.893  -12.708 1.00 3.58  ? 114 LEU A HG   1 
ATOM 1815 H HD11 . LEU A 1 114 ? 4.288   11.348  -15.594 1.00 4.87  ? 114 LEU A HD11 1 
ATOM 1816 H HD12 . LEU A 1 114 ? 2.823   11.969  -14.834 1.00 4.92  ? 114 LEU A HD12 1 
ATOM 1817 H HD13 . LEU A 1 114 ? 3.037   10.232  -15.047 1.00 4.89  ? 114 LEU A HD13 1 
ATOM 1818 H HD21 . LEU A 1 114 ? 5.932   10.082  -14.288 1.00 4.35  ? 114 LEU A HD21 1 
ATOM 1819 H HD22 . LEU A 1 114 ? 4.727   8.997   -13.594 1.00 4.10  ? 114 LEU A HD22 1 
ATOM 1820 H HD23 . LEU A 1 114 ? 5.780   9.937   -12.537 1.00 4.17  ? 114 LEU A HD23 1 
ATOM 1821 N N    . LYS A 1 115 ? 2.716   14.604  -12.218 1.00 3.44  ? 115 LYS A N    1 
ATOM 1822 C CA   . LYS A 1 115 ? 1.299   15.031  -12.318 1.00 3.71  ? 115 LYS A CA   1 
ATOM 1823 C C    . LYS A 1 115 ? 0.712   14.499  -13.622 1.00 4.10  ? 115 LYS A C    1 
ATOM 1824 O O    . LYS A 1 115 ? 1.084   14.916  -14.702 1.00 4.46  ? 115 LYS A O    1 
ATOM 1825 C CB   . LYS A 1 115 ? 1.217   16.560  -12.283 1.00 4.10  ? 115 LYS A CB   1 
ATOM 1826 C CG   . LYS A 1 115 ? 1.929   17.071  -11.026 1.00 4.38  ? 115 LYS A CG   1 
ATOM 1827 C CD   . LYS A 1 115 ? 1.055   18.108  -10.310 1.00 4.81  ? 115 LYS A CD   1 
ATOM 1828 C CE   . LYS A 1 115 ? 0.835   19.325  -11.211 1.00 5.64  ? 115 LYS A CE   1 
ATOM 1829 N NZ   . LYS A 1 115 ? 1.116   20.567  -10.435 1.00 5.97  ? 115 LYS A NZ   1 
ATOM 1830 H H    . LYS A 1 115 ? 3.441   15.250  -12.353 1.00 3.61  ? 115 LYS A H    1 
ATOM 1831 H HA   . LYS A 1 115 ? 0.745   14.623  -11.484 1.00 3.55  ? 115 LYS A HA   1 
ATOM 1832 H HB2  . LYS A 1 115 ? 1.698   16.965  -13.163 1.00 4.30  ? 115 LYS A HB2  1 
ATOM 1833 H HB3  . LYS A 1 115 ? 0.184   16.867  -12.263 1.00 4.44  ? 115 LYS A HB3  1 
ATOM 1834 H HG2  . LYS A 1 115 ? 2.120   16.242  -10.362 1.00 4.49  ? 115 LYS A HG2  1 
ATOM 1835 H HG3  . LYS A 1 115 ? 2.867   17.529  -11.307 1.00 4.68  ? 115 LYS A HG3  1 
ATOM 1836 H HD2  . LYS A 1 115 ? 0.101   17.664  -10.063 1.00 4.84  ? 115 LYS A HD2  1 
ATOM 1837 H HD3  . LYS A 1 115 ? 1.548   18.421  -9.401  1.00 4.90  ? 115 LYS A HD3  1 
ATOM 1838 H HE2  . LYS A 1 115 ? 1.499   19.273  -12.061 1.00 6.01  ? 115 LYS A HE2  1 
ATOM 1839 H HE3  . LYS A 1 115 ? -0.189  19.339  -11.552 1.00 5.99  ? 115 LYS A HE3  1 
ATOM 1840 H HZ1  . LYS A 1 115 ? 0.380   21.274  -10.634 1.00 6.26  ? 115 LYS A HZ1  1 
ATOM 1841 H HZ2  . LYS A 1 115 ? 2.045   20.945  -10.711 1.00 6.11  ? 115 LYS A HZ2  1 
ATOM 1842 H HZ3  . LYS A 1 115 ? 1.118   20.348  -9.418  1.00 6.15  ? 115 LYS A HZ3  1 
ATOM 1843 N N    . LEU A 1 116 ? -0.205  13.574  -13.527 1.00 4.23  ? 116 LEU A N    1 
ATOM 1844 C CA   . LEU A 1 116 ? -0.822  13.004  -14.754 1.00 4.80  ? 116 LEU A CA   1 
ATOM 1845 C C    . LEU A 1 116 ? -1.919  13.948  -15.227 1.00 5.29  ? 116 LEU A C    1 
ATOM 1846 O O    . LEU A 1 116 ? -2.440  13.825  -16.318 1.00 5.80  ? 116 LEU A O    1 
ATOM 1847 C CB   . LEU A 1 116 ? -1.426  11.637  -14.431 1.00 4.97  ? 116 LEU A CB   1 
ATOM 1848 C CG   . LEU A 1 116 ? -2.476  11.795  -13.329 1.00 5.54  ? 116 LEU A CG   1 
ATOM 1849 C CD1  . LEU A 1 116 ? -3.873  11.625  -13.926 1.00 6.14  ? 116 LEU A CD1  1 
ATOM 1850 C CD2  . LEU A 1 116 ? -2.249  10.731  -12.252 1.00 5.79  ? 116 LEU A CD2  1 
ATOM 1851 H H    . LEU A 1 116 ? -0.486  13.254  -12.644 1.00 4.05  ? 116 LEU A H    1 
ATOM 1852 H HA   . LEU A 1 116 ? -0.075  12.902  -15.524 1.00 4.92  ? 116 LEU A HA   1 
ATOM 1853 H HB2  . LEU A 1 116 ? -1.890  11.229  -15.317 1.00 5.18  ? 116 LEU A HB2  1 
ATOM 1854 H HB3  . LEU A 1 116 ? -0.648  10.970  -14.090 1.00 4.86  ? 116 LEU A HB3  1 
ATOM 1855 H HG   . LEU A 1 116 ? -2.391  12.779  -12.890 1.00 5.72  ? 116 LEU A HG   1 
ATOM 1856 H HD11 . LEU A 1 116 ? -4.010  10.599  -14.234 1.00 6.33  ? 116 LEU A HD11 1 
ATOM 1857 H HD12 . LEU A 1 116 ? -3.981  12.276  -14.782 1.00 6.27  ? 116 LEU A HD12 1 
ATOM 1858 H HD13 . LEU A 1 116 ? -4.616  11.880  -13.185 1.00 6.58  ? 116 LEU A HD13 1 
ATOM 1859 H HD21 . LEU A 1 116 ? -3.099  10.708  -11.586 1.00 6.02  ? 116 LEU A HD21 1 
ATOM 1860 H HD22 . LEU A 1 116 ? -1.358  10.972  -11.690 1.00 5.86  ? 116 LEU A HD22 1 
ATOM 1861 H HD23 . LEU A 1 116 ? -2.131  9.765   -12.719 1.00 6.04  ? 116 LEU A HD23 1 
ATOM 1862 N N    . GLU A 1 117 ? -2.252  14.905  -14.415 1.00 5.26  ? 117 GLU A N    1 
ATOM 1863 C CA   . GLU A 1 117 ? -3.291  15.888  -14.800 1.00 5.86  ? 117 GLU A CA   1 
ATOM 1864 C C    . GLU A 1 117 ? -2.651  16.884  -15.761 1.00 6.14  ? 117 GLU A C    1 
ATOM 1865 O O    . GLU A 1 117 ? -1.510  16.729  -16.149 1.00 5.96  ? 117 GLU A O    1 
ATOM 1866 C CB   . GLU A 1 117 ? -3.759  16.637  -13.553 1.00 5.99  ? 117 GLU A CB   1 
ATOM 1867 C CG   . GLU A 1 117 ? -4.123  15.637  -12.454 1.00 6.26  ? 117 GLU A CG   1 
ATOM 1868 C CD   . GLU A 1 117 ? -4.624  16.397  -11.223 1.00 6.53  ? 117 GLU A CD   1 
ATOM 1869 O OE1  . GLU A 1 117 ? -4.571  17.617  -11.242 1.00 6.62  ? 117 GLU A OE1  1 
ATOM 1870 O OE2  . GLU A 1 117 ? -5.045  15.747  -10.282 1.00 6.92  ? 117 GLU A OE2  1 
ATOM 1871 H H    . GLU A 1 117 ? -1.801  14.987  -13.549 1.00 4.94  ? 117 GLU A H    1 
ATOM 1872 H HA   . GLU A 1 117 ? -4.124  15.391  -15.274 1.00 6.16  ? 117 GLU A HA   1 
ATOM 1873 H HB2  . GLU A 1 117 ? -2.965  17.281  -13.204 1.00 5.93  ? 117 GLU A HB2  1 
ATOM 1874 H HB3  . GLU A 1 117 ? -4.625  17.233  -13.796 1.00 6.26  ? 117 GLU A HB3  1 
ATOM 1875 H HG2  . GLU A 1 117 ? -4.899  14.976  -12.811 1.00 6.44  ? 117 GLU A HG2  1 
ATOM 1876 H HG3  . GLU A 1 117 ? -3.250  15.061  -12.188 1.00 6.47  ? 117 GLU A HG3  1 
ATOM 1877 N N    . HIS A 1 118 ? -3.343  17.922  -16.121 1.00 6.70  ? 118 HIS A N    1 
ATOM 1878 C CA   . HIS A 1 118 ? -2.715  18.920  -17.020 1.00 7.09  ? 118 HIS A CA   1 
ATOM 1879 C C    . HIS A 1 118 ? -1.867  19.833  -16.140 1.00 7.31  ? 118 HIS A C    1 
ATOM 1880 O O    . HIS A 1 118 ? -2.381  20.606  -15.354 1.00 7.69  ? 118 HIS A O    1 
ATOM 1881 C CB   . HIS A 1 118 ? -3.797  19.729  -17.739 1.00 7.69  ? 118 HIS A CB   1 
ATOM 1882 C CG   . HIS A 1 118 ? -4.257  18.975  -18.957 1.00 7.76  ? 118 HIS A CG   1 
ATOM 1883 N ND1  . HIS A 1 118 ? -4.094  17.603  -19.081 1.00 7.88  ? 118 HIS A ND1  1 
ATOM 1884 C CD2  . HIS A 1 118 ? -4.876  19.384  -20.113 1.00 8.05  ? 118 HIS A CD2  1 
ATOM 1885 C CE1  . HIS A 1 118 ? -4.604  17.240  -20.273 1.00 8.23  ? 118 HIS A CE1  1 
ATOM 1886 N NE2  . HIS A 1 118 ? -5.094  18.288  -20.941 1.00 8.34  ? 118 HIS A NE2  1 
ATOM 1887 H H    . HIS A 1 118 ? -4.252  18.057  -15.784 1.00 6.94  ? 118 HIS A H    1 
ATOM 1888 H HA   . HIS A 1 118 ? -2.085  18.418  -17.742 1.00 6.96  ? 118 HIS A HA   1 
ATOM 1889 H HB2  . HIS A 1 118 ? -4.634  19.885  -17.074 1.00 7.79  ? 118 HIS A HB2  1 
ATOM 1890 H HB3  . HIS A 1 118 ? -3.392  20.684  -18.040 1.00 8.19  ? 118 HIS A HB3  1 
ATOM 1891 H HD1  . HIS A 1 118 ? -3.682  17.006  -18.422 1.00 7.91  ? 118 HIS A HD1  1 
ATOM 1892 H HD2  . HIS A 1 118 ? -5.151  20.402  -20.343 1.00 8.25  ? 118 HIS A HD2  1 
ATOM 1893 H HE1  . HIS A 1 118 ? -4.616  16.225  -20.643 1.00 8.60  ? 118 HIS A HE1  1 
ATOM 1894 N N    . HIS A 1 119 ? -0.572  19.720  -16.229 1.00 7.28  ? 119 HIS A N    1 
ATOM 1895 C CA   . HIS A 1 119 ? 0.304   20.552  -15.359 1.00 7.69  ? 119 HIS A CA   1 
ATOM 1896 C C    . HIS A 1 119 ? 0.434   21.956  -15.939 1.00 8.11  ? 119 HIS A C    1 
ATOM 1897 O O    . HIS A 1 119 ? -0.253  22.869  -15.528 1.00 8.49  ? 119 HIS A O    1 
ATOM 1898 C CB   . HIS A 1 119 ? 1.686   19.895  -15.280 1.00 7.73  ? 119 HIS A CB   1 
ATOM 1899 C CG   . HIS A 1 119 ? 2.627   20.780  -14.511 1.00 7.69  ? 119 HIS A CG   1 
ATOM 1900 N ND1  . HIS A 1 119 ? 2.184   21.849  -13.751 1.00 8.08  ? 119 HIS A ND1  1 
ATOM 1901 C CD2  . HIS A 1 119 ? 3.992   20.761  -14.373 1.00 7.66  ? 119 HIS A CD2  1 
ATOM 1902 C CE1  . HIS A 1 119 ? 3.265   22.426  -13.194 1.00 8.28  ? 119 HIS A CE1  1 
ATOM 1903 N NE2  . HIS A 1 119 ? 4.394   21.801  -13.540 1.00 8.05  ? 119 HIS A NE2  1 
ATOM 1904 H H    . HIS A 1 119 ? -0.176  19.069  -16.845 1.00 7.11  ? 119 HIS A H    1 
ATOM 1905 H HA   . HIS A 1 119 ? -0.122  20.609  -14.368 1.00 7.85  ? 119 HIS A HA   1 
ATOM 1906 H HB2  . HIS A 1 119 ? 1.602   18.941  -14.781 1.00 8.10  ? 119 HIS A HB2  1 
ATOM 1907 H HB3  . HIS A 1 119 ? 2.069   19.745  -16.278 1.00 7.71  ? 119 HIS A HB3  1 
ATOM 1908 H HD1  . HIS A 1 119 ? 1.253   22.136  -13.640 1.00 8.37  ? 119 HIS A HD1  1 
ATOM 1909 H HD2  . HIS A 1 119 ? 4.655   20.045  -14.837 1.00 7.61  ? 119 HIS A HD2  1 
ATOM 1910 H HE1  . HIS A 1 119 ? 3.226   23.287  -12.545 1.00 8.78  ? 119 HIS A HE1  1 
ATOM 1911 N N    . HIS A 1 120 ? 1.302   22.145  -16.891 1.00 8.18  ? 120 HIS A N    1 
ATOM 1912 C CA   . HIS A 1 120 ? 1.458   23.501  -17.488 1.00 8.68  ? 120 HIS A CA   1 
ATOM 1913 C C    . HIS A 1 120 ? 2.455   23.443  -18.642 1.00 8.51  ? 120 HIS A C    1 
ATOM 1914 O O    . HIS A 1 120 ? 3.232   22.516  -18.763 1.00 8.64  ? 120 HIS A O    1 
ATOM 1915 C CB   . HIS A 1 120 ? 1.965   24.495  -16.434 1.00 9.22  ? 120 HIS A CB   1 
ATOM 1916 C CG   . HIS A 1 120 ? 1.201   25.786  -16.552 1.00 9.49  ? 120 HIS A CG   1 
ATOM 1917 N ND1  . HIS A 1 120 ? -0.178  25.822  -16.695 1.00 9.78  ? 120 HIS A ND1  1 
ATOM 1918 C CD2  . HIS A 1 120 ? 1.610   27.096  -16.551 1.00 9.80  ? 120 HIS A CD2  1 
ATOM 1919 C CE1  . HIS A 1 120 ? -0.544  27.114  -16.774 1.00 10.23 ? 120 HIS A CE1  1 
ATOM 1920 N NE2  . HIS A 1 120 ? 0.508   27.933  -16.691 1.00 10.27 ? 120 HIS A NE2  1 
ATOM 1921 H H    . HIS A 1 120 ? 1.848   21.398  -17.216 1.00 8.00  ? 120 HIS A H    1 
ATOM 1922 H HA   . HIS A 1 120 ? 0.502   23.834  -17.864 1.00 9.01  ? 120 HIS A HA   1 
ATOM 1923 H HB2  . HIS A 1 120 ? 1.827   24.086  -15.445 1.00 9.40  ? 120 HIS A HB2  1 
ATOM 1924 H HB3  . HIS A 1 120 ? 3.015   24.686  -16.599 1.00 9.48  ? 120 HIS A HB3  1 
ATOM 1925 H HD1  . HIS A 1 120 ? -0.777  25.047  -16.734 1.00 9.82  ? 120 HIS A HD1  1 
ATOM 1926 H HD2  . HIS A 1 120 ? 2.634   27.429  -16.454 1.00 9.88  ? 120 HIS A HD2  1 
ATOM 1927 H HE1  . HIS A 1 120 ? -1.565  27.449  -16.892 1.00 10.68 ? 120 HIS A HE1  1 
ATOM 1928 N N    . HIS A 1 121 ? 2.436   24.431  -19.487 1.00 8.49  ? 121 HIS A N    1 
ATOM 1929 C CA   . HIS A 1 121 ? 3.375   24.455  -20.639 1.00 8.60  ? 121 HIS A CA   1 
ATOM 1930 C C    . HIS A 1 121 ? 3.171   25.777  -21.395 1.00 8.69  ? 121 HIS A C    1 
ATOM 1931 O O    . HIS A 1 121 ? 3.188   25.843  -22.606 1.00 8.64  ? 121 HIS A O    1 
ATOM 1932 C CB   . HIS A 1 121 ? 3.098   23.237  -21.537 1.00 8.83  ? 121 HIS A CB   1 
ATOM 1933 C CG   . HIS A 1 121 ? 4.314   22.352  -21.559 1.00 9.15  ? 121 HIS A CG   1 
ATOM 1934 N ND1  . HIS A 1 121 ? 4.706   21.606  -20.459 1.00 9.43  ? 121 HIS A ND1  1 
ATOM 1935 C CD2  . HIS A 1 121 ? 5.237   22.083  -22.541 1.00 9.54  ? 121 HIS A CD2  1 
ATOM 1936 C CE1  . HIS A 1 121 ? 5.819   20.931  -20.801 1.00 9.94  ? 121 HIS A CE1  1 
ATOM 1937 N NE2  . HIS A 1 121 ? 6.186   21.186  -22.059 1.00 10.04 ? 121 HIS A NE2  1 
ATOM 1938 H H    . HIS A 1 121 ? 1.799   25.165  -19.364 1.00 8.59  ? 121 HIS A H    1 
ATOM 1939 H HA   . HIS A 1 121 ? 4.390   24.409  -20.271 1.00 8.76  ? 121 HIS A HA   1 
ATOM 1940 H HB2  . HIS A 1 121 ? 2.262   22.683  -21.138 1.00 8.84  ? 121 HIS A HB2  1 
ATOM 1941 H HB3  . HIS A 1 121 ? 2.867   23.553  -22.541 1.00 9.04  ? 121 HIS A HB3  1 
ATOM 1942 H HD1  . HIS A 1 121 ? 4.255   21.576  -19.589 1.00 9.43  ? 121 HIS A HD1  1 
ATOM 1943 H HD2  . HIS A 1 121 ? 5.227   22.504  -23.535 1.00 9.65  ? 121 HIS A HD2  1 
ATOM 1944 H HE1  . HIS A 1 121 ? 6.350   20.266  -20.137 1.00 10.40 ? 121 HIS A HE1  1 
ATOM 1945 N N    . HIS A 1 122 ? 2.980   26.844  -20.662 1.00 9.08  ? 122 HIS A N    1 
ATOM 1946 C CA   . HIS A 1 122 ? 2.767   28.180  -21.293 1.00 9.45  ? 122 HIS A CA   1 
ATOM 1947 C C    . HIS A 1 122 ? 1.416   28.192  -22.015 1.00 9.67  ? 122 HIS A C    1 
ATOM 1948 O O    . HIS A 1 122 ? 1.047   29.159  -22.651 1.00 9.83  ? 122 HIS A O    1 
ATOM 1949 C CB   . HIS A 1 122 ? 3.900   28.489  -22.285 1.00 9.99  ? 122 HIS A CB   1 
ATOM 1950 C CG   . HIS A 1 122 ? 3.363   28.515  -23.691 1.00 10.38 ? 122 HIS A CG   1 
ATOM 1951 N ND1  . HIS A 1 122 ? 3.270   27.373  -24.472 1.00 10.56 ? 122 HIS A ND1  1 
ATOM 1952 C CD2  . HIS A 1 122 ? 2.892   29.541  -24.473 1.00 10.89 ? 122 HIS A CD2  1 
ATOM 1953 C CE1  . HIS A 1 122 ? 2.762   27.736  -25.664 1.00 11.14 ? 122 HIS A CE1  1 
ATOM 1954 N NE2  . HIS A 1 122 ? 2.514   29.047  -25.718 1.00 11.35 ? 122 HIS A NE2  1 
ATOM 1955 H H    . HIS A 1 122 ? 2.973   26.764  -19.684 1.00 9.28  ? 122 HIS A H    1 
ATOM 1956 H HA   . HIS A 1 122 ? 2.758   28.936  -20.520 1.00 9.45  ? 122 HIS A HA   1 
ATOM 1957 H HB2  . HIS A 1 122 ? 4.324   29.454  -22.050 1.00 9.97  ? 122 HIS A HB2  1 
ATOM 1958 H HB3  . HIS A 1 122 ? 4.669   27.736  -22.208 1.00 10.36 ? 122 HIS A HB3  1 
ATOM 1959 H HD1  . HIS A 1 122 ? 3.529   26.467  -24.204 1.00 10.45 ? 122 HIS A HD1  1 
ATOM 1960 H HD2  . HIS A 1 122 ? 2.825   30.574  -24.168 1.00 11.07 ? 122 HIS A HD2  1 
ATOM 1961 H HE1  . HIS A 1 122 ? 2.579   27.051  -26.477 1.00 11.54 ? 122 HIS A HE1  1 
ATOM 1962 N N    . HIS A 1 123 ? 0.665   27.130  -21.905 1.00 9.93  ? 123 HIS A N    1 
ATOM 1963 C CA   . HIS A 1 123 ? -0.667  27.087  -22.572 1.00 10.44 ? 123 HIS A CA   1 
ATOM 1964 C C    . HIS A 1 123 ? -1.671  27.903  -21.756 1.00 10.66 ? 123 HIS A C    1 
ATOM 1965 O O    . HIS A 1 123 ? -1.293  28.390  -20.703 1.00 10.80 ? 123 HIS A O    1 
ATOM 1966 C CB   . HIS A 1 123 ? -1.149  25.636  -22.666 1.00 10.96 ? 123 HIS A CB   1 
ATOM 1967 C CG   . HIS A 1 123 ? -0.597  25.004  -23.913 1.00 11.57 ? 123 HIS A CG   1 
ATOM 1968 N ND1  . HIS A 1 123 ? -0.903  25.480  -25.178 1.00 11.93 ? 123 HIS A ND1  1 
ATOM 1969 C CD2  . HIS A 1 123 ? 0.239   23.933  -24.107 1.00 12.09 ? 123 HIS A CD2  1 
ATOM 1970 C CE1  . HIS A 1 123 ? -0.261  24.703  -26.070 1.00 12.62 ? 123 HIS A CE1  1 
ATOM 1971 N NE2  . HIS A 1 123 ? 0.450   23.745  -25.470 1.00 12.74 ? 123 HIS A NE2  1 
ATOM 1972 O OXT  . HIS A 1 123 ? -2.802  28.028  -22.198 1.00 10.89 ? 123 HIS A OXT  1 
ATOM 1973 H H    . HIS A 1 123 ? 0.973   26.364  -21.376 1.00 9.96  ? 123 HIS A H    1 
ATOM 1974 H HA   . HIS A 1 123 ? -0.586  27.503  -23.564 1.00 10.55 ? 123 HIS A HA   1 
ATOM 1975 H HB2  . HIS A 1 123 ? -0.805  25.087  -21.801 1.00 10.98 ? 123 HIS A HB2  1 
ATOM 1976 H HB3  . HIS A 1 123 ? -2.228  25.618  -22.699 1.00 11.10 ? 123 HIS A HB3  1 
ATOM 1977 H HD1  . HIS A 1 123 ? -1.482  26.243  -25.387 1.00 11.84 ? 123 HIS A HD1  1 
ATOM 1978 H HD2  . HIS A 1 123 ? 0.666   23.328  -23.322 1.00 12.15 ? 123 HIS A HD2  1 
ATOM 1979 H HE1  . HIS A 1 123 ? -0.313  24.839  -27.140 1.00 13.14 ? 123 HIS A HE1  1 
# 
